data_2A1V
# 
_entry.id   2A1V 
# 
_audit_conform.dict_name       mmcif_pdbx.dic 
_audit_conform.dict_version    5.387 
_audit_conform.dict_location   http://mmcif.pdb.org/dictionaries/ascii/mmcif_pdbx.dic 
# 
loop_
_database_2.database_id 
_database_2.database_code 
_database_2.pdbx_database_accession 
_database_2.pdbx_DOI 
PDB   2A1V         pdb_00002a1v 10.2210/pdb2a1v/pdb 
RCSB  RCSB033387   ?            ?                   
WWPDB D_1000033387 ?            ?                   
# 
loop_
_pdbx_audit_revision_history.ordinal 
_pdbx_audit_revision_history.data_content_type 
_pdbx_audit_revision_history.major_revision 
_pdbx_audit_revision_history.minor_revision 
_pdbx_audit_revision_history.revision_date 
1 'Structure model' 1 0 2005-07-26 
2 'Structure model' 1 1 2008-04-30 
3 'Structure model' 1 2 2011-07-13 
4 'Structure model' 1 3 2017-10-11 
5 'Structure model' 1 4 2021-02-03 
6 'Structure model' 1 5 2024-02-14 
# 
_pdbx_audit_revision_details.ordinal             1 
_pdbx_audit_revision_details.revision_ordinal    1 
_pdbx_audit_revision_details.data_content_type   'Structure model' 
_pdbx_audit_revision_details.provider            repository 
_pdbx_audit_revision_details.type                'Initial release' 
_pdbx_audit_revision_details.description         ? 
_pdbx_audit_revision_details.details             ? 
# 
loop_
_pdbx_audit_revision_group.ordinal 
_pdbx_audit_revision_group.revision_ordinal 
_pdbx_audit_revision_group.data_content_type 
_pdbx_audit_revision_group.group 
1 2 'Structure model' 'Version format compliance' 
2 3 'Structure model' 'Version format compliance' 
3 4 'Structure model' 'Refinement description'    
4 5 'Structure model' 'Database references'       
5 5 'Structure model' 'Structure summary'         
6 6 'Structure model' 'Data collection'           
7 6 'Structure model' 'Database references'       
# 
loop_
_pdbx_audit_revision_category.ordinal 
_pdbx_audit_revision_category.revision_ordinal 
_pdbx_audit_revision_category.data_content_type 
_pdbx_audit_revision_category.category 
1 4 'Structure model' software           
2 5 'Structure model' audit_author       
3 5 'Structure model' struct_ref_seq_dif 
4 6 'Structure model' chem_comp_atom     
5 6 'Structure model' chem_comp_bond     
6 6 'Structure model' database_2         
# 
loop_
_pdbx_audit_revision_item.ordinal 
_pdbx_audit_revision_item.revision_ordinal 
_pdbx_audit_revision_item.data_content_type 
_pdbx_audit_revision_item.item 
1 4 'Structure model' '_software.classification'            
2 4 'Structure model' '_software.name'                      
3 5 'Structure model' '_audit_author.identifier_ORCID'      
4 5 'Structure model' '_struct_ref_seq_dif.details'         
5 6 'Structure model' '_database_2.pdbx_DOI'                
6 6 'Structure model' '_database_2.pdbx_database_accession' 
# 
_pdbx_database_status.status_code                     REL 
_pdbx_database_status.entry_id                        2A1V 
_pdbx_database_status.recvd_initial_deposition_date   2005-06-21 
_pdbx_database_status.deposit_site                    RCSB 
_pdbx_database_status.process_site                    RCSB 
_pdbx_database_status.status_code_sf                  REL 
_pdbx_database_status.status_code_mr                  ? 
_pdbx_database_status.SG_entry                        Y 
_pdbx_database_status.pdb_format_compatible           Y 
_pdbx_database_status.status_code_cs                  ? 
_pdbx_database_status.methods_development_category    ? 
_pdbx_database_status.status_code_nmr_data            ? 
# 
_pdbx_database_related.db_name        TargetDB 
_pdbx_database_related.db_id          NYSGXRC-T1777 
_pdbx_database_related.details        . 
_pdbx_database_related.content_type   unspecified 
# 
loop_
_audit_author.name 
_audit_author.pdbx_ordinal 
_audit_author.identifier_ORCID 
'Ramagopal, U.A.'                                                1 ?                   
'Patskovsky, Y.V.'                                               2 ?                   
'Almo, S.C.'                                                     3 ?                   
'Burley, S.K.'                                                   4 0000-0002-2487-9713 
'New York SGX Research Center for Structural Genomics (NYSGXRC)' 5 ?                   
# 
_citation.id                        primary 
_citation.title                     'Hypothetical protein from  Deinococcus radiodurans' 
_citation.journal_abbrev            'To be Published' 
_citation.journal_volume            ? 
_citation.page_first                ? 
_citation.page_last                 ? 
_citation.year                      ? 
_citation.journal_id_ASTM           ? 
_citation.country                   ? 
_citation.journal_id_ISSN           ? 
_citation.journal_id_CSD            0353 
_citation.book_publisher            ? 
_citation.pdbx_database_id_PubMed   ? 
_citation.pdbx_database_id_DOI      ? 
# 
loop_
_citation_author.citation_id 
_citation_author.name 
_citation_author.ordinal 
_citation_author.identifier_ORCID 
primary 'Ramagopal, U.A.'  1 ? 
primary 'Patskovsky, Y.V.' 2 ? 
primary 'Almo, S.C.'       3 ? 
# 
loop_
_entity.id 
_entity.type 
_entity.src_method 
_entity.pdbx_description 
_entity.formula_weight 
_entity.pdbx_number_of_molecules 
_entity.pdbx_ec 
_entity.pdbx_mutation 
_entity.pdbx_fragment 
_entity.details 
1 polymer man 'conserved hypothetical protein' 16303.494 1   ? ? ? ? 
2 water   nat water                            18.015    111 ? ? ? ? 
# 
_entity_poly.entity_id                      1 
_entity_poly.type                           'polypeptide(L)' 
_entity_poly.nstd_linkage                   no 
_entity_poly.nstd_monomer                   no 
_entity_poly.pdbx_seq_one_letter_code       
;MSLQTPMQTVDDLRSVCDELPHSLETFPFDDETLVFKVGYLSKSRMYALTDITQDPLRLSLKVDPERGEELRQAHPQSIA
PGYHLNKKHWVTVTLDGTVPAELLGELLRGSYLLVTKKGFTKAERKELGLPDSLEGGSHHHHHH
;
_entity_poly.pdbx_seq_one_letter_code_can   
;MSLQTPMQTVDDLRSVCDELPHSLETFPFDDETLVFKVGYLSKSRMYALTDITQDPLRLSLKVDPERGEELRQAHPQSIA
PGYHLNKKHWVTVTLDGTVPAELLGELLRGSYLLVTKKGFTKAERKELGLPDSLEGGSHHHHHH
;
_entity_poly.pdbx_strand_id                 A 
_entity_poly.pdbx_target_identifier         NYSGXRC-T1777 
# 
_pdbx_entity_nonpoly.entity_id   2 
_pdbx_entity_nonpoly.name        water 
_pdbx_entity_nonpoly.comp_id     HOH 
# 
loop_
_entity_poly_seq.entity_id 
_entity_poly_seq.num 
_entity_poly_seq.mon_id 
_entity_poly_seq.hetero 
1 1   MET n 
1 2   SER n 
1 3   LEU n 
1 4   GLN n 
1 5   THR n 
1 6   PRO n 
1 7   MET n 
1 8   GLN n 
1 9   THR n 
1 10  VAL n 
1 11  ASP n 
1 12  ASP n 
1 13  LEU n 
1 14  ARG n 
1 15  SER n 
1 16  VAL n 
1 17  CYS n 
1 18  ASP n 
1 19  GLU n 
1 20  LEU n 
1 21  PRO n 
1 22  HIS n 
1 23  SER n 
1 24  LEU n 
1 25  GLU n 
1 26  THR n 
1 27  PHE n 
1 28  PRO n 
1 29  PHE n 
1 30  ASP n 
1 31  ASP n 
1 32  GLU n 
1 33  THR n 
1 34  LEU n 
1 35  VAL n 
1 36  PHE n 
1 37  LYS n 
1 38  VAL n 
1 39  GLY n 
1 40  TYR n 
1 41  LEU n 
1 42  SER n 
1 43  LYS n 
1 44  SER n 
1 45  ARG n 
1 46  MET n 
1 47  TYR n 
1 48  ALA n 
1 49  LEU n 
1 50  THR n 
1 51  ASP n 
1 52  ILE n 
1 53  THR n 
1 54  GLN n 
1 55  ASP n 
1 56  PRO n 
1 57  LEU n 
1 58  ARG n 
1 59  LEU n 
1 60  SER n 
1 61  LEU n 
1 62  LYS n 
1 63  VAL n 
1 64  ASP n 
1 65  PRO n 
1 66  GLU n 
1 67  ARG n 
1 68  GLY n 
1 69  GLU n 
1 70  GLU n 
1 71  LEU n 
1 72  ARG n 
1 73  GLN n 
1 74  ALA n 
1 75  HIS n 
1 76  PRO n 
1 77  GLN n 
1 78  SER n 
1 79  ILE n 
1 80  ALA n 
1 81  PRO n 
1 82  GLY n 
1 83  TYR n 
1 84  HIS n 
1 85  LEU n 
1 86  ASN n 
1 87  LYS n 
1 88  LYS n 
1 89  HIS n 
1 90  TRP n 
1 91  VAL n 
1 92  THR n 
1 93  VAL n 
1 94  THR n 
1 95  LEU n 
1 96  ASP n 
1 97  GLY n 
1 98  THR n 
1 99  VAL n 
1 100 PRO n 
1 101 ALA n 
1 102 GLU n 
1 103 LEU n 
1 104 LEU n 
1 105 GLY n 
1 106 GLU n 
1 107 LEU n 
1 108 LEU n 
1 109 ARG n 
1 110 GLY n 
1 111 SER n 
1 112 TYR n 
1 113 LEU n 
1 114 LEU n 
1 115 VAL n 
1 116 THR n 
1 117 LYS n 
1 118 LYS n 
1 119 GLY n 
1 120 PHE n 
1 121 THR n 
1 122 LYS n 
1 123 ALA n 
1 124 GLU n 
1 125 ARG n 
1 126 LYS n 
1 127 GLU n 
1 128 LEU n 
1 129 GLY n 
1 130 LEU n 
1 131 PRO n 
1 132 ASP n 
1 133 SER n 
1 134 LEU n 
1 135 GLU n 
1 136 GLY n 
1 137 GLY n 
1 138 SER n 
1 139 HIS n 
1 140 HIS n 
1 141 HIS n 
1 142 HIS n 
1 143 HIS n 
1 144 HIS n 
# 
_entity_src_gen.entity_id                          1 
_entity_src_gen.pdbx_src_id                        1 
_entity_src_gen.pdbx_alt_source_flag               sample 
_entity_src_gen.pdbx_seq_type                      ? 
_entity_src_gen.pdbx_beg_seq_num                   ? 
_entity_src_gen.pdbx_end_seq_num                   ? 
_entity_src_gen.gene_src_common_name               ? 
_entity_src_gen.gene_src_genus                     Deinococcus 
_entity_src_gen.pdbx_gene_src_gene                 ? 
_entity_src_gen.gene_src_species                   ? 
_entity_src_gen.gene_src_strain                    ? 
_entity_src_gen.gene_src_tissue                    ? 
_entity_src_gen.gene_src_tissue_fraction           ? 
_entity_src_gen.gene_src_details                   ? 
_entity_src_gen.pdbx_gene_src_fragment             ? 
_entity_src_gen.pdbx_gene_src_scientific_name      'Deinococcus radiodurans' 
_entity_src_gen.pdbx_gene_src_ncbi_taxonomy_id     1299 
_entity_src_gen.pdbx_gene_src_variant              ? 
_entity_src_gen.pdbx_gene_src_cell_line            ? 
_entity_src_gen.pdbx_gene_src_atcc                 ? 
_entity_src_gen.pdbx_gene_src_organ                ? 
_entity_src_gen.pdbx_gene_src_organelle            ? 
_entity_src_gen.pdbx_gene_src_cell                 ? 
_entity_src_gen.pdbx_gene_src_cellular_location    ? 
_entity_src_gen.host_org_common_name               ? 
_entity_src_gen.pdbx_host_org_scientific_name      'Escherichia coli' 
_entity_src_gen.pdbx_host_org_ncbi_taxonomy_id     562 
_entity_src_gen.host_org_genus                     Escherichia 
_entity_src_gen.pdbx_host_org_gene                 ? 
_entity_src_gen.pdbx_host_org_organ                ? 
_entity_src_gen.host_org_species                   ? 
_entity_src_gen.pdbx_host_org_tissue               ? 
_entity_src_gen.pdbx_host_org_tissue_fraction      ? 
_entity_src_gen.pdbx_host_org_strain               ? 
_entity_src_gen.pdbx_host_org_variant              ? 
_entity_src_gen.pdbx_host_org_cell_line            ? 
_entity_src_gen.pdbx_host_org_atcc                 ? 
_entity_src_gen.pdbx_host_org_culture_collection   ? 
_entity_src_gen.pdbx_host_org_cell                 ? 
_entity_src_gen.pdbx_host_org_organelle            ? 
_entity_src_gen.pdbx_host_org_cellular_location    ? 
_entity_src_gen.pdbx_host_org_vector_type          ? 
_entity_src_gen.pdbx_host_org_vector               ? 
_entity_src_gen.host_org_details                   ? 
_entity_src_gen.expression_system_id               ? 
_entity_src_gen.plasmid_name                       ? 
_entity_src_gen.plasmid_details                    ? 
_entity_src_gen.pdbx_description                   ? 
# 
loop_
_chem_comp.id 
_chem_comp.type 
_chem_comp.mon_nstd_flag 
_chem_comp.name 
_chem_comp.pdbx_synonyms 
_chem_comp.formula 
_chem_comp.formula_weight 
ALA 'L-peptide linking' y ALANINE         ? 'C3 H7 N O2'     89.093  
ARG 'L-peptide linking' y ARGININE        ? 'C6 H15 N4 O2 1' 175.209 
ASN 'L-peptide linking' y ASPARAGINE      ? 'C4 H8 N2 O3'    132.118 
ASP 'L-peptide linking' y 'ASPARTIC ACID' ? 'C4 H7 N O4'     133.103 
CYS 'L-peptide linking' y CYSTEINE        ? 'C3 H7 N O2 S'   121.158 
GLN 'L-peptide linking' y GLUTAMINE       ? 'C5 H10 N2 O3'   146.144 
GLU 'L-peptide linking' y 'GLUTAMIC ACID' ? 'C5 H9 N O4'     147.129 
GLY 'peptide linking'   y GLYCINE         ? 'C2 H5 N O2'     75.067  
HIS 'L-peptide linking' y HISTIDINE       ? 'C6 H10 N3 O2 1' 156.162 
HOH non-polymer         . WATER           ? 'H2 O'           18.015  
ILE 'L-peptide linking' y ISOLEUCINE      ? 'C6 H13 N O2'    131.173 
LEU 'L-peptide linking' y LEUCINE         ? 'C6 H13 N O2'    131.173 
LYS 'L-peptide linking' y LYSINE          ? 'C6 H15 N2 O2 1' 147.195 
MET 'L-peptide linking' y METHIONINE      ? 'C5 H11 N O2 S'  149.211 
PHE 'L-peptide linking' y PHENYLALANINE   ? 'C9 H11 N O2'    165.189 
PRO 'L-peptide linking' y PROLINE         ? 'C5 H9 N O2'     115.130 
SER 'L-peptide linking' y SERINE          ? 'C3 H7 N O3'     105.093 
THR 'L-peptide linking' y THREONINE       ? 'C4 H9 N O3'     119.119 
TRP 'L-peptide linking' y TRYPTOPHAN      ? 'C11 H12 N2 O2'  204.225 
TYR 'L-peptide linking' y TYROSINE        ? 'C9 H11 N O3'    181.189 
VAL 'L-peptide linking' y VALINE          ? 'C5 H11 N O2'    117.146 
# 
loop_
_pdbx_poly_seq_scheme.asym_id 
_pdbx_poly_seq_scheme.entity_id 
_pdbx_poly_seq_scheme.seq_id 
_pdbx_poly_seq_scheme.mon_id 
_pdbx_poly_seq_scheme.ndb_seq_num 
_pdbx_poly_seq_scheme.pdb_seq_num 
_pdbx_poly_seq_scheme.auth_seq_num 
_pdbx_poly_seq_scheme.pdb_mon_id 
_pdbx_poly_seq_scheme.auth_mon_id 
_pdbx_poly_seq_scheme.pdb_strand_id 
_pdbx_poly_seq_scheme.pdb_ins_code 
_pdbx_poly_seq_scheme.hetero 
A 1 1   MET 1   1   ?   ?   ?   A . n 
A 1 2   SER 2   2   ?   ?   ?   A . n 
A 1 3   LEU 3   3   3   LEU LEU A . n 
A 1 4   GLN 4   4   4   GLN GLN A . n 
A 1 5   THR 5   5   5   THR THR A . n 
A 1 6   PRO 6   6   6   PRO PRO A . n 
A 1 7   MET 7   7   7   MET MET A . n 
A 1 8   GLN 8   8   8   GLN GLN A . n 
A 1 9   THR 9   9   9   THR THR A . n 
A 1 10  VAL 10  10  10  VAL VAL A . n 
A 1 11  ASP 11  11  11  ASP ASP A . n 
A 1 12  ASP 12  12  12  ASP ASP A . n 
A 1 13  LEU 13  13  13  LEU LEU A . n 
A 1 14  ARG 14  14  14  ARG ARG A . n 
A 1 15  SER 15  15  15  SER SER A . n 
A 1 16  VAL 16  16  16  VAL VAL A . n 
A 1 17  CYS 17  17  17  CYS CYS A . n 
A 1 18  ASP 18  18  18  ASP ASP A . n 
A 1 19  GLU 19  19  19  GLU GLU A . n 
A 1 20  LEU 20  20  20  LEU LEU A . n 
A 1 21  PRO 21  21  21  PRO PRO A . n 
A 1 22  HIS 22  22  22  HIS HIS A . n 
A 1 23  SER 23  23  23  SER SER A . n 
A 1 24  LEU 24  24  24  LEU LEU A . n 
A 1 25  GLU 25  25  25  GLU GLU A . n 
A 1 26  THR 26  26  26  THR THR A . n 
A 1 27  PHE 27  27  27  PHE PHE A . n 
A 1 28  PRO 28  28  28  PRO PRO A . n 
A 1 29  PHE 29  29  29  PHE PHE A . n 
A 1 30  ASP 30  30  30  ASP ASP A . n 
A 1 31  ASP 31  31  31  ASP ASP A . n 
A 1 32  GLU 32  32  32  GLU GLU A . n 
A 1 33  THR 33  33  33  THR THR A . n 
A 1 34  LEU 34  34  34  LEU LEU A . n 
A 1 35  VAL 35  35  35  VAL VAL A . n 
A 1 36  PHE 36  36  36  PHE PHE A . n 
A 1 37  LYS 37  37  37  LYS LYS A . n 
A 1 38  VAL 38  38  38  VAL VAL A . n 
A 1 39  GLY 39  39  39  GLY GLY A . n 
A 1 40  TYR 40  40  40  TYR TYR A . n 
A 1 41  LEU 41  41  41  LEU LEU A . n 
A 1 42  SER 42  42  42  SER SER A . n 
A 1 43  LYS 43  43  43  LYS LYS A . n 
A 1 44  SER 44  44  44  SER SER A . n 
A 1 45  ARG 45  45  45  ARG ARG A . n 
A 1 46  MET 46  46  46  MET MET A . n 
A 1 47  TYR 47  47  47  TYR TYR A . n 
A 1 48  ALA 48  48  48  ALA ALA A . n 
A 1 49  LEU 49  49  49  LEU LEU A . n 
A 1 50  THR 50  50  50  THR THR A . n 
A 1 51  ASP 51  51  51  ASP ASP A . n 
A 1 52  ILE 52  52  52  ILE ILE A . n 
A 1 53  THR 53  53  53  THR THR A . n 
A 1 54  GLN 54  54  54  GLN GLN A . n 
A 1 55  ASP 55  55  55  ASP ASP A . n 
A 1 56  PRO 56  56  56  PRO PRO A . n 
A 1 57  LEU 57  57  57  LEU LEU A . n 
A 1 58  ARG 58  58  58  ARG ARG A . n 
A 1 59  LEU 59  59  59  LEU LEU A . n 
A 1 60  SER 60  60  60  SER SER A . n 
A 1 61  LEU 61  61  61  LEU LEU A . n 
A 1 62  LYS 62  62  62  LYS LYS A . n 
A 1 63  VAL 63  63  63  VAL VAL A . n 
A 1 64  ASP 64  64  64  ASP ASP A . n 
A 1 65  PRO 65  65  65  PRO PRO A . n 
A 1 66  GLU 66  66  66  GLU GLU A . n 
A 1 67  ARG 67  67  67  ARG ARG A . n 
A 1 68  GLY 68  68  68  GLY GLY A . n 
A 1 69  GLU 69  69  69  GLU GLU A . n 
A 1 70  GLU 70  70  70  GLU GLU A . n 
A 1 71  LEU 71  71  71  LEU LEU A . n 
A 1 72  ARG 72  72  72  ARG ARG A . n 
A 1 73  GLN 73  73  73  GLN GLN A . n 
A 1 74  ALA 74  74  74  ALA ALA A . n 
A 1 75  HIS 75  75  75  HIS HIS A . n 
A 1 76  PRO 76  76  76  PRO PRO A . n 
A 1 77  GLN 77  77  77  GLN GLN A . n 
A 1 78  SER 78  78  78  SER SER A . n 
A 1 79  ILE 79  79  79  ILE ILE A . n 
A 1 80  ALA 80  80  80  ALA ALA A . n 
A 1 81  PRO 81  81  81  PRO PRO A . n 
A 1 82  GLY 82  82  82  GLY GLY A . n 
A 1 83  TYR 83  83  83  TYR TYR A . n 
A 1 84  HIS 84  84  84  HIS HIS A . n 
A 1 85  LEU 85  85  85  LEU LEU A . n 
A 1 86  ASN 86  86  86  ASN ASN A . n 
A 1 87  LYS 87  87  87  LYS LYS A . n 
A 1 88  LYS 88  88  88  LYS LYS A . n 
A 1 89  HIS 89  89  89  HIS HIS A . n 
A 1 90  TRP 90  90  90  TRP TRP A . n 
A 1 91  VAL 91  91  91  VAL VAL A . n 
A 1 92  THR 92  92  92  THR THR A . n 
A 1 93  VAL 93  93  93  VAL VAL A . n 
A 1 94  THR 94  94  94  THR THR A . n 
A 1 95  LEU 95  95  95  LEU LEU A . n 
A 1 96  ASP 96  96  96  ASP ASP A . n 
A 1 97  GLY 97  97  97  GLY GLY A . n 
A 1 98  THR 98  98  98  THR THR A . n 
A 1 99  VAL 99  99  99  VAL VAL A . n 
A 1 100 PRO 100 100 100 PRO PRO A . n 
A 1 101 ALA 101 101 101 ALA ALA A . n 
A 1 102 GLU 102 102 102 GLU GLU A . n 
A 1 103 LEU 103 103 103 LEU LEU A . n 
A 1 104 LEU 104 104 104 LEU LEU A . n 
A 1 105 GLY 105 105 105 GLY GLY A . n 
A 1 106 GLU 106 106 106 GLU GLU A . n 
A 1 107 LEU 107 107 107 LEU LEU A . n 
A 1 108 LEU 108 108 108 LEU LEU A . n 
A 1 109 ARG 109 109 109 ARG ARG A . n 
A 1 110 GLY 110 110 110 GLY GLY A . n 
A 1 111 SER 111 111 111 SER SER A . n 
A 1 112 TYR 112 112 112 TYR TYR A . n 
A 1 113 LEU 113 113 113 LEU LEU A . n 
A 1 114 LEU 114 114 114 LEU LEU A . n 
A 1 115 VAL 115 115 115 VAL VAL A . n 
A 1 116 THR 116 116 116 THR THR A . n 
A 1 117 LYS 117 117 117 LYS LYS A . n 
A 1 118 LYS 118 118 118 LYS LYS A . n 
A 1 119 GLY 119 119 119 GLY GLY A . n 
A 1 120 PHE 120 120 120 PHE PHE A . n 
A 1 121 THR 121 121 121 THR THR A . n 
A 1 122 LYS 122 122 122 LYS LYS A . n 
A 1 123 ALA 123 123 123 ALA ALA A . n 
A 1 124 GLU 124 124 124 GLU GLU A . n 
A 1 125 ARG 125 125 125 ARG ARG A . n 
A 1 126 LYS 126 126 126 LYS LYS A . n 
A 1 127 GLU 127 127 127 GLU GLU A . n 
A 1 128 LEU 128 128 128 LEU LEU A . n 
A 1 129 GLY 129 129 129 GLY GLY A . n 
A 1 130 LEU 130 130 130 LEU LEU A . n 
A 1 131 PRO 131 131 131 PRO PRO A . n 
A 1 132 ASP 132 132 132 ASP ASP A . n 
A 1 133 SER 133 133 133 SER SER A . n 
A 1 134 LEU 134 134 134 LEU LEU A . n 
A 1 135 GLU 135 135 135 GLU GLU A . n 
A 1 136 GLY 136 136 136 GLY GLY A . n 
A 1 137 GLY 137 137 137 GLY GLY A . n 
A 1 138 SER 138 138 138 SER SER A . n 
A 1 139 HIS 139 139 139 HIS HIS A . n 
A 1 140 HIS 140 140 140 HIS HIS A . n 
A 1 141 HIS 141 141 ?   ?   ?   A . n 
A 1 142 HIS 142 142 ?   ?   ?   A . n 
A 1 143 HIS 143 143 ?   ?   ?   A . n 
A 1 144 HIS 144 144 ?   ?   ?   A . n 
# 
loop_
_pdbx_nonpoly_scheme.asym_id 
_pdbx_nonpoly_scheme.entity_id 
_pdbx_nonpoly_scheme.mon_id 
_pdbx_nonpoly_scheme.ndb_seq_num 
_pdbx_nonpoly_scheme.pdb_seq_num 
_pdbx_nonpoly_scheme.auth_seq_num 
_pdbx_nonpoly_scheme.pdb_mon_id 
_pdbx_nonpoly_scheme.auth_mon_id 
_pdbx_nonpoly_scheme.pdb_strand_id 
_pdbx_nonpoly_scheme.pdb_ins_code 
B 2 HOH 1   145 1   HOH HOH A . 
B 2 HOH 2   146 2   HOH HOH A . 
B 2 HOH 3   147 3   HOH HOH A . 
B 2 HOH 4   148 4   HOH HOH A . 
B 2 HOH 5   149 5   HOH HOH A . 
B 2 HOH 6   150 6   HOH HOH A . 
B 2 HOH 7   151 7   HOH HOH A . 
B 2 HOH 8   152 8   HOH HOH A . 
B 2 HOH 9   153 9   HOH HOH A . 
B 2 HOH 10  154 10  HOH HOH A . 
B 2 HOH 11  155 11  HOH HOH A . 
B 2 HOH 12  156 12  HOH HOH A . 
B 2 HOH 13  157 13  HOH HOH A . 
B 2 HOH 14  158 14  HOH HOH A . 
B 2 HOH 15  159 15  HOH HOH A . 
B 2 HOH 16  160 16  HOH HOH A . 
B 2 HOH 17  161 17  HOH HOH A . 
B 2 HOH 18  162 18  HOH HOH A . 
B 2 HOH 19  163 19  HOH HOH A . 
B 2 HOH 20  164 20  HOH HOH A . 
B 2 HOH 21  165 21  HOH HOH A . 
B 2 HOH 22  166 22  HOH HOH A . 
B 2 HOH 23  167 23  HOH HOH A . 
B 2 HOH 24  168 24  HOH HOH A . 
B 2 HOH 25  169 25  HOH HOH A . 
B 2 HOH 26  170 26  HOH HOH A . 
B 2 HOH 27  171 27  HOH HOH A . 
B 2 HOH 28  172 28  HOH HOH A . 
B 2 HOH 29  173 29  HOH HOH A . 
B 2 HOH 30  174 30  HOH HOH A . 
B 2 HOH 31  175 31  HOH HOH A . 
B 2 HOH 32  176 32  HOH HOH A . 
B 2 HOH 33  177 33  HOH HOH A . 
B 2 HOH 34  178 34  HOH HOH A . 
B 2 HOH 35  179 35  HOH HOH A . 
B 2 HOH 36  180 36  HOH HOH A . 
B 2 HOH 37  181 37  HOH HOH A . 
B 2 HOH 38  182 38  HOH HOH A . 
B 2 HOH 39  183 39  HOH HOH A . 
B 2 HOH 40  184 40  HOH HOH A . 
B 2 HOH 41  185 41  HOH HOH A . 
B 2 HOH 42  186 42  HOH HOH A . 
B 2 HOH 43  187 43  HOH HOH A . 
B 2 HOH 44  188 44  HOH HOH A . 
B 2 HOH 45  189 45  HOH HOH A . 
B 2 HOH 46  190 46  HOH HOH A . 
B 2 HOH 47  191 47  HOH HOH A . 
B 2 HOH 48  192 48  HOH HOH A . 
B 2 HOH 49  193 49  HOH HOH A . 
B 2 HOH 50  194 50  HOH HOH A . 
B 2 HOH 51  195 51  HOH HOH A . 
B 2 HOH 52  196 52  HOH HOH A . 
B 2 HOH 53  197 53  HOH HOH A . 
B 2 HOH 54  198 54  HOH HOH A . 
B 2 HOH 55  199 55  HOH HOH A . 
B 2 HOH 56  200 56  HOH HOH A . 
B 2 HOH 57  201 57  HOH HOH A . 
B 2 HOH 58  202 58  HOH HOH A . 
B 2 HOH 59  203 59  HOH HOH A . 
B 2 HOH 60  204 60  HOH HOH A . 
B 2 HOH 61  205 61  HOH HOH A . 
B 2 HOH 62  206 62  HOH HOH A . 
B 2 HOH 63  207 63  HOH HOH A . 
B 2 HOH 64  208 64  HOH HOH A . 
B 2 HOH 65  209 65  HOH HOH A . 
B 2 HOH 66  210 66  HOH HOH A . 
B 2 HOH 67  211 67  HOH HOH A . 
B 2 HOH 68  212 68  HOH HOH A . 
B 2 HOH 69  213 69  HOH HOH A . 
B 2 HOH 70  214 70  HOH HOH A . 
B 2 HOH 71  215 71  HOH HOH A . 
B 2 HOH 72  216 72  HOH HOH A . 
B 2 HOH 73  217 73  HOH HOH A . 
B 2 HOH 74  218 74  HOH HOH A . 
B 2 HOH 75  219 75  HOH HOH A . 
B 2 HOH 76  220 76  HOH HOH A . 
B 2 HOH 77  221 77  HOH HOH A . 
B 2 HOH 78  222 78  HOH HOH A . 
B 2 HOH 79  223 79  HOH HOH A . 
B 2 HOH 80  224 80  HOH HOH A . 
B 2 HOH 81  225 81  HOH HOH A . 
B 2 HOH 82  226 82  HOH HOH A . 
B 2 HOH 83  227 83  HOH HOH A . 
B 2 HOH 84  228 84  HOH HOH A . 
B 2 HOH 85  229 85  HOH HOH A . 
B 2 HOH 86  230 86  HOH HOH A . 
B 2 HOH 87  231 87  HOH HOH A . 
B 2 HOH 88  232 88  HOH HOH A . 
B 2 HOH 89  233 89  HOH HOH A . 
B 2 HOH 90  234 90  HOH HOH A . 
B 2 HOH 91  235 91  HOH HOH A . 
B 2 HOH 92  236 92  HOH HOH A . 
B 2 HOH 93  237 93  HOH HOH A . 
B 2 HOH 94  238 94  HOH HOH A . 
B 2 HOH 95  239 95  HOH HOH A . 
B 2 HOH 96  240 96  HOH HOH A . 
B 2 HOH 97  241 97  HOH HOH A . 
B 2 HOH 98  242 98  HOH HOH A . 
B 2 HOH 99  243 99  HOH HOH A . 
B 2 HOH 100 244 100 HOH HOH A . 
B 2 HOH 101 245 101 HOH HOH A . 
B 2 HOH 102 246 102 HOH HOH A . 
B 2 HOH 103 247 103 HOH HOH A . 
B 2 HOH 104 248 104 HOH HOH A . 
B 2 HOH 105 249 105 HOH HOH A . 
B 2 HOH 106 250 106 HOH HOH A . 
B 2 HOH 107 251 107 HOH HOH A . 
B 2 HOH 108 252 108 HOH HOH A . 
B 2 HOH 109 253 109 HOH HOH A . 
B 2 HOH 110 254 110 HOH HOH A . 
B 2 HOH 111 255 111 HOH HOH A . 
# 
loop_
_software.name 
_software.classification 
_software.version 
_software.citation_id 
_software.pdbx_ordinal 
REFMAC    refinement        5.2.0005 ? 1 
MAR345    'data collection' .        ? 2 
SCALEPACK 'data scaling'    .        ? 3 
SHELXD    phasing           .        ? 4 
SHELXE    'model building'  .        ? 5 
# 
_cell.entry_id           2A1V 
_cell.length_a           82.549 
_cell.length_b           82.549 
_cell.length_c           35.991 
_cell.angle_alpha        90.00 
_cell.angle_beta         90.00 
_cell.angle_gamma        120.00 
_cell.Z_PDB              6 
_cell.pdbx_unique_axis   ? 
# 
_symmetry.entry_id                         2A1V 
_symmetry.space_group_name_H-M             'P 61' 
_symmetry.pdbx_full_space_group_name_H-M   ? 
_symmetry.cell_setting                     ? 
_symmetry.Int_Tables_number                169 
_symmetry.space_group_name_Hall            ? 
# 
_exptl.entry_id          2A1V 
_exptl.method            'X-RAY DIFFRACTION' 
_exptl.crystals_number   1 
# 
_exptl_crystal.id                    1 
_exptl_crystal.density_meas          ? 
_exptl_crystal.density_Matthews      2.2 
_exptl_crystal.density_percent_sol   44 
_exptl_crystal.description           ? 
_exptl_crystal.F_000                 ? 
_exptl_crystal.preparation           ? 
# 
_exptl_crystal_grow.crystal_id      1 
_exptl_crystal_grow.method          'VAPOR DIFFUSION, SITTING DROP' 
_exptl_crystal_grow.temp            298 
_exptl_crystal_grow.temp_details    ? 
_exptl_crystal_grow.pH              6.5 
_exptl_crystal_grow.pdbx_details    'PEG 3350, Sodium formate 0.2 M, pH 6.5, VAPOR DIFFUSION, SITTING DROP, temperature 298K' 
_exptl_crystal_grow.pdbx_pH_range   . 
# 
_diffrn.id                     1 
_diffrn.ambient_temp           298 
_diffrn.ambient_temp_details   ? 
_diffrn.crystal_id             1 
# 
_diffrn_detector.diffrn_id              1 
_diffrn_detector.detector               CCD 
_diffrn_detector.type                   MARRESEARCH 
_diffrn_detector.pdbx_collection_date   2005-01-20 
_diffrn_detector.details                ? 
# 
_diffrn_radiation.diffrn_id                        1 
_diffrn_radiation.wavelength_id                    1 
_diffrn_radiation.pdbx_monochromatic_or_laue_m_l   M 
_diffrn_radiation.monochromator                    ? 
_diffrn_radiation.pdbx_diffrn_protocol             'SINGLE WAVELENGTH' 
_diffrn_radiation.pdbx_scattering_type             x-ray 
# 
_diffrn_radiation_wavelength.id           1 
_diffrn_radiation_wavelength.wavelength   0.98 
_diffrn_radiation_wavelength.wt           1.0 
# 
_diffrn_source.diffrn_id                   1 
_diffrn_source.source                      SYNCHROTRON 
_diffrn_source.type                        'NSLS BEAMLINE X9A' 
_diffrn_source.pdbx_synchrotron_site       NSLS 
_diffrn_source.pdbx_synchrotron_beamline   X9A 
_diffrn_source.pdbx_wavelength             ? 
_diffrn_source.pdbx_wavelength_list        0.98 
# 
_reflns.entry_id                     2A1V 
_reflns.observed_criterion_sigma_I   0 
_reflns.observed_criterion_sigma_F   0 
_reflns.d_resolution_low             20 
_reflns.d_resolution_high            2.15 
_reflns.number_obs                   7775 
_reflns.number_all                   7775 
_reflns.percent_possible_obs         ? 
_reflns.pdbx_Rmerge_I_obs            0.094 
_reflns.pdbx_Rsym_value              0.071 
_reflns.pdbx_netI_over_sigmaI        22.6 
_reflns.B_iso_Wilson_estimate        ? 
_reflns.pdbx_redundancy              7.9 
_reflns.R_free_details               ? 
_reflns.limit_h_max                  ? 
_reflns.limit_h_min                  ? 
_reflns.limit_k_max                  ? 
_reflns.limit_k_min                  ? 
_reflns.limit_l_max                  ? 
_reflns.limit_l_min                  ? 
_reflns.observed_criterion_F_max     ? 
_reflns.observed_criterion_F_min     ? 
_reflns.pdbx_chi_squared             ? 
_reflns.pdbx_scaling_rejects         ? 
_reflns.pdbx_diffrn_id               1 
_reflns.pdbx_ordinal                 1 
# 
_reflns_shell.d_res_high             2.15 
_reflns_shell.d_res_low              2.23 
_reflns_shell.percent_possible_all   100 
_reflns_shell.Rmerge_I_obs           0.48 
_reflns_shell.pdbx_Rsym_value        0.46 
_reflns_shell.meanI_over_sigI_obs    4.1 
_reflns_shell.pdbx_redundancy        7.5 
_reflns_shell.percent_possible_obs   ? 
_reflns_shell.number_unique_all      ? 
_reflns_shell.number_measured_all    ? 
_reflns_shell.number_measured_obs    ? 
_reflns_shell.number_unique_obs      ? 
_reflns_shell.pdbx_chi_squared       ? 
_reflns_shell.pdbx_diffrn_id         ? 
_reflns_shell.pdbx_ordinal           1 
# 
_refine.entry_id                                 2A1V 
_refine.ls_number_reflns_obs                     7418 
_refine.ls_number_reflns_all                     7418 
_refine.pdbx_ls_sigma_I                          ? 
_refine.pdbx_ls_sigma_F                          ? 
_refine.pdbx_data_cutoff_high_absF               ? 
_refine.pdbx_data_cutoff_low_absF                ? 
_refine.pdbx_data_cutoff_high_rms_absF           ? 
_refine.ls_d_res_low                             20.00 
_refine.ls_d_res_high                            2.15 
_refine.ls_percent_reflns_obs                    99.97 
_refine.ls_R_factor_obs                          0.16393 
_refine.ls_R_factor_all                          ? 
_refine.ls_R_factor_R_work                       0.161 
_refine.ls_R_factor_R_free                       0.22544 
_refine.ls_R_factor_R_free_error                 ? 
_refine.ls_R_factor_R_free_error_details         ? 
_refine.ls_percent_reflns_R_free                 4.6 
_refine.ls_number_reflns_R_free                  355 
_refine.ls_number_parameters                     ? 
_refine.ls_number_restraints                     ? 
_refine.occupancy_min                            ? 
_refine.occupancy_max                            ? 
_refine.correlation_coeff_Fo_to_Fc               0.959 
_refine.correlation_coeff_Fo_to_Fc_free          0.913 
_refine.B_iso_mean                               21.714 
_refine.aniso_B[1][1]                            0.77 
_refine.aniso_B[2][2]                            0.77 
_refine.aniso_B[3][3]                            -1.16 
_refine.aniso_B[1][2]                            0.39 
_refine.aniso_B[1][3]                            0.00 
_refine.aniso_B[2][3]                            0.00 
_refine.solvent_model_details                    'BABINET MODEL WITH MASK' 
_refine.solvent_model_param_ksol                 ? 
_refine.solvent_model_param_bsol                 ? 
_refine.pdbx_solvent_vdw_probe_radii             1.20 
_refine.pdbx_solvent_ion_probe_radii             0.80 
_refine.pdbx_solvent_shrinkage_radii             0.80 
_refine.pdbx_ls_cross_valid_method               THROUGHOUT 
_refine.details                                  'HYDROGENS HAVE BEEN ADDED IN THE RIDING POSITIONS' 
_refine.pdbx_starting_model                      ? 
_refine.pdbx_method_to_determine_struct          SAD 
_refine.pdbx_isotropic_thermal_model             ? 
_refine.pdbx_stereochemistry_target_values       'MAXIMUM LIKELIHOOD' 
_refine.pdbx_stereochem_target_val_spec_case     ? 
_refine.pdbx_R_Free_selection_details            RANDOM 
_refine.pdbx_overall_ESU_R                       0.260 
_refine.pdbx_overall_ESU_R_Free                  0.204 
_refine.overall_SU_ML                            0.145 
_refine.overall_SU_B                             5.538 
_refine.ls_redundancy_reflns_obs                 ? 
_refine.B_iso_min                                ? 
_refine.B_iso_max                                ? 
_refine.overall_SU_R_Cruickshank_DPI             ? 
_refine.overall_SU_R_free                        ? 
_refine.ls_wR_factor_R_free                      ? 
_refine.ls_wR_factor_R_work                      ? 
_refine.overall_FOM_free_R_set                   ? 
_refine.overall_FOM_work_R_set                   ? 
_refine.pdbx_refine_id                           'X-RAY DIFFRACTION' 
_refine.pdbx_diffrn_id                           1 
_refine.pdbx_TLS_residual_ADP_flag               ? 
_refine.pdbx_overall_phase_error                 ? 
_refine.pdbx_overall_SU_R_free_Cruickshank_DPI   ? 
_refine.pdbx_overall_SU_R_Blow_DPI               ? 
_refine.pdbx_overall_SU_R_free_Blow_DPI          ? 
# 
_refine_hist.pdbx_refine_id                   'X-RAY DIFFRACTION' 
_refine_hist.cycle_id                         LAST 
_refine_hist.pdbx_number_atoms_protein        1153 
_refine_hist.pdbx_number_atoms_nucleic_acid   0 
_refine_hist.pdbx_number_atoms_ligand         0 
_refine_hist.number_atoms_solvent             111 
_refine_hist.number_atoms_total               1264 
_refine_hist.d_res_high                       2.15 
_refine_hist.d_res_low                        20.00 
# 
loop_
_refine_ls_restr.type 
_refine_ls_restr.dev_ideal 
_refine_ls_restr.dev_ideal_target 
_refine_ls_restr.weight 
_refine_ls_restr.number 
_refine_ls_restr.pdbx_refine_id 
_refine_ls_restr.pdbx_restraint_function 
r_bond_refined_d             0.019  0.022  ? 1194 'X-RAY DIFFRACTION' ? 
r_bond_other_d               0.001  0.020  ? 1099 'X-RAY DIFFRACTION' ? 
r_angle_refined_deg          1.740  1.995  ? 1633 'X-RAY DIFFRACTION' ? 
r_angle_other_deg            0.897  3.000  ? 2586 'X-RAY DIFFRACTION' ? 
r_dihedral_angle_1_deg       6.046  5.000  ? 157  'X-RAY DIFFRACTION' ? 
r_dihedral_angle_2_deg       38.920 24.259 ? 54   'X-RAY DIFFRACTION' ? 
r_dihedral_angle_3_deg       17.078 15.000 ? 221  'X-RAY DIFFRACTION' ? 
r_dihedral_angle_4_deg       20.878 15.000 ? 8    'X-RAY DIFFRACTION' ? 
r_chiral_restr               0.104  0.200  ? 185  'X-RAY DIFFRACTION' ? 
r_gen_planes_refined         0.007  0.020  ? 1336 'X-RAY DIFFRACTION' ? 
r_gen_planes_other           0.002  0.020  ? 227  'X-RAY DIFFRACTION' ? 
r_nbd_refined                0.207  0.200  ? 222  'X-RAY DIFFRACTION' ? 
r_nbd_other                  0.196  0.200  ? 1080 'X-RAY DIFFRACTION' ? 
r_nbtor_refined              0.172  0.200  ? 536  'X-RAY DIFFRACTION' ? 
r_nbtor_other                0.088  0.200  ? 703  'X-RAY DIFFRACTION' ? 
r_xyhbond_nbd_refined        0.188  0.200  ? 96   'X-RAY DIFFRACTION' ? 
r_xyhbond_nbd_other          ?      ?      ? ?    'X-RAY DIFFRACTION' ? 
r_metal_ion_refined          ?      ?      ? ?    'X-RAY DIFFRACTION' ? 
r_metal_ion_other            ?      ?      ? ?    'X-RAY DIFFRACTION' ? 
r_symmetry_vdw_refined       0.169  0.200  ? 13   'X-RAY DIFFRACTION' ? 
r_symmetry_vdw_other         0.249  0.200  ? 59   'X-RAY DIFFRACTION' ? 
r_symmetry_hbond_refined     0.185  0.200  ? 20   'X-RAY DIFFRACTION' ? 
r_symmetry_hbond_other       ?      ?      ? ?    'X-RAY DIFFRACTION' ? 
r_symmetry_metal_ion_refined ?      ?      ? ?    'X-RAY DIFFRACTION' ? 
r_symmetry_metal_ion_other   ?      ?      ? ?    'X-RAY DIFFRACTION' ? 
r_mcbond_it                  1.364  1.500  ? 939  'X-RAY DIFFRACTION' ? 
r_mcbond_other               0.232  1.500  ? 293  'X-RAY DIFFRACTION' ? 
r_mcangle_it                 1.578  2.000  ? 1197 'X-RAY DIFFRACTION' ? 
r_scbond_it                  2.670  3.000  ? 517  'X-RAY DIFFRACTION' ? 
r_scangle_it                 3.889  4.500  ? 430  'X-RAY DIFFRACTION' ? 
r_rigid_bond_restr           ?      ?      ? ?    'X-RAY DIFFRACTION' ? 
r_sphericity_free            ?      ?      ? ?    'X-RAY DIFFRACTION' ? 
r_sphericity_bonded          ?      ?      ? ?    'X-RAY DIFFRACTION' ? 
# 
_refine_ls_shell.pdbx_total_number_of_bins_used   40 
_refine_ls_shell.d_res_high                       2.15 
_refine_ls_shell.d_res_low                        2.178 
_refine_ls_shell.number_reflns_R_work             263 
_refine_ls_shell.R_factor_R_work                  0.215 
_refine_ls_shell.percent_reflns_obs               100.00 
_refine_ls_shell.R_factor_R_free                  0.237 
_refine_ls_shell.R_factor_R_free_error            ? 
_refine_ls_shell.percent_reflns_R_free            ? 
_refine_ls_shell.number_reflns_R_free             11 
_refine_ls_shell.redundancy_reflns_obs            ? 
_refine_ls_shell.number_reflns_all                ? 
_refine_ls_shell.number_reflns_obs                ? 
_refine_ls_shell.pdbx_refine_id                   'X-RAY DIFFRACTION' 
_refine_ls_shell.R_factor_all                     ? 
# 
_struct.entry_id                  2A1V 
_struct.title                     'Crystal structure of Deinococcus radiodurans protein DR2400, Pfam domain DUF419' 
_struct.pdbx_model_details        ? 
_struct.pdbx_CASP_flag            ? 
_struct.pdbx_model_type_details   ? 
# 
_struct_keywords.entry_id        2A1V 
_struct_keywords.pdbx_keywords   'STRUCTURAL GENOMICS, UNKNOWN FUNCTION' 
_struct_keywords.text            
;Structural Genomics, PSI, Protein Structure Initiative, New York SGX Research Center for Structural Genomics, NYSGXRC, UNKNOWN FUNCTION
;
# 
loop_
_struct_asym.id 
_struct_asym.pdbx_blank_PDB_chainid_flag 
_struct_asym.pdbx_modified 
_struct_asym.entity_id 
_struct_asym.details 
A N N 1 ? 
B N N 2 ? 
# 
_struct_ref.id                         1 
_struct_ref.db_name                    UNP 
_struct_ref.db_code                    Q9RRT5_DEIRA 
_struct_ref.pdbx_db_accession          Q9RRT5 
_struct_ref.entity_id                  1 
_struct_ref.pdbx_seq_one_letter_code   
;MQTPMQTVDDLRSVCDELPHSLETFPFDDETLVFKVGYLSKSRMYALTDITQDPLRLSLKVDPERGEELRQAHPQSIAPG
YHLNKKHWVTVTLDGTVPAELLGELLRGSYLLVTKKGFTKAERKELGLPDSL
;
_struct_ref.pdbx_align_begin           1 
_struct_ref.pdbx_db_isoform            ? 
# 
_struct_ref_seq.align_id                      1 
_struct_ref_seq.ref_id                        1 
_struct_ref_seq.pdbx_PDB_id_code              2A1V 
_struct_ref_seq.pdbx_strand_id                A 
_struct_ref_seq.seq_align_beg                 1 
_struct_ref_seq.pdbx_seq_align_beg_ins_code   ? 
_struct_ref_seq.seq_align_end                 134 
_struct_ref_seq.pdbx_seq_align_end_ins_code   ? 
_struct_ref_seq.pdbx_db_accession             Q9RRT5 
_struct_ref_seq.db_align_beg                  1 
_struct_ref_seq.pdbx_db_align_beg_ins_code    ? 
_struct_ref_seq.db_align_end                  132 
_struct_ref_seq.pdbx_db_align_end_ins_code    ? 
_struct_ref_seq.pdbx_auth_seq_align_beg       1 
_struct_ref_seq.pdbx_auth_seq_align_end       134 
# 
loop_
_struct_ref_seq_dif.align_id 
_struct_ref_seq_dif.pdbx_pdb_id_code 
_struct_ref_seq_dif.mon_id 
_struct_ref_seq_dif.pdbx_pdb_strand_id 
_struct_ref_seq_dif.seq_num 
_struct_ref_seq_dif.pdbx_pdb_ins_code 
_struct_ref_seq_dif.pdbx_seq_db_name 
_struct_ref_seq_dif.pdbx_seq_db_accession_code 
_struct_ref_seq_dif.db_mon_id 
_struct_ref_seq_dif.pdbx_seq_db_seq_num 
_struct_ref_seq_dif.details 
_struct_ref_seq_dif.pdbx_auth_seq_num 
_struct_ref_seq_dif.pdbx_ordinal 
1 2A1V SER A 2   ? UNP Q9RRT5 ? ? 'cloning artifact' 2   1  
1 2A1V LEU A 3   ? UNP Q9RRT5 ? ? 'cloning artifact' 3   2  
1 2A1V GLU A 135 ? UNP Q9RRT5 ? ? 'cloning artifact' 135 3  
1 2A1V GLY A 136 ? UNP Q9RRT5 ? ? 'cloning artifact' 136 4  
1 2A1V GLY A 137 ? UNP Q9RRT5 ? ? 'cloning artifact' 137 5  
1 2A1V SER A 138 ? UNP Q9RRT5 ? ? 'cloning artifact' 138 6  
1 2A1V HIS A 139 ? UNP Q9RRT5 ? ? 'expression tag'   139 7  
1 2A1V HIS A 140 ? UNP Q9RRT5 ? ? 'expression tag'   140 8  
1 2A1V HIS A 141 ? UNP Q9RRT5 ? ? 'expression tag'   141 9  
1 2A1V HIS A 142 ? UNP Q9RRT5 ? ? 'expression tag'   142 10 
1 2A1V HIS A 143 ? UNP Q9RRT5 ? ? 'expression tag'   143 11 
1 2A1V HIS A 144 ? UNP Q9RRT5 ? ? 'expression tag'   144 12 
# 
_pdbx_struct_assembly.id                   1 
_pdbx_struct_assembly.details              author_defined_assembly 
_pdbx_struct_assembly.method_details       ? 
_pdbx_struct_assembly.oligomeric_details   monomeric 
_pdbx_struct_assembly.oligomeric_count     1 
# 
_pdbx_struct_assembly_gen.assembly_id       1 
_pdbx_struct_assembly_gen.oper_expression   1 
_pdbx_struct_assembly_gen.asym_id_list      A,B 
# 
_pdbx_struct_oper_list.id                   1 
_pdbx_struct_oper_list.type                 'identity operation' 
_pdbx_struct_oper_list.name                 1_555 
_pdbx_struct_oper_list.symmetry_operation   x,y,z 
_pdbx_struct_oper_list.matrix[1][1]         1.0000000000 
_pdbx_struct_oper_list.matrix[1][2]         0.0000000000 
_pdbx_struct_oper_list.matrix[1][3]         0.0000000000 
_pdbx_struct_oper_list.vector[1]            0.0000000000 
_pdbx_struct_oper_list.matrix[2][1]         0.0000000000 
_pdbx_struct_oper_list.matrix[2][2]         1.0000000000 
_pdbx_struct_oper_list.matrix[2][3]         0.0000000000 
_pdbx_struct_oper_list.vector[2]            0.0000000000 
_pdbx_struct_oper_list.matrix[3][1]         0.0000000000 
_pdbx_struct_oper_list.matrix[3][2]         0.0000000000 
_pdbx_struct_oper_list.matrix[3][3]         1.0000000000 
_pdbx_struct_oper_list.vector[3]            0.0000000000 
# 
_struct_biol.id                    1 
_struct_biol.pdbx_parent_biol_id   ? 
_struct_biol.details               ? 
# 
loop_
_struct_conf.conf_type_id 
_struct_conf.id 
_struct_conf.pdbx_PDB_helix_id 
_struct_conf.beg_label_comp_id 
_struct_conf.beg_label_asym_id 
_struct_conf.beg_label_seq_id 
_struct_conf.pdbx_beg_PDB_ins_code 
_struct_conf.end_label_comp_id 
_struct_conf.end_label_asym_id 
_struct_conf.end_label_seq_id 
_struct_conf.pdbx_end_PDB_ins_code 
_struct_conf.beg_auth_comp_id 
_struct_conf.beg_auth_asym_id 
_struct_conf.beg_auth_seq_id 
_struct_conf.end_auth_comp_id 
_struct_conf.end_auth_asym_id 
_struct_conf.end_auth_seq_id 
_struct_conf.pdbx_PDB_helix_class 
_struct_conf.details 
_struct_conf.pdbx_PDB_helix_length 
HELX_P HELX_P1 1 THR A 9   ? ASP A 18  ? THR A 9   ASP A 18  1 ? 10 
HELX_P HELX_P2 2 ASP A 64  ? HIS A 75  ? ASP A 64  HIS A 75  1 ? 12 
HELX_P HELX_P3 3 PRO A 100 ? PHE A 120 ? PRO A 100 PHE A 120 1 ? 21 
HELX_P HELX_P4 4 THR A 121 ? GLY A 129 ? THR A 121 GLY A 129 1 ? 9  
# 
_struct_conf_type.id          HELX_P 
_struct_conf_type.criteria    ? 
_struct_conf_type.reference   ? 
# 
_struct_mon_prot_cis.pdbx_id                1 
_struct_mon_prot_cis.label_comp_id          ASP 
_struct_mon_prot_cis.label_seq_id           55 
_struct_mon_prot_cis.label_asym_id          A 
_struct_mon_prot_cis.label_alt_id           . 
_struct_mon_prot_cis.pdbx_PDB_ins_code      ? 
_struct_mon_prot_cis.auth_comp_id           ASP 
_struct_mon_prot_cis.auth_seq_id            55 
_struct_mon_prot_cis.auth_asym_id           A 
_struct_mon_prot_cis.pdbx_label_comp_id_2   PRO 
_struct_mon_prot_cis.pdbx_label_seq_id_2    56 
_struct_mon_prot_cis.pdbx_label_asym_id_2   A 
_struct_mon_prot_cis.pdbx_PDB_ins_code_2    ? 
_struct_mon_prot_cis.pdbx_auth_comp_id_2    PRO 
_struct_mon_prot_cis.pdbx_auth_seq_id_2     56 
_struct_mon_prot_cis.pdbx_auth_asym_id_2    A 
_struct_mon_prot_cis.pdbx_PDB_model_num     1 
_struct_mon_prot_cis.pdbx_omega_angle       1.88 
# 
_struct_sheet.id               A 
_struct_sheet.type             ? 
_struct_sheet.number_strands   6 
_struct_sheet.details          ? 
# 
loop_
_struct_sheet_order.sheet_id 
_struct_sheet_order.range_id_1 
_struct_sheet_order.range_id_2 
_struct_sheet_order.offset 
_struct_sheet_order.sense 
A 1 2 ? anti-parallel 
A 2 3 ? anti-parallel 
A 3 4 ? anti-parallel 
A 4 5 ? anti-parallel 
A 5 6 ? anti-parallel 
# 
loop_
_struct_sheet_range.sheet_id 
_struct_sheet_range.id 
_struct_sheet_range.beg_label_comp_id 
_struct_sheet_range.beg_label_asym_id 
_struct_sheet_range.beg_label_seq_id 
_struct_sheet_range.pdbx_beg_PDB_ins_code 
_struct_sheet_range.end_label_comp_id 
_struct_sheet_range.end_label_asym_id 
_struct_sheet_range.end_label_seq_id 
_struct_sheet_range.pdbx_end_PDB_ins_code 
_struct_sheet_range.beg_auth_comp_id 
_struct_sheet_range.beg_auth_asym_id 
_struct_sheet_range.beg_auth_seq_id 
_struct_sheet_range.end_auth_comp_id 
_struct_sheet_range.end_auth_asym_id 
_struct_sheet_range.end_auth_seq_id 
A 1 SER A 23 ? THR A 26 ? SER A 23 THR A 26 
A 2 THR A 33 ? TYR A 40 ? THR A 33 TYR A 40 
A 3 LYS A 43 ? ASP A 51 ? LYS A 43 ASP A 51 
A 4 ARG A 58 ? LYS A 62 ? ARG A 58 LYS A 62 
A 5 TRP A 90 ? THR A 94 ? TRP A 90 THR A 94 
A 6 ILE A 79 ? PRO A 81 ? ILE A 79 PRO A 81 
# 
loop_
_pdbx_struct_sheet_hbond.sheet_id 
_pdbx_struct_sheet_hbond.range_id_1 
_pdbx_struct_sheet_hbond.range_id_2 
_pdbx_struct_sheet_hbond.range_1_label_atom_id 
_pdbx_struct_sheet_hbond.range_1_label_comp_id 
_pdbx_struct_sheet_hbond.range_1_label_asym_id 
_pdbx_struct_sheet_hbond.range_1_label_seq_id 
_pdbx_struct_sheet_hbond.range_1_PDB_ins_code 
_pdbx_struct_sheet_hbond.range_1_auth_atom_id 
_pdbx_struct_sheet_hbond.range_1_auth_comp_id 
_pdbx_struct_sheet_hbond.range_1_auth_asym_id 
_pdbx_struct_sheet_hbond.range_1_auth_seq_id 
_pdbx_struct_sheet_hbond.range_2_label_atom_id 
_pdbx_struct_sheet_hbond.range_2_label_comp_id 
_pdbx_struct_sheet_hbond.range_2_label_asym_id 
_pdbx_struct_sheet_hbond.range_2_label_seq_id 
_pdbx_struct_sheet_hbond.range_2_PDB_ins_code 
_pdbx_struct_sheet_hbond.range_2_auth_atom_id 
_pdbx_struct_sheet_hbond.range_2_auth_comp_id 
_pdbx_struct_sheet_hbond.range_2_auth_asym_id 
_pdbx_struct_sheet_hbond.range_2_auth_seq_id 
A 1 2 N THR A 26 ? N THR A 26 O VAL A 35 ? O VAL A 35 
A 2 3 N VAL A 38 ? N VAL A 38 O ARG A 45 ? O ARG A 45 
A 3 4 N LEU A 49 ? N LEU A 49 O SER A 60 ? O SER A 60 
A 4 5 N LEU A 59 ? N LEU A 59 O VAL A 93 ? O VAL A 93 
A 5 6 O THR A 92 ? O THR A 92 N ALA A 80 ? N ALA A 80 
# 
_pdbx_validate_rmsd_angle.id                         1 
_pdbx_validate_rmsd_angle.PDB_model_num              1 
_pdbx_validate_rmsd_angle.auth_atom_id_1             CB 
_pdbx_validate_rmsd_angle.auth_asym_id_1             A 
_pdbx_validate_rmsd_angle.auth_comp_id_1             ASP 
_pdbx_validate_rmsd_angle.auth_seq_id_1              31 
_pdbx_validate_rmsd_angle.PDB_ins_code_1             ? 
_pdbx_validate_rmsd_angle.label_alt_id_1             ? 
_pdbx_validate_rmsd_angle.auth_atom_id_2             CG 
_pdbx_validate_rmsd_angle.auth_asym_id_2             A 
_pdbx_validate_rmsd_angle.auth_comp_id_2             ASP 
_pdbx_validate_rmsd_angle.auth_seq_id_2              31 
_pdbx_validate_rmsd_angle.PDB_ins_code_2             ? 
_pdbx_validate_rmsd_angle.label_alt_id_2             ? 
_pdbx_validate_rmsd_angle.auth_atom_id_3             OD1 
_pdbx_validate_rmsd_angle.auth_asym_id_3             A 
_pdbx_validate_rmsd_angle.auth_comp_id_3             ASP 
_pdbx_validate_rmsd_angle.auth_seq_id_3              31 
_pdbx_validate_rmsd_angle.PDB_ins_code_3             ? 
_pdbx_validate_rmsd_angle.label_alt_id_3             ? 
_pdbx_validate_rmsd_angle.angle_value                123.73 
_pdbx_validate_rmsd_angle.angle_target_value         118.30 
_pdbx_validate_rmsd_angle.angle_deviation            5.43 
_pdbx_validate_rmsd_angle.angle_standard_deviation   0.90 
_pdbx_validate_rmsd_angle.linker_flag                N 
# 
_pdbx_validate_torsion.id              1 
_pdbx_validate_torsion.PDB_model_num   1 
_pdbx_validate_torsion.auth_comp_id    HIS 
_pdbx_validate_torsion.auth_asym_id    A 
_pdbx_validate_torsion.auth_seq_id     75 
_pdbx_validate_torsion.PDB_ins_code    ? 
_pdbx_validate_torsion.label_alt_id    ? 
_pdbx_validate_torsion.phi             -143.62 
_pdbx_validate_torsion.psi             59.88 
# 
_pdbx_SG_project.id                    1 
_pdbx_SG_project.project_name          'PSI, Protein Structure Initiative' 
_pdbx_SG_project.full_name_of_center   'New York SGX Research Center for Structural Genomics' 
_pdbx_SG_project.initial_of_center     NYSGXRC 
# 
loop_
_pdbx_unobs_or_zero_occ_residues.id 
_pdbx_unobs_or_zero_occ_residues.PDB_model_num 
_pdbx_unobs_or_zero_occ_residues.polymer_flag 
_pdbx_unobs_or_zero_occ_residues.occupancy_flag 
_pdbx_unobs_or_zero_occ_residues.auth_asym_id 
_pdbx_unobs_or_zero_occ_residues.auth_comp_id 
_pdbx_unobs_or_zero_occ_residues.auth_seq_id 
_pdbx_unobs_or_zero_occ_residues.PDB_ins_code 
_pdbx_unobs_or_zero_occ_residues.label_asym_id 
_pdbx_unobs_or_zero_occ_residues.label_comp_id 
_pdbx_unobs_or_zero_occ_residues.label_seq_id 
1 1 Y 1 A MET 1   ? A MET 1   
2 1 Y 1 A SER 2   ? A SER 2   
3 1 Y 1 A HIS 141 ? A HIS 141 
4 1 Y 1 A HIS 142 ? A HIS 142 
5 1 Y 1 A HIS 143 ? A HIS 143 
6 1 Y 1 A HIS 144 ? A HIS 144 
# 
loop_
_chem_comp_atom.comp_id 
_chem_comp_atom.atom_id 
_chem_comp_atom.type_symbol 
_chem_comp_atom.pdbx_aromatic_flag 
_chem_comp_atom.pdbx_stereo_config 
_chem_comp_atom.pdbx_ordinal 
ALA N    N N N 1   
ALA CA   C N S 2   
ALA C    C N N 3   
ALA O    O N N 4   
ALA CB   C N N 5   
ALA OXT  O N N 6   
ALA H    H N N 7   
ALA H2   H N N 8   
ALA HA   H N N 9   
ALA HB1  H N N 10  
ALA HB2  H N N 11  
ALA HB3  H N N 12  
ALA HXT  H N N 13  
ARG N    N N N 14  
ARG CA   C N S 15  
ARG C    C N N 16  
ARG O    O N N 17  
ARG CB   C N N 18  
ARG CG   C N N 19  
ARG CD   C N N 20  
ARG NE   N N N 21  
ARG CZ   C N N 22  
ARG NH1  N N N 23  
ARG NH2  N N N 24  
ARG OXT  O N N 25  
ARG H    H N N 26  
ARG H2   H N N 27  
ARG HA   H N N 28  
ARG HB2  H N N 29  
ARG HB3  H N N 30  
ARG HG2  H N N 31  
ARG HG3  H N N 32  
ARG HD2  H N N 33  
ARG HD3  H N N 34  
ARG HE   H N N 35  
ARG HH11 H N N 36  
ARG HH12 H N N 37  
ARG HH21 H N N 38  
ARG HH22 H N N 39  
ARG HXT  H N N 40  
ASN N    N N N 41  
ASN CA   C N S 42  
ASN C    C N N 43  
ASN O    O N N 44  
ASN CB   C N N 45  
ASN CG   C N N 46  
ASN OD1  O N N 47  
ASN ND2  N N N 48  
ASN OXT  O N N 49  
ASN H    H N N 50  
ASN H2   H N N 51  
ASN HA   H N N 52  
ASN HB2  H N N 53  
ASN HB3  H N N 54  
ASN HD21 H N N 55  
ASN HD22 H N N 56  
ASN HXT  H N N 57  
ASP N    N N N 58  
ASP CA   C N S 59  
ASP C    C N N 60  
ASP O    O N N 61  
ASP CB   C N N 62  
ASP CG   C N N 63  
ASP OD1  O N N 64  
ASP OD2  O N N 65  
ASP OXT  O N N 66  
ASP H    H N N 67  
ASP H2   H N N 68  
ASP HA   H N N 69  
ASP HB2  H N N 70  
ASP HB3  H N N 71  
ASP HD2  H N N 72  
ASP HXT  H N N 73  
CYS N    N N N 74  
CYS CA   C N R 75  
CYS C    C N N 76  
CYS O    O N N 77  
CYS CB   C N N 78  
CYS SG   S N N 79  
CYS OXT  O N N 80  
CYS H    H N N 81  
CYS H2   H N N 82  
CYS HA   H N N 83  
CYS HB2  H N N 84  
CYS HB3  H N N 85  
CYS HG   H N N 86  
CYS HXT  H N N 87  
GLN N    N N N 88  
GLN CA   C N S 89  
GLN C    C N N 90  
GLN O    O N N 91  
GLN CB   C N N 92  
GLN CG   C N N 93  
GLN CD   C N N 94  
GLN OE1  O N N 95  
GLN NE2  N N N 96  
GLN OXT  O N N 97  
GLN H    H N N 98  
GLN H2   H N N 99  
GLN HA   H N N 100 
GLN HB2  H N N 101 
GLN HB3  H N N 102 
GLN HG2  H N N 103 
GLN HG3  H N N 104 
GLN HE21 H N N 105 
GLN HE22 H N N 106 
GLN HXT  H N N 107 
GLU N    N N N 108 
GLU CA   C N S 109 
GLU C    C N N 110 
GLU O    O N N 111 
GLU CB   C N N 112 
GLU CG   C N N 113 
GLU CD   C N N 114 
GLU OE1  O N N 115 
GLU OE2  O N N 116 
GLU OXT  O N N 117 
GLU H    H N N 118 
GLU H2   H N N 119 
GLU HA   H N N 120 
GLU HB2  H N N 121 
GLU HB3  H N N 122 
GLU HG2  H N N 123 
GLU HG3  H N N 124 
GLU HE2  H N N 125 
GLU HXT  H N N 126 
GLY N    N N N 127 
GLY CA   C N N 128 
GLY C    C N N 129 
GLY O    O N N 130 
GLY OXT  O N N 131 
GLY H    H N N 132 
GLY H2   H N N 133 
GLY HA2  H N N 134 
GLY HA3  H N N 135 
GLY HXT  H N N 136 
HIS N    N N N 137 
HIS CA   C N S 138 
HIS C    C N N 139 
HIS O    O N N 140 
HIS CB   C N N 141 
HIS CG   C Y N 142 
HIS ND1  N Y N 143 
HIS CD2  C Y N 144 
HIS CE1  C Y N 145 
HIS NE2  N Y N 146 
HIS OXT  O N N 147 
HIS H    H N N 148 
HIS H2   H N N 149 
HIS HA   H N N 150 
HIS HB2  H N N 151 
HIS HB3  H N N 152 
HIS HD1  H N N 153 
HIS HD2  H N N 154 
HIS HE1  H N N 155 
HIS HE2  H N N 156 
HIS HXT  H N N 157 
HOH O    O N N 158 
HOH H1   H N N 159 
HOH H2   H N N 160 
ILE N    N N N 161 
ILE CA   C N S 162 
ILE C    C N N 163 
ILE O    O N N 164 
ILE CB   C N S 165 
ILE CG1  C N N 166 
ILE CG2  C N N 167 
ILE CD1  C N N 168 
ILE OXT  O N N 169 
ILE H    H N N 170 
ILE H2   H N N 171 
ILE HA   H N N 172 
ILE HB   H N N 173 
ILE HG12 H N N 174 
ILE HG13 H N N 175 
ILE HG21 H N N 176 
ILE HG22 H N N 177 
ILE HG23 H N N 178 
ILE HD11 H N N 179 
ILE HD12 H N N 180 
ILE HD13 H N N 181 
ILE HXT  H N N 182 
LEU N    N N N 183 
LEU CA   C N S 184 
LEU C    C N N 185 
LEU O    O N N 186 
LEU CB   C N N 187 
LEU CG   C N N 188 
LEU CD1  C N N 189 
LEU CD2  C N N 190 
LEU OXT  O N N 191 
LEU H    H N N 192 
LEU H2   H N N 193 
LEU HA   H N N 194 
LEU HB2  H N N 195 
LEU HB3  H N N 196 
LEU HG   H N N 197 
LEU HD11 H N N 198 
LEU HD12 H N N 199 
LEU HD13 H N N 200 
LEU HD21 H N N 201 
LEU HD22 H N N 202 
LEU HD23 H N N 203 
LEU HXT  H N N 204 
LYS N    N N N 205 
LYS CA   C N S 206 
LYS C    C N N 207 
LYS O    O N N 208 
LYS CB   C N N 209 
LYS CG   C N N 210 
LYS CD   C N N 211 
LYS CE   C N N 212 
LYS NZ   N N N 213 
LYS OXT  O N N 214 
LYS H    H N N 215 
LYS H2   H N N 216 
LYS HA   H N N 217 
LYS HB2  H N N 218 
LYS HB3  H N N 219 
LYS HG2  H N N 220 
LYS HG3  H N N 221 
LYS HD2  H N N 222 
LYS HD3  H N N 223 
LYS HE2  H N N 224 
LYS HE3  H N N 225 
LYS HZ1  H N N 226 
LYS HZ2  H N N 227 
LYS HZ3  H N N 228 
LYS HXT  H N N 229 
MET N    N N N 230 
MET CA   C N S 231 
MET C    C N N 232 
MET O    O N N 233 
MET CB   C N N 234 
MET CG   C N N 235 
MET SD   S N N 236 
MET CE   C N N 237 
MET OXT  O N N 238 
MET H    H N N 239 
MET H2   H N N 240 
MET HA   H N N 241 
MET HB2  H N N 242 
MET HB3  H N N 243 
MET HG2  H N N 244 
MET HG3  H N N 245 
MET HE1  H N N 246 
MET HE2  H N N 247 
MET HE3  H N N 248 
MET HXT  H N N 249 
PHE N    N N N 250 
PHE CA   C N S 251 
PHE C    C N N 252 
PHE O    O N N 253 
PHE CB   C N N 254 
PHE CG   C Y N 255 
PHE CD1  C Y N 256 
PHE CD2  C Y N 257 
PHE CE1  C Y N 258 
PHE CE2  C Y N 259 
PHE CZ   C Y N 260 
PHE OXT  O N N 261 
PHE H    H N N 262 
PHE H2   H N N 263 
PHE HA   H N N 264 
PHE HB2  H N N 265 
PHE HB3  H N N 266 
PHE HD1  H N N 267 
PHE HD2  H N N 268 
PHE HE1  H N N 269 
PHE HE2  H N N 270 
PHE HZ   H N N 271 
PHE HXT  H N N 272 
PRO N    N N N 273 
PRO CA   C N S 274 
PRO C    C N N 275 
PRO O    O N N 276 
PRO CB   C N N 277 
PRO CG   C N N 278 
PRO CD   C N N 279 
PRO OXT  O N N 280 
PRO H    H N N 281 
PRO HA   H N N 282 
PRO HB2  H N N 283 
PRO HB3  H N N 284 
PRO HG2  H N N 285 
PRO HG3  H N N 286 
PRO HD2  H N N 287 
PRO HD3  H N N 288 
PRO HXT  H N N 289 
SER N    N N N 290 
SER CA   C N S 291 
SER C    C N N 292 
SER O    O N N 293 
SER CB   C N N 294 
SER OG   O N N 295 
SER OXT  O N N 296 
SER H    H N N 297 
SER H2   H N N 298 
SER HA   H N N 299 
SER HB2  H N N 300 
SER HB3  H N N 301 
SER HG   H N N 302 
SER HXT  H N N 303 
THR N    N N N 304 
THR CA   C N S 305 
THR C    C N N 306 
THR O    O N N 307 
THR CB   C N R 308 
THR OG1  O N N 309 
THR CG2  C N N 310 
THR OXT  O N N 311 
THR H    H N N 312 
THR H2   H N N 313 
THR HA   H N N 314 
THR HB   H N N 315 
THR HG1  H N N 316 
THR HG21 H N N 317 
THR HG22 H N N 318 
THR HG23 H N N 319 
THR HXT  H N N 320 
TRP N    N N N 321 
TRP CA   C N S 322 
TRP C    C N N 323 
TRP O    O N N 324 
TRP CB   C N N 325 
TRP CG   C Y N 326 
TRP CD1  C Y N 327 
TRP CD2  C Y N 328 
TRP NE1  N Y N 329 
TRP CE2  C Y N 330 
TRP CE3  C Y N 331 
TRP CZ2  C Y N 332 
TRP CZ3  C Y N 333 
TRP CH2  C Y N 334 
TRP OXT  O N N 335 
TRP H    H N N 336 
TRP H2   H N N 337 
TRP HA   H N N 338 
TRP HB2  H N N 339 
TRP HB3  H N N 340 
TRP HD1  H N N 341 
TRP HE1  H N N 342 
TRP HE3  H N N 343 
TRP HZ2  H N N 344 
TRP HZ3  H N N 345 
TRP HH2  H N N 346 
TRP HXT  H N N 347 
TYR N    N N N 348 
TYR CA   C N S 349 
TYR C    C N N 350 
TYR O    O N N 351 
TYR CB   C N N 352 
TYR CG   C Y N 353 
TYR CD1  C Y N 354 
TYR CD2  C Y N 355 
TYR CE1  C Y N 356 
TYR CE2  C Y N 357 
TYR CZ   C Y N 358 
TYR OH   O N N 359 
TYR OXT  O N N 360 
TYR H    H N N 361 
TYR H2   H N N 362 
TYR HA   H N N 363 
TYR HB2  H N N 364 
TYR HB3  H N N 365 
TYR HD1  H N N 366 
TYR HD2  H N N 367 
TYR HE1  H N N 368 
TYR HE2  H N N 369 
TYR HH   H N N 370 
TYR HXT  H N N 371 
VAL N    N N N 372 
VAL CA   C N S 373 
VAL C    C N N 374 
VAL O    O N N 375 
VAL CB   C N N 376 
VAL CG1  C N N 377 
VAL CG2  C N N 378 
VAL OXT  O N N 379 
VAL H    H N N 380 
VAL H2   H N N 381 
VAL HA   H N N 382 
VAL HB   H N N 383 
VAL HG11 H N N 384 
VAL HG12 H N N 385 
VAL HG13 H N N 386 
VAL HG21 H N N 387 
VAL HG22 H N N 388 
VAL HG23 H N N 389 
VAL HXT  H N N 390 
# 
loop_
_chem_comp_bond.comp_id 
_chem_comp_bond.atom_id_1 
_chem_comp_bond.atom_id_2 
_chem_comp_bond.value_order 
_chem_comp_bond.pdbx_aromatic_flag 
_chem_comp_bond.pdbx_stereo_config 
_chem_comp_bond.pdbx_ordinal 
ALA N   CA   sing N N 1   
ALA N   H    sing N N 2   
ALA N   H2   sing N N 3   
ALA CA  C    sing N N 4   
ALA CA  CB   sing N N 5   
ALA CA  HA   sing N N 6   
ALA C   O    doub N N 7   
ALA C   OXT  sing N N 8   
ALA CB  HB1  sing N N 9   
ALA CB  HB2  sing N N 10  
ALA CB  HB3  sing N N 11  
ALA OXT HXT  sing N N 12  
ARG N   CA   sing N N 13  
ARG N   H    sing N N 14  
ARG N   H2   sing N N 15  
ARG CA  C    sing N N 16  
ARG CA  CB   sing N N 17  
ARG CA  HA   sing N N 18  
ARG C   O    doub N N 19  
ARG C   OXT  sing N N 20  
ARG CB  CG   sing N N 21  
ARG CB  HB2  sing N N 22  
ARG CB  HB3  sing N N 23  
ARG CG  CD   sing N N 24  
ARG CG  HG2  sing N N 25  
ARG CG  HG3  sing N N 26  
ARG CD  NE   sing N N 27  
ARG CD  HD2  sing N N 28  
ARG CD  HD3  sing N N 29  
ARG NE  CZ   sing N N 30  
ARG NE  HE   sing N N 31  
ARG CZ  NH1  sing N N 32  
ARG CZ  NH2  doub N N 33  
ARG NH1 HH11 sing N N 34  
ARG NH1 HH12 sing N N 35  
ARG NH2 HH21 sing N N 36  
ARG NH2 HH22 sing N N 37  
ARG OXT HXT  sing N N 38  
ASN N   CA   sing N N 39  
ASN N   H    sing N N 40  
ASN N   H2   sing N N 41  
ASN CA  C    sing N N 42  
ASN CA  CB   sing N N 43  
ASN CA  HA   sing N N 44  
ASN C   O    doub N N 45  
ASN C   OXT  sing N N 46  
ASN CB  CG   sing N N 47  
ASN CB  HB2  sing N N 48  
ASN CB  HB3  sing N N 49  
ASN CG  OD1  doub N N 50  
ASN CG  ND2  sing N N 51  
ASN ND2 HD21 sing N N 52  
ASN ND2 HD22 sing N N 53  
ASN OXT HXT  sing N N 54  
ASP N   CA   sing N N 55  
ASP N   H    sing N N 56  
ASP N   H2   sing N N 57  
ASP CA  C    sing N N 58  
ASP CA  CB   sing N N 59  
ASP CA  HA   sing N N 60  
ASP C   O    doub N N 61  
ASP C   OXT  sing N N 62  
ASP CB  CG   sing N N 63  
ASP CB  HB2  sing N N 64  
ASP CB  HB3  sing N N 65  
ASP CG  OD1  doub N N 66  
ASP CG  OD2  sing N N 67  
ASP OD2 HD2  sing N N 68  
ASP OXT HXT  sing N N 69  
CYS N   CA   sing N N 70  
CYS N   H    sing N N 71  
CYS N   H2   sing N N 72  
CYS CA  C    sing N N 73  
CYS CA  CB   sing N N 74  
CYS CA  HA   sing N N 75  
CYS C   O    doub N N 76  
CYS C   OXT  sing N N 77  
CYS CB  SG   sing N N 78  
CYS CB  HB2  sing N N 79  
CYS CB  HB3  sing N N 80  
CYS SG  HG   sing N N 81  
CYS OXT HXT  sing N N 82  
GLN N   CA   sing N N 83  
GLN N   H    sing N N 84  
GLN N   H2   sing N N 85  
GLN CA  C    sing N N 86  
GLN CA  CB   sing N N 87  
GLN CA  HA   sing N N 88  
GLN C   O    doub N N 89  
GLN C   OXT  sing N N 90  
GLN CB  CG   sing N N 91  
GLN CB  HB2  sing N N 92  
GLN CB  HB3  sing N N 93  
GLN CG  CD   sing N N 94  
GLN CG  HG2  sing N N 95  
GLN CG  HG3  sing N N 96  
GLN CD  OE1  doub N N 97  
GLN CD  NE2  sing N N 98  
GLN NE2 HE21 sing N N 99  
GLN NE2 HE22 sing N N 100 
GLN OXT HXT  sing N N 101 
GLU N   CA   sing N N 102 
GLU N   H    sing N N 103 
GLU N   H2   sing N N 104 
GLU CA  C    sing N N 105 
GLU CA  CB   sing N N 106 
GLU CA  HA   sing N N 107 
GLU C   O    doub N N 108 
GLU C   OXT  sing N N 109 
GLU CB  CG   sing N N 110 
GLU CB  HB2  sing N N 111 
GLU CB  HB3  sing N N 112 
GLU CG  CD   sing N N 113 
GLU CG  HG2  sing N N 114 
GLU CG  HG3  sing N N 115 
GLU CD  OE1  doub N N 116 
GLU CD  OE2  sing N N 117 
GLU OE2 HE2  sing N N 118 
GLU OXT HXT  sing N N 119 
GLY N   CA   sing N N 120 
GLY N   H    sing N N 121 
GLY N   H2   sing N N 122 
GLY CA  C    sing N N 123 
GLY CA  HA2  sing N N 124 
GLY CA  HA3  sing N N 125 
GLY C   O    doub N N 126 
GLY C   OXT  sing N N 127 
GLY OXT HXT  sing N N 128 
HIS N   CA   sing N N 129 
HIS N   H    sing N N 130 
HIS N   H2   sing N N 131 
HIS CA  C    sing N N 132 
HIS CA  CB   sing N N 133 
HIS CA  HA   sing N N 134 
HIS C   O    doub N N 135 
HIS C   OXT  sing N N 136 
HIS CB  CG   sing N N 137 
HIS CB  HB2  sing N N 138 
HIS CB  HB3  sing N N 139 
HIS CG  ND1  sing Y N 140 
HIS CG  CD2  doub Y N 141 
HIS ND1 CE1  doub Y N 142 
HIS ND1 HD1  sing N N 143 
HIS CD2 NE2  sing Y N 144 
HIS CD2 HD2  sing N N 145 
HIS CE1 NE2  sing Y N 146 
HIS CE1 HE1  sing N N 147 
HIS NE2 HE2  sing N N 148 
HIS OXT HXT  sing N N 149 
HOH O   H1   sing N N 150 
HOH O   H2   sing N N 151 
ILE N   CA   sing N N 152 
ILE N   H    sing N N 153 
ILE N   H2   sing N N 154 
ILE CA  C    sing N N 155 
ILE CA  CB   sing N N 156 
ILE CA  HA   sing N N 157 
ILE C   O    doub N N 158 
ILE C   OXT  sing N N 159 
ILE CB  CG1  sing N N 160 
ILE CB  CG2  sing N N 161 
ILE CB  HB   sing N N 162 
ILE CG1 CD1  sing N N 163 
ILE CG1 HG12 sing N N 164 
ILE CG1 HG13 sing N N 165 
ILE CG2 HG21 sing N N 166 
ILE CG2 HG22 sing N N 167 
ILE CG2 HG23 sing N N 168 
ILE CD1 HD11 sing N N 169 
ILE CD1 HD12 sing N N 170 
ILE CD1 HD13 sing N N 171 
ILE OXT HXT  sing N N 172 
LEU N   CA   sing N N 173 
LEU N   H    sing N N 174 
LEU N   H2   sing N N 175 
LEU CA  C    sing N N 176 
LEU CA  CB   sing N N 177 
LEU CA  HA   sing N N 178 
LEU C   O    doub N N 179 
LEU C   OXT  sing N N 180 
LEU CB  CG   sing N N 181 
LEU CB  HB2  sing N N 182 
LEU CB  HB3  sing N N 183 
LEU CG  CD1  sing N N 184 
LEU CG  CD2  sing N N 185 
LEU CG  HG   sing N N 186 
LEU CD1 HD11 sing N N 187 
LEU CD1 HD12 sing N N 188 
LEU CD1 HD13 sing N N 189 
LEU CD2 HD21 sing N N 190 
LEU CD2 HD22 sing N N 191 
LEU CD2 HD23 sing N N 192 
LEU OXT HXT  sing N N 193 
LYS N   CA   sing N N 194 
LYS N   H    sing N N 195 
LYS N   H2   sing N N 196 
LYS CA  C    sing N N 197 
LYS CA  CB   sing N N 198 
LYS CA  HA   sing N N 199 
LYS C   O    doub N N 200 
LYS C   OXT  sing N N 201 
LYS CB  CG   sing N N 202 
LYS CB  HB2  sing N N 203 
LYS CB  HB3  sing N N 204 
LYS CG  CD   sing N N 205 
LYS CG  HG2  sing N N 206 
LYS CG  HG3  sing N N 207 
LYS CD  CE   sing N N 208 
LYS CD  HD2  sing N N 209 
LYS CD  HD3  sing N N 210 
LYS CE  NZ   sing N N 211 
LYS CE  HE2  sing N N 212 
LYS CE  HE3  sing N N 213 
LYS NZ  HZ1  sing N N 214 
LYS NZ  HZ2  sing N N 215 
LYS NZ  HZ3  sing N N 216 
LYS OXT HXT  sing N N 217 
MET N   CA   sing N N 218 
MET N   H    sing N N 219 
MET N   H2   sing N N 220 
MET CA  C    sing N N 221 
MET CA  CB   sing N N 222 
MET CA  HA   sing N N 223 
MET C   O    doub N N 224 
MET C   OXT  sing N N 225 
MET CB  CG   sing N N 226 
MET CB  HB2  sing N N 227 
MET CB  HB3  sing N N 228 
MET CG  SD   sing N N 229 
MET CG  HG2  sing N N 230 
MET CG  HG3  sing N N 231 
MET SD  CE   sing N N 232 
MET CE  HE1  sing N N 233 
MET CE  HE2  sing N N 234 
MET CE  HE3  sing N N 235 
MET OXT HXT  sing N N 236 
PHE N   CA   sing N N 237 
PHE N   H    sing N N 238 
PHE N   H2   sing N N 239 
PHE CA  C    sing N N 240 
PHE CA  CB   sing N N 241 
PHE CA  HA   sing N N 242 
PHE C   O    doub N N 243 
PHE C   OXT  sing N N 244 
PHE CB  CG   sing N N 245 
PHE CB  HB2  sing N N 246 
PHE CB  HB3  sing N N 247 
PHE CG  CD1  doub Y N 248 
PHE CG  CD2  sing Y N 249 
PHE CD1 CE1  sing Y N 250 
PHE CD1 HD1  sing N N 251 
PHE CD2 CE2  doub Y N 252 
PHE CD2 HD2  sing N N 253 
PHE CE1 CZ   doub Y N 254 
PHE CE1 HE1  sing N N 255 
PHE CE2 CZ   sing Y N 256 
PHE CE2 HE2  sing N N 257 
PHE CZ  HZ   sing N N 258 
PHE OXT HXT  sing N N 259 
PRO N   CA   sing N N 260 
PRO N   CD   sing N N 261 
PRO N   H    sing N N 262 
PRO CA  C    sing N N 263 
PRO CA  CB   sing N N 264 
PRO CA  HA   sing N N 265 
PRO C   O    doub N N 266 
PRO C   OXT  sing N N 267 
PRO CB  CG   sing N N 268 
PRO CB  HB2  sing N N 269 
PRO CB  HB3  sing N N 270 
PRO CG  CD   sing N N 271 
PRO CG  HG2  sing N N 272 
PRO CG  HG3  sing N N 273 
PRO CD  HD2  sing N N 274 
PRO CD  HD3  sing N N 275 
PRO OXT HXT  sing N N 276 
SER N   CA   sing N N 277 
SER N   H    sing N N 278 
SER N   H2   sing N N 279 
SER CA  C    sing N N 280 
SER CA  CB   sing N N 281 
SER CA  HA   sing N N 282 
SER C   O    doub N N 283 
SER C   OXT  sing N N 284 
SER CB  OG   sing N N 285 
SER CB  HB2  sing N N 286 
SER CB  HB3  sing N N 287 
SER OG  HG   sing N N 288 
SER OXT HXT  sing N N 289 
THR N   CA   sing N N 290 
THR N   H    sing N N 291 
THR N   H2   sing N N 292 
THR CA  C    sing N N 293 
THR CA  CB   sing N N 294 
THR CA  HA   sing N N 295 
THR C   O    doub N N 296 
THR C   OXT  sing N N 297 
THR CB  OG1  sing N N 298 
THR CB  CG2  sing N N 299 
THR CB  HB   sing N N 300 
THR OG1 HG1  sing N N 301 
THR CG2 HG21 sing N N 302 
THR CG2 HG22 sing N N 303 
THR CG2 HG23 sing N N 304 
THR OXT HXT  sing N N 305 
TRP N   CA   sing N N 306 
TRP N   H    sing N N 307 
TRP N   H2   sing N N 308 
TRP CA  C    sing N N 309 
TRP CA  CB   sing N N 310 
TRP CA  HA   sing N N 311 
TRP C   O    doub N N 312 
TRP C   OXT  sing N N 313 
TRP CB  CG   sing N N 314 
TRP CB  HB2  sing N N 315 
TRP CB  HB3  sing N N 316 
TRP CG  CD1  doub Y N 317 
TRP CG  CD2  sing Y N 318 
TRP CD1 NE1  sing Y N 319 
TRP CD1 HD1  sing N N 320 
TRP CD2 CE2  doub Y N 321 
TRP CD2 CE3  sing Y N 322 
TRP NE1 CE2  sing Y N 323 
TRP NE1 HE1  sing N N 324 
TRP CE2 CZ2  sing Y N 325 
TRP CE3 CZ3  doub Y N 326 
TRP CE3 HE3  sing N N 327 
TRP CZ2 CH2  doub Y N 328 
TRP CZ2 HZ2  sing N N 329 
TRP CZ3 CH2  sing Y N 330 
TRP CZ3 HZ3  sing N N 331 
TRP CH2 HH2  sing N N 332 
TRP OXT HXT  sing N N 333 
TYR N   CA   sing N N 334 
TYR N   H    sing N N 335 
TYR N   H2   sing N N 336 
TYR CA  C    sing N N 337 
TYR CA  CB   sing N N 338 
TYR CA  HA   sing N N 339 
TYR C   O    doub N N 340 
TYR C   OXT  sing N N 341 
TYR CB  CG   sing N N 342 
TYR CB  HB2  sing N N 343 
TYR CB  HB3  sing N N 344 
TYR CG  CD1  doub Y N 345 
TYR CG  CD2  sing Y N 346 
TYR CD1 CE1  sing Y N 347 
TYR CD1 HD1  sing N N 348 
TYR CD2 CE2  doub Y N 349 
TYR CD2 HD2  sing N N 350 
TYR CE1 CZ   doub Y N 351 
TYR CE1 HE1  sing N N 352 
TYR CE2 CZ   sing Y N 353 
TYR CE2 HE2  sing N N 354 
TYR CZ  OH   sing N N 355 
TYR OH  HH   sing N N 356 
TYR OXT HXT  sing N N 357 
VAL N   CA   sing N N 358 
VAL N   H    sing N N 359 
VAL N   H2   sing N N 360 
VAL CA  C    sing N N 361 
VAL CA  CB   sing N N 362 
VAL CA  HA   sing N N 363 
VAL C   O    doub N N 364 
VAL C   OXT  sing N N 365 
VAL CB  CG1  sing N N 366 
VAL CB  CG2  sing N N 367 
VAL CB  HB   sing N N 368 
VAL CG1 HG11 sing N N 369 
VAL CG1 HG12 sing N N 370 
VAL CG1 HG13 sing N N 371 
VAL CG2 HG21 sing N N 372 
VAL CG2 HG22 sing N N 373 
VAL CG2 HG23 sing N N 374 
VAL OXT HXT  sing N N 375 
# 
_atom_sites.entry_id                    2A1V 
_atom_sites.fract_transf_matrix[1][1]   0.00754354 
_atom_sites.fract_transf_matrix[1][2]   -0.00299877 
_atom_sites.fract_transf_matrix[1][3]   -0.01139155 
_atom_sites.fract_transf_matrix[2][1]   0.01396824 
_atom_sites.fract_transf_matrix[2][2]   -0.00020266 
_atom_sites.fract_transf_matrix[2][3]   0.00071506 
_atom_sites.fract_transf_matrix[3][1]   -0.00073015 
_atom_sites.fract_transf_matrix[3][2]   -0.02697554 
_atom_sites.fract_transf_matrix[3][3]   0.00661767 
_atom_sites.fract_transf_vector[1]      1.103290 
_atom_sites.fract_transf_vector[2]      0.670620 
_atom_sites.fract_transf_vector[3]      0.483777 
# 
loop_
_atom_type.symbol 
C 
N 
O 
S 
# 
loop_
_atom_site.group_PDB 
_atom_site.id 
_atom_site.type_symbol 
_atom_site.label_atom_id 
_atom_site.label_alt_id 
_atom_site.label_comp_id 
_atom_site.label_asym_id 
_atom_site.label_entity_id 
_atom_site.label_seq_id 
_atom_site.pdbx_PDB_ins_code 
_atom_site.Cartn_x 
_atom_site.Cartn_y 
_atom_site.Cartn_z 
_atom_site.occupancy 
_atom_site.B_iso_or_equiv 
_atom_site.pdbx_formal_charge 
_atom_site.auth_seq_id 
_atom_site.auth_comp_id 
_atom_site.auth_asym_id 
_atom_site.auth_atom_id 
_atom_site.pdbx_PDB_model_num 
ATOM   1    N N   . LEU A 1 3   ? 10.579  13.937  -6.757  1.00 46.08 ? 3   LEU A N   1 
ATOM   2    C CA  . LEU A 1 3   ? 10.870  13.847  -5.300  1.00 45.98 ? 3   LEU A CA  1 
ATOM   3    C C   . LEU A 1 3   ? 9.773   13.139  -4.470  1.00 44.42 ? 3   LEU A C   1 
ATOM   4    O O   . LEU A 1 3   ? 8.656   12.841  -4.927  1.00 44.24 ? 3   LEU A O   1 
ATOM   5    C CB  . LEU A 1 3   ? 11.202  15.241  -4.698  1.00 46.52 ? 3   LEU A CB  1 
ATOM   6    C CG  . LEU A 1 3   ? 10.201  16.429  -4.657  1.00 48.31 ? 3   LEU A CG  1 
ATOM   7    C CD1 . LEU A 1 3   ? 10.983  17.737  -4.418  1.00 49.72 ? 3   LEU A CD1 1 
ATOM   8    C CD2 . LEU A 1 3   ? 9.268   16.603  -5.899  1.00 48.95 ? 3   LEU A CD2 1 
ATOM   9    N N   . GLN A 1 4   ? 10.191  12.790  -3.262  1.00 42.95 ? 4   GLN A N   1 
ATOM   10   C CA  . GLN A 1 4   ? 9.312   12.536  -2.137  1.00 40.53 ? 4   GLN A CA  1 
ATOM   11   C C   . GLN A 1 4   ? 8.209   13.582  -2.055  1.00 38.50 ? 4   GLN A C   1 
ATOM   12   O O   . GLN A 1 4   ? 8.448   14.775  -1.766  1.00 39.16 ? 4   GLN A O   1 
ATOM   13   C CB  . GLN A 1 4   ? 10.140  12.574  -0.838  1.00 40.14 ? 4   GLN A CB  1 
ATOM   14   C CG  . GLN A 1 4   ? 9.681   11.632  0.227   1.00 40.78 ? 4   GLN A CG  1 
ATOM   15   C CD  . GLN A 1 4   ? 9.107   10.350  -0.341  1.00 42.55 ? 4   GLN A CD  1 
ATOM   16   O OE1 . GLN A 1 4   ? 9.851   9.481   -0.803  1.00 41.41 ? 4   GLN A OE1 1 
ATOM   17   N NE2 . GLN A 1 4   ? 7.753   10.240  -0.339  1.00 42.98 ? 4   GLN A NE2 1 
ATOM   18   N N   . THR A 1 5   ? 6.989   13.143  -2.279  1.00 35.59 ? 5   THR A N   1 
ATOM   19   C CA  . THR A 1 5   ? 5.872   13.939  -1.814  1.00 33.18 ? 5   THR A CA  1 
ATOM   20   C C   . THR A 1 5   ? 5.809   13.807  -0.289  1.00 32.82 ? 5   THR A C   1 
ATOM   21   O O   . THR A 1 5   ? 6.441   12.901  0.310   1.00 32.09 ? 5   THR A O   1 
ATOM   22   C CB  . THR A 1 5   ? 4.524   13.484  -2.410  1.00 33.37 ? 5   THR A CB  1 
ATOM   23   O OG1 . THR A 1 5   ? 4.169   12.184  -1.908  1.00 32.84 ? 5   THR A OG1 1 
ATOM   24   C CG2 . THR A 1 5   ? 4.536   13.532  -3.952  1.00 31.63 ? 5   THR A CG2 1 
ATOM   25   N N   . PRO A 1 6   ? 5.021   14.678  0.337   1.00 31.34 ? 6   PRO A N   1 
ATOM   26   C CA  . PRO A 1 6   ? 4.724   14.605  1.768   1.00 30.48 ? 6   PRO A CA  1 
ATOM   27   C C   . PRO A 1 6   ? 3.903   13.379  2.252   1.00 29.11 ? 6   PRO A C   1 
ATOM   28   O O   . PRO A 1 6   ? 3.680   13.276  3.446   1.00 29.27 ? 6   PRO A O   1 
ATOM   29   C CB  . PRO A 1 6   ? 3.891   15.863  2.004   1.00 31.00 ? 6   PRO A CB  1 
ATOM   30   C CG  . PRO A 1 6   ? 4.121   16.720  0.776   1.00 32.26 ? 6   PRO A CG  1 
ATOM   31   C CD  . PRO A 1 6   ? 4.327   15.802  -0.317  1.00 31.18 ? 6   PRO A CD  1 
ATOM   32   N N   . MET A 1 7   ? 3.425   12.521  1.344   1.00 27.45 ? 7   MET A N   1 
ATOM   33   C CA  . MET A 1 7   ? 2.518   11.398  1.659   1.00 26.25 ? 7   MET A CA  1 
ATOM   34   C C   . MET A 1 7   ? 1.381   11.728  2.663   1.00 24.76 ? 7   MET A C   1 
ATOM   35   O O   . MET A 1 7   ? 1.217   11.085  3.722   1.00 22.37 ? 7   MET A O   1 
ATOM   36   C CB  . MET A 1 7   ? 3.312   10.207  2.136   1.00 25.96 ? 7   MET A CB  1 
ATOM   37   C CG  . MET A 1 7   ? 4.223   9.626   1.066   1.00 29.53 ? 7   MET A CG  1 
ATOM   38   S SD  . MET A 1 7   ? 3.355   8.835   -0.313  1.00 30.35 ? 7   MET A SD  1 
ATOM   39   C CE  . MET A 1 7   ? 2.841   7.314   0.495   1.00 30.79 ? 7   MET A CE  1 
ATOM   40   N N   . GLN A 1 8   ? 0.628   12.756  2.317   1.00 23.48 ? 8   GLN A N   1 
ATOM   41   C CA  . GLN A 1 8   ? -0.393  13.266  3.187   1.00 23.66 ? 8   GLN A CA  1 
ATOM   42   C C   . GLN A 1 8   ? -1.746  13.462  2.469   1.00 23.41 ? 8   GLN A C   1 
ATOM   43   O O   . GLN A 1 8   ? -2.788  13.675  3.142   1.00 24.32 ? 8   GLN A O   1 
ATOM   44   C CB  . GLN A 1 8   ? 0.114   14.539  3.898   1.00 23.58 ? 8   GLN A CB  1 
ATOM   45   C CG  . GLN A 1 8   ? 1.015   14.211  5.121   1.00 24.54 ? 8   GLN A CG  1 
ATOM   46   C CD  . GLN A 1 8   ? 1.393   15.407  5.992   1.00 25.43 ? 8   GLN A CD  1 
ATOM   47   O OE1 . GLN A 1 8   ? 0.531   16.029  6.602   1.00 30.47 ? 8   GLN A OE1 1 
ATOM   48   N NE2 . GLN A 1 8   ? 2.690   15.728  6.054   1.00 25.66 ? 8   GLN A NE2 1 
ATOM   49   N N   . THR A 1 9   ? -1.755  13.387  1.132   1.00 21.07 ? 9   THR A N   1 
ATOM   50   C CA  . THR A 1 9   ? -2.986  13.566  0.374   1.00 21.14 ? 9   THR A CA  1 
ATOM   51   C C   . THR A 1 9   ? -3.216  12.403  -0.557  1.00 19.92 ? 9   THR A C   1 
ATOM   52   O O   . THR A 1 9   ? -2.315  11.664  -0.881  1.00 18.88 ? 9   THR A O   1 
ATOM   53   C CB  . THR A 1 9   ? -2.948  14.856  -0.529  1.00 22.04 ? 9   THR A CB  1 
ATOM   54   O OG1 . THR A 1 9   ? -1.934  14.703  -1.537  1.00 23.31 ? 9   THR A OG1 1 
ATOM   55   C CG2 . THR A 1 9   ? -2.662  16.151  0.296   1.00 20.63 ? 9   THR A CG2 1 
ATOM   56   N N   . VAL A 1 10  ? -4.434  12.312  -1.040  1.00 19.75 ? 10  VAL A N   1 
ATOM   57   C CA  . VAL A 1 10  ? -4.840  11.317  -2.004  1.00 20.66 ? 10  VAL A CA  1 
ATOM   58   C C   . VAL A 1 10  ? -4.009  11.485  -3.250  1.00 20.10 ? 10  VAL A C   1 
ATOM   59   O O   . VAL A 1 10  ? -3.619  10.493  -3.832  1.00 19.64 ? 10  VAL A O   1 
ATOM   60   C CB  . VAL A 1 10  ? -6.377  11.447  -2.350  1.00 20.53 ? 10  VAL A CB  1 
ATOM   61   C CG1 . VAL A 1 10  ? -6.798  10.413  -3.340  1.00 20.68 ? 10  VAL A CG1 1 
ATOM   62   C CG2 . VAL A 1 10  ? -7.200  11.292  -1.103  1.00 22.72 ? 10  VAL A CG2 1 
ATOM   63   N N   . ASP A 1 11  ? -3.796  12.745  -3.663  1.00 20.27 ? 11  ASP A N   1 
ATOM   64   C CA  . ASP A 1 11  ? -2.957  13.091  -4.829  1.00 22.00 ? 11  ASP A CA  1 
ATOM   65   C C   . ASP A 1 11  ? -1.568  12.492  -4.685  1.00 21.76 ? 11  ASP A C   1 
ATOM   66   O O   . ASP A 1 11  ? -1.055  11.951  -5.653  1.00 21.22 ? 11  ASP A O   1 
ATOM   67   C CB  . ASP A 1 11  ? -2.776  14.605  -5.054  1.00 23.40 ? 11  ASP A CB  1 
ATOM   68   C CG  . ASP A 1 11  ? -3.971  15.461  -4.567  1.00 27.67 ? 11  ASP A CG  1 
ATOM   69   O OD1 . ASP A 1 11  ? -4.451  15.292  -3.392  1.00 32.82 ? 11  ASP A OD1 1 
ATOM   70   O OD2 . ASP A 1 11  ? -4.406  16.341  -5.339  1.00 31.54 ? 11  ASP A OD2 1 
ATOM   71   N N   . ASP A 1 12  ? -1.001  12.535  -3.466  1.00 21.82 ? 12  ASP A N   1 
ATOM   72   C CA  . ASP A 1 12  ? 0.296   11.904  -3.154  1.00 21.96 ? 12  ASP A CA  1 
ATOM   73   C C   . ASP A 1 12  ? 0.263   10.360  -3.414  1.00 22.22 ? 12  ASP A C   1 
ATOM   74   O O   . ASP A 1 12  ? 1.197   9.771   -3.974  1.00 19.25 ? 12  ASP A O   1 
ATOM   75   C CB  . ASP A 1 12  ? 0.691   12.172  -1.673  1.00 22.40 ? 12  ASP A CB  1 
ATOM   76   C CG  . ASP A 1 12  ? 1.091   13.644  -1.403  1.00 25.12 ? 12  ASP A CG  1 
ATOM   77   O OD1 . ASP A 1 12  ? 1.542   14.344  -2.344  1.00 23.79 ? 12  ASP A OD1 1 
ATOM   78   O OD2 . ASP A 1 12  ? 1.013   14.089  -0.221  1.00 27.36 ? 12  ASP A OD2 1 
ATOM   79   N N   . LEU A 1 13  ? -0.840  9.734   -3.003  1.00 22.80 ? 13  LEU A N   1 
ATOM   80   C CA  . LEU A 1 13  ? -1.019  8.300   -3.126  1.00 23.26 ? 13  LEU A CA  1 
ATOM   81   C C   . LEU A 1 13  ? -1.239  7.875   -4.569  1.00 23.61 ? 13  LEU A C   1 
ATOM   82   O O   . LEU A 1 13  ? -0.652  6.890   -5.002  1.00 22.61 ? 13  LEU A O   1 
ATOM   83   C CB  . LEU A 1 13  ? -2.206  7.845   -2.286  1.00 23.35 ? 13  LEU A CB  1 
ATOM   84   C CG  . LEU A 1 13  ? -2.183  8.119   -0.772  1.00 23.20 ? 13  LEU A CG  1 
ATOM   85   C CD1 . LEU A 1 13  ? -3.447  7.534   -0.142  1.00 23.82 ? 13  LEU A CD1 1 
ATOM   86   C CD2 . LEU A 1 13  ? -0.945  7.557   -0.096  1.00 20.55 ? 13  LEU A CD2 1 
ATOM   87   N N   . ARG A 1 14  ? -2.076  8.613   -5.291  1.00 24.27 ? 14  ARG A N   1 
ATOM   88   C CA  . ARG A 1 14  ? -2.241  8.421   -6.719  1.00 25.35 ? 14  ARG A CA  1 
ATOM   89   C C   . ARG A 1 14  ? -0.911  8.502   -7.432  1.00 25.18 ? 14  ARG A C   1 
ATOM   90   O O   . ARG A 1 14  ? -0.608  7.684   -8.265  1.00 26.25 ? 14  ARG A O   1 
ATOM   91   C CB  . ARG A 1 14  ? -3.204  9.446   -7.313  1.00 26.24 ? 14  ARG A CB  1 
ATOM   92   C CG  . ARG A 1 14  ? -4.623  9.254   -6.926  1.00 27.18 ? 14  ARG A CG  1 
ATOM   93   C CD  . ARG A 1 14  ? -5.601  9.590   -7.985  1.00 27.52 ? 14  ARG A CD  1 
ATOM   94   N NE  . ARG A 1 14  ? -6.928  9.181   -7.587  1.00 29.68 ? 14  ARG A NE  1 
ATOM   95   C CZ  . ARG A 1 14  ? -7.767  9.937   -6.938  1.00 30.44 ? 14  ARG A CZ  1 
ATOM   96   N NH1 . ARG A 1 14  ? -7.426  11.168  -6.628  1.00 39.98 ? 14  ARG A NH1 1 
ATOM   97   N NH2 . ARG A 1 14  ? -8.950  9.481   -6.617  1.00 34.13 ? 14  ARG A NH2 1 
ATOM   98   N N   . SER A 1 15  ? -0.117  9.493   -7.074  1.00 24.80 ? 15  SER A N   1 
ATOM   99   C CA  . SER A 1 15  ? 1.138   9.721   -7.738  1.00 25.36 ? 15  SER A CA  1 
ATOM   100  C C   . SER A 1 15  ? 2.070   8.507   -7.635  1.00 25.21 ? 15  SER A C   1 
ATOM   101  O O   . SER A 1 15  ? 2.898   8.286   -8.534  1.00 25.81 ? 15  SER A O   1 
ATOM   102  C CB  . SER A 1 15  ? 1.839   11.021  -7.237  1.00 25.41 ? 15  SER A CB  1 
ATOM   103  O OG  . SER A 1 15  ? 2.516   10.848  -5.976  1.00 30.24 ? 15  SER A OG  1 
ATOM   104  N N   . VAL A 1 16  ? 1.981   7.763   -6.535  1.00 23.74 ? 16  VAL A N   1 
ATOM   105  C CA  . VAL A 1 16  ? 2.833   6.605   -6.340  1.00 22.92 ? 16  VAL A CA  1 
ATOM   106  C C   . VAL A 1 16  ? 2.210   5.455   -7.109  1.00 22.10 ? 16  VAL A C   1 
ATOM   107  O O   . VAL A 1 16  ? 2.868   4.809   -7.925  1.00 22.33 ? 16  VAL A O   1 
ATOM   108  C CB  . VAL A 1 16  ? 2.994   6.275   -4.848  1.00 23.30 ? 16  VAL A CB  1 
ATOM   109  C CG1 . VAL A 1 16  ? 3.606   4.870   -4.665  1.00 23.30 ? 16  VAL A CG1 1 
ATOM   110  C CG2 . VAL A 1 16  ? 3.857   7.346   -4.187  1.00 22.83 ? 16  VAL A CG2 1 
ATOM   111  N N   . CYS A 1 17  ? 0.909   5.260   -6.926  1.00 21.02 ? 17  CYS A N   1 
ATOM   112  C CA  . CYS A 1 17  ? 0.213   4.086   -7.502  1.00 20.71 ? 17  CYS A CA  1 
ATOM   113  C C   . CYS A 1 17  ? 0.054   4.137   -9.032  1.00 20.23 ? 17  CYS A C   1 
ATOM   114  O O   . CYS A 1 17  ? 0.021   3.117   -9.658  1.00 18.35 ? 17  CYS A O   1 
ATOM   115  C CB  . CYS A 1 17  ? -1.140  3.854   -6.786  1.00 19.98 ? 17  CYS A CB  1 
ATOM   116  S SG  . CYS A 1 17  ? -0.910  3.534   -5.058  1.00 18.13 ? 17  CYS A SG  1 
ATOM   117  N N   . ASP A 1 18  ? -0.012  5.341   -9.598  1.00 21.32 ? 18  ASP A N   1 
ATOM   118  C CA  . ASP A 1 18  ? -0.122  5.553   -11.041 1.00 22.40 ? 18  ASP A CA  1 
ATOM   119  C C   . ASP A 1 18  ? 1.093   4.970   -11.778 1.00 23.20 ? 18  ASP A C   1 
ATOM   120  O O   . ASP A 1 18  ? 0.986   4.634   -12.946 1.00 24.56 ? 18  ASP A O   1 
ATOM   121  C CB  . ASP A 1 18  ? -0.201  7.054   -11.397 1.00 22.11 ? 18  ASP A CB  1 
ATOM   122  C CG  . ASP A 1 18  ? -1.589  7.654   -11.228 1.00 22.24 ? 18  ASP A CG  1 
ATOM   123  O OD1 . ASP A 1 18  ? -2.590  6.946   -10.976 1.00 26.75 ? 18  ASP A OD1 1 
ATOM   124  O OD2 . ASP A 1 18  ? -1.679  8.879   -11.350 1.00 22.28 ? 18  ASP A OD2 1 
ATOM   125  N N   . GLU A 1 19  ? 2.238   4.891   -11.109 1.00 23.43 ? 19  GLU A N   1 
ATOM   126  C CA  . GLU A 1 19  ? 3.464   4.315   -11.690 1.00 23.83 ? 19  GLU A CA  1 
ATOM   127  C C   . GLU A 1 19  ? 3.620   2.783   -11.582 1.00 22.35 ? 19  GLU A C   1 
ATOM   128  O O   . GLU A 1 19  ? 4.599   2.225   -12.111 1.00 21.81 ? 19  GLU A O   1 
ATOM   129  C CB  . GLU A 1 19  ? 4.669   4.825   -10.954 1.00 24.16 ? 19  GLU A CB  1 
ATOM   130  C CG  . GLU A 1 19  ? 4.697   6.265   -10.665 1.00 28.66 ? 19  GLU A CG  1 
ATOM   131  C CD  . GLU A 1 19  ? 5.719   6.505   -9.585  1.00 31.02 ? 19  GLU A CD  1 
ATOM   132  O OE1 . GLU A 1 19  ? 6.016   5.471   -8.892  1.00 43.31 ? 19  GLU A OE1 1 
ATOM   133  O OE2 . GLU A 1 19  ? 6.194   7.672   -9.419  1.00 36.34 ? 19  GLU A OE2 1 
ATOM   134  N N   . LEU A 1 20  ? 2.733   2.138   -10.824 1.00 20.84 ? 20  LEU A N   1 
ATOM   135  C CA  . LEU A 1 20  ? 2.841   0.707   -10.552 1.00 19.99 ? 20  LEU A CA  1 
ATOM   136  C C   . LEU A 1 20  ? 2.045   -0.022  -11.619 1.00 19.14 ? 20  LEU A C   1 
ATOM   137  O O   . LEU A 1 20  ? 0.896   0.327   -11.896 1.00 18.14 ? 20  LEU A O   1 
ATOM   138  C CB  . LEU A 1 20  ? 2.320   0.382   -9.172  1.00 19.34 ? 20  LEU A CB  1 
ATOM   139  C CG  . LEU A 1 20  ? 2.924   1.231   -8.075  1.00 19.98 ? 20  LEU A CG  1 
ATOM   140  C CD1 . LEU A 1 20  ? 2.273   1.001   -6.697  1.00 16.73 ? 20  LEU A CD1 1 
ATOM   141  C CD2 . LEU A 1 20  ? 4.432   1.002   -8.054  1.00 21.80 ? 20  LEU A CD2 1 
ATOM   142  N N   . PRO A 1 21  ? 2.693   -0.998  -12.281 1.00 19.22 ? 21  PRO A N   1 
ATOM   143  C CA  . PRO A 1 21  ? 2.070   -1.728  -13.359 1.00 18.64 ? 21  PRO A CA  1 
ATOM   144  C C   . PRO A 1 21  ? 0.820   -2.482  -12.945 1.00 18.26 ? 21  PRO A C   1 
ATOM   145  O O   . PRO A 1 21  ? 0.805   -3.164  -11.912 1.00 17.76 ? 21  PRO A O   1 
ATOM   146  C CB  . PRO A 1 21  ? 3.178   -2.716  -13.812 1.00 17.57 ? 21  PRO A CB  1 
ATOM   147  C CG  . PRO A 1 21  ? 4.453   -2.048  -13.387 1.00 18.23 ? 21  PRO A CG  1 
ATOM   148  C CD  . PRO A 1 21  ? 4.095   -1.448  -12.072 1.00 19.17 ? 21  PRO A CD  1 
ATOM   149  N N   . HIS A 1 22  ? -0.183  -2.354  -13.804 1.00 17.27 ? 22  HIS A N   1 
ATOM   150  C CA  . HIS A 1 22  ? -1.507  -2.968  -13.653 1.00 18.42 ? 22  HIS A CA  1 
ATOM   151  C C   . HIS A 1 22  ? -2.269  -2.607  -12.364 1.00 19.30 ? 22  HIS A C   1 
ATOM   152  O O   . HIS A 1 22  ? -3.013  -3.449  -11.794 1.00 18.53 ? 22  HIS A O   1 
ATOM   153  C CB  . HIS A 1 22  ? -1.403  -4.459  -13.818 1.00 19.10 ? 22  HIS A CB  1 
ATOM   154  C CG  . HIS A 1 22  ? -0.728  -4.872  -15.072 1.00 20.30 ? 22  HIS A CG  1 
ATOM   155  N ND1 . HIS A 1 22  ? -1.360  -4.837  -16.301 1.00 21.50 ? 22  HIS A ND1 1 
ATOM   156  C CD2 . HIS A 1 22  ? 0.539   -5.304  -15.299 1.00 20.93 ? 22  HIS A CD2 1 
ATOM   157  C CE1 . HIS A 1 22  ? -0.518  -5.267  -17.225 1.00 21.61 ? 22  HIS A CE1 1 
ATOM   158  N NE2 . HIS A 1 22  ? 0.639   -5.560  -16.644 1.00 19.88 ? 22  HIS A NE2 1 
ATOM   159  N N   . SER A 1 23  ? -2.112  -1.339  -11.934 1.00 18.91 ? 23  SER A N   1 
ATOM   160  C CA  . SER A 1 23  ? -2.797  -0.880  -10.766 1.00 19.55 ? 23  SER A CA  1 
ATOM   161  C C   . SER A 1 23  ? -4.081  -0.213  -11.253 1.00 19.43 ? 23  SER A C   1 
ATOM   162  O O   . SER A 1 23  ? -4.136  0.320   -12.366 1.00 17.52 ? 23  SER A O   1 
ATOM   163  C CB  . SER A 1 23  ? -1.960  0.067   -9.919  1.00 19.31 ? 23  SER A CB  1 
ATOM   164  O OG  . SER A 1 23  ? -2.759  0.614   -8.868  1.00 20.24 ? 23  SER A OG  1 
ATOM   165  N N   . LEU A 1 24  ? -5.103  -0.290  -10.411 1.00 19.33 ? 24  LEU A N   1 
ATOM   166  C CA  . LEU A 1 24  ? -6.477  0.152   -10.748 1.00 20.65 ? 24  LEU A CA  1 
ATOM   167  C C   . LEU A 1 24  ? -7.152  0.693   -9.474  1.00 20.42 ? 24  LEU A C   1 
ATOM   168  O O   . LEU A 1 24  ? -7.041  0.091   -8.393  1.00 19.38 ? 24  LEU A O   1 
ATOM   169  C CB  . LEU A 1 24  ? -7.284  -1.077  -11.194 1.00 23.10 ? 24  LEU A CB  1 
ATOM   170  C CG  . LEU A 1 24  ? -6.744  -2.028  -12.296 1.00 26.37 ? 24  LEU A CG  1 
ATOM   171  C CD1 . LEU A 1 24  ? -7.057  -3.538  -12.010 1.00 27.33 ? 24  LEU A CD1 1 
ATOM   172  C CD2 . LEU A 1 24  ? -7.305  -1.598  -13.661 1.00 30.10 ? 24  LEU A CD2 1 
ATOM   173  N N   . GLU A 1 25  ? -7.810  1.835   -9.603  1.00 20.63 ? 25  GLU A N   1 
ATOM   174  C CA  . GLU A 1 25  ? -8.582  2.441   -8.552  1.00 20.55 ? 25  GLU A CA  1 
ATOM   175  C C   . GLU A 1 25  ? -10.049 2.090   -8.671  1.00 20.15 ? 25  GLU A C   1 
ATOM   176  O O   . GLU A 1 25  ? -10.609 2.052   -9.761  1.00 20.65 ? 25  GLU A O   1 
ATOM   177  C CB  . GLU A 1 25  ? -8.453  3.942   -8.625  1.00 20.81 ? 25  GLU A CB  1 
ATOM   178  C CG  . GLU A 1 25  ? -7.062  4.432   -8.305  1.00 21.00 ? 25  GLU A CG  1 
ATOM   179  C CD  . GLU A 1 25  ? -6.978  5.953   -8.456  1.00 22.01 ? 25  GLU A CD  1 
ATOM   180  O OE1 . GLU A 1 25  ? -8.040  6.589   -8.406  1.00 24.41 ? 25  GLU A OE1 1 
ATOM   181  O OE2 . GLU A 1 25  ? -5.882  6.512   -8.603  1.00 25.44 ? 25  GLU A OE2 1 
ATOM   182  N N   . THR A 1 26  ? -10.660 1.797   -7.536  1.00 19.37 ? 26  THR A N   1 
ATOM   183  C CA  . THR A 1 26  ? -12.090 1.499   -7.430  1.00 19.02 ? 26  THR A CA  1 
ATOM   184  C C   . THR A 1 26  ? -12.585 1.938   -6.052  1.00 18.38 ? 26  THR A C   1 
ATOM   185  O O   . THR A 1 26  ? -11.781 2.249   -5.147  1.00 16.99 ? 26  THR A O   1 
ATOM   186  C CB  . THR A 1 26  ? -12.454 -0.021  -7.589  1.00 19.88 ? 26  THR A CB  1 
ATOM   187  O OG1 . THR A 1 26  ? -11.652 -0.848  -6.731  1.00 19.07 ? 26  THR A OG1 1 
ATOM   188  C CG2 . THR A 1 26  ? -12.336 -0.459  -9.023  1.00 21.97 ? 26  THR A CG2 1 
ATOM   189  N N   . PHE A 1 27  ? -13.908 1.973   -5.938  1.00 17.22 ? 27  PHE A N   1 
ATOM   190  C CA  . PHE A 1 27  ? -14.631 2.236   -4.702  1.00 18.46 ? 27  PHE A CA  1 
ATOM   191  C C   . PHE A 1 27  ? -15.642 1.075   -4.512  1.00 19.07 ? 27  PHE A C   1 
ATOM   192  O O   . PHE A 1 27  ? -16.804 1.225   -4.832  1.00 17.52 ? 27  PHE A O   1 
ATOM   193  C CB  . PHE A 1 27  ? -15.397 3.571   -4.807  1.00 18.26 ? 27  PHE A CB  1 
ATOM   194  C CG  . PHE A 1 27  ? -14.536 4.799   -4.718  1.00 17.40 ? 27  PHE A CG  1 
ATOM   195  C CD1 . PHE A 1 27  ? -14.253 5.377   -3.500  1.00 15.99 ? 27  PHE A CD1 1 
ATOM   196  C CD2 . PHE A 1 27  ? -14.038 5.387   -5.855  1.00 17.74 ? 27  PHE A CD2 1 
ATOM   197  C CE1 . PHE A 1 27  ? -13.499 6.534   -3.409  1.00 15.91 ? 27  PHE A CE1 1 
ATOM   198  C CE2 . PHE A 1 27  ? -13.251 6.554   -5.777  1.00 18.27 ? 27  PHE A CE2 1 
ATOM   199  C CZ  . PHE A 1 27  ? -12.997 7.126   -4.562  1.00 18.09 ? 27  PHE A CZ  1 
ATOM   200  N N   . PRO A 1 28  ? -15.168 -0.119  -4.089  1.00 19.64 ? 28  PRO A N   1 
ATOM   201  C CA  . PRO A 1 28  ? -16.053 -1.300  -4.042  1.00 19.78 ? 28  PRO A CA  1 
ATOM   202  C C   . PRO A 1 28  ? -17.011 -1.376  -2.827  1.00 20.15 ? 28  PRO A C   1 
ATOM   203  O O   . PRO A 1 28  ? -17.823 -2.301  -2.726  1.00 19.84 ? 28  PRO A O   1 
ATOM   204  C CB  . PRO A 1 28  ? -15.054 -2.479  -3.999  1.00 19.94 ? 28  PRO A CB  1 
ATOM   205  C CG  . PRO A 1 28  ? -13.850 -1.899  -3.297  1.00 18.77 ? 28  PRO A CG  1 
ATOM   206  C CD  . PRO A 1 28  ? -13.797 -0.434  -3.620  1.00 18.81 ? 28  PRO A CD  1 
ATOM   207  N N   . PHE A 1 29  ? -16.884 -0.435  -1.908  1.00 21.08 ? 29  PHE A N   1 
ATOM   208  C CA  . PHE A 1 29  ? -17.759 -0.326  -0.757  1.00 21.82 ? 29  PHE A CA  1 
ATOM   209  C C   . PHE A 1 29  ? -18.850 0.712   -1.067  1.00 22.79 ? 29  PHE A C   1 
ATOM   210  O O   . PHE A 1 29  ? -18.922 1.246   -2.179  1.00 23.30 ? 29  PHE A O   1 
ATOM   211  C CB  . PHE A 1 29  ? -16.881 -0.017  0.459   1.00 23.51 ? 29  PHE A CB  1 
ATOM   212  C CG  . PHE A 1 29  ? -15.710 -1.001  0.596   1.00 24.29 ? 29  PHE A CG  1 
ATOM   213  C CD1 . PHE A 1 29  ? -15.936 -2.370  0.531   1.00 27.78 ? 29  PHE A CD1 1 
ATOM   214  C CD2 . PHE A 1 29  ? -14.400 -0.571  0.644   1.00 25.82 ? 29  PHE A CD2 1 
ATOM   215  C CE1 . PHE A 1 29  ? -14.865 -3.299  0.610   1.00 28.91 ? 29  PHE A CE1 1 
ATOM   216  C CE2 . PHE A 1 29  ? -13.338 -1.481  0.747   1.00 26.65 ? 29  PHE A CE2 1 
ATOM   217  C CZ  . PHE A 1 29  ? -13.569 -2.838  0.719   1.00 26.59 ? 29  PHE A CZ  1 
ATOM   218  N N   . ASP A 1 30  ? -19.737 0.966   -0.125  1.00 24.04 ? 30  ASP A N   1 
ATOM   219  C CA  . ASP A 1 30  ? -20.736 2.046   -0.280  1.00 23.66 ? 30  ASP A CA  1 
ATOM   220  C C   . ASP A 1 30  ? -20.245 3.398   0.171   1.00 23.27 ? 30  ASP A C   1 
ATOM   221  O O   . ASP A 1 30  ? -20.815 4.411   -0.219  1.00 23.12 ? 30  ASP A O   1 
ATOM   222  C CB  . ASP A 1 30  ? -22.035 1.694   0.418   1.00 24.86 ? 30  ASP A CB  1 
ATOM   223  C CG  . ASP A 1 30  ? -22.864 0.773   -0.419  1.00 27.46 ? 30  ASP A CG  1 
ATOM   224  O OD1 . ASP A 1 30  ? -23.068 1.098   -1.643  1.00 28.05 ? 30  ASP A OD1 1 
ATOM   225  O OD2 . ASP A 1 30  ? -23.243 -0.288  0.125   1.00 29.37 ? 30  ASP A OD2 1 
ATOM   226  N N   . ASP A 1 31  ? -19.141 3.414   0.912   1.00 22.49 ? 31  ASP A N   1 
ATOM   227  C CA  . ASP A 1 31  ? -18.527 4.663   1.354   1.00 21.99 ? 31  ASP A CA  1 
ATOM   228  C C   . ASP A 1 31  ? -17.427 5.196   0.399   1.00 21.55 ? 31  ASP A C   1 
ATOM   229  O O   . ASP A 1 31  ? -17.317 4.741   -0.788  1.00 22.33 ? 31  ASP A O   1 
ATOM   230  C CB  . ASP A 1 31  ? -18.037 4.515   2.797   1.00 22.32 ? 31  ASP A CB  1 
ATOM   231  C CG  . ASP A 1 31  ? -16.817 3.521   2.974   1.00 22.59 ? 31  ASP A CG  1 
ATOM   232  O OD1 . ASP A 1 31  ? -16.242 2.964   2.029   1.00 19.27 ? 31  ASP A OD1 1 
ATOM   233  O OD2 . ASP A 1 31  ? -16.436 3.299   4.137   1.00 24.57 ? 31  ASP A OD2 1 
ATOM   234  N N   . GLU A 1 32  ? -16.658 6.179   0.903   1.00 20.26 ? 32  GLU A N   1 
ATOM   235  C CA  . GLU A 1 32  ? -15.600 6.817   0.156   1.00 19.71 ? 32  GLU A CA  1 
ATOM   236  C C   . GLU A 1 32  ? -14.266 6.098   0.299   1.00 19.14 ? 32  GLU A C   1 
ATOM   237  O O   . GLU A 1 32  ? -13.217 6.714   0.170   1.00 18.19 ? 32  GLU A O   1 
ATOM   238  C CB  . GLU A 1 32  ? -15.449 8.300   0.551   1.00 20.74 ? 32  GLU A CB  1 
ATOM   239  C CG  . GLU A 1 32  ? -16.731 9.065   1.007   1.00 21.41 ? 32  GLU A CG  1 
ATOM   240  C CD  . GLU A 1 32  ? -17.939 8.985   0.060   1.00 20.52 ? 32  GLU A CD  1 
ATOM   241  O OE1 . GLU A 1 32  ? -17.892 8.363   -1.016  1.00 21.39 ? 32  GLU A OE1 1 
ATOM   242  O OE2 . GLU A 1 32  ? -19.003 9.512   0.452   1.00 20.76 ? 32  GLU A OE2 1 
ATOM   243  N N   . THR A 1 33  ? -14.288 4.794   0.585   1.00 18.63 ? 33  THR A N   1 
ATOM   244  C CA  . THR A 1 33  ? -13.053 4.007   0.588   1.00 18.57 ? 33  THR A CA  1 
ATOM   245  C C   . THR A 1 33  ? -12.500 3.725   -0.856  1.00 18.01 ? 33  THR A C   1 
ATOM   246  O O   . THR A 1 33  ? -13.007 2.915   -1.639  1.00 16.48 ? 33  THR A O   1 
ATOM   247  C CB  . THR A 1 33  ? -13.223 2.718   1.425   1.00 18.59 ? 33  THR A CB  1 
ATOM   248  O OG1 . THR A 1 33  ? -13.726 3.050   2.744   1.00 19.90 ? 33  THR A OG1 1 
ATOM   249  C CG2 . THR A 1 33  ? -11.834 1.995   1.582   1.00 19.25 ? 33  THR A CG2 1 
ATOM   250  N N   . LEU A 1 34  ? -11.463 4.465   -1.187  1.00 18.80 ? 34  LEU A N   1 
ATOM   251  C CA  . LEU A 1 34  ? -10.648 4.233   -2.359  1.00 18.65 ? 34  LEU A CA  1 
ATOM   252  C C   . LEU A 1 34  ? -9.741  2.996   -2.162  1.00 17.99 ? 34  LEU A C   1 
ATOM   253  O O   . LEU A 1 34  ? -8.992  2.884   -1.187  1.00 16.30 ? 34  LEU A O   1 
ATOM   254  C CB  . LEU A 1 34  ? -9.797  5.464   -2.626  1.00 18.66 ? 34  LEU A CB  1 
ATOM   255  C CG  . LEU A 1 34  ? -8.923  5.479   -3.880  1.00 19.65 ? 34  LEU A CG  1 
ATOM   256  C CD1 . LEU A 1 34  ? -9.723  5.330   -5.236  1.00 20.30 ? 34  LEU A CD1 1 
ATOM   257  C CD2 . LEU A 1 34  ? -8.118  6.767   -3.864  1.00 20.18 ? 34  LEU A CD2 1 
ATOM   258  N N   . VAL A 1 35  ? -9.839  2.080   -3.120  1.00 17.83 ? 35  VAL A N   1 
ATOM   259  C CA  . VAL A 1 35  ? -9.107  0.816   -3.097  1.00 17.02 ? 35  VAL A CA  1 
ATOM   260  C C   . VAL A 1 35  ? -8.217  0.705   -4.341  1.00 16.22 ? 35  VAL A C   1 
ATOM   261  O O   . VAL A 1 35  ? -8.649  0.894   -5.465  1.00 15.45 ? 35  VAL A O   1 
ATOM   262  C CB  . VAL A 1 35  ? -10.073 -0.371  -2.999  1.00 17.05 ? 35  VAL A CB  1 
ATOM   263  C CG1 . VAL A 1 35  ? -9.310  -1.681  -2.817  1.00 17.71 ? 35  VAL A CG1 1 
ATOM   264  C CG2 . VAL A 1 35  ? -11.059 -0.194  -1.839  1.00 17.14 ? 35  VAL A CG2 1 
ATOM   265  N N   . PHE A 1 36  ? -6.944  0.465   -4.097  1.00 16.29 ? 36  PHE A N   1 
ATOM   266  C CA  . PHE A 1 36  ? -5.968  0.193   -5.147  1.00 16.15 ? 36  PHE A CA  1 
ATOM   267  C C   . PHE A 1 36  ? -5.773  -1.302  -5.232  1.00 15.65 ? 36  PHE A C   1 
ATOM   268  O O   . PHE A 1 36  ? -5.478  -1.975  -4.229  1.00 15.39 ? 36  PHE A O   1 
ATOM   269  C CB  . PHE A 1 36  ? -4.630  0.889   -4.887  1.00 16.07 ? 36  PHE A CB  1 
ATOM   270  C CG  . PHE A 1 36  ? -4.743  2.366   -4.730  1.00 18.06 ? 36  PHE A CG  1 
ATOM   271  C CD1 . PHE A 1 36  ? -4.991  2.931   -3.484  1.00 16.57 ? 36  PHE A CD1 1 
ATOM   272  C CD2 . PHE A 1 36  ? -4.570  3.201   -5.834  1.00 17.68 ? 36  PHE A CD2 1 
ATOM   273  C CE1 . PHE A 1 36  ? -5.099  4.315   -3.323  1.00 16.77 ? 36  PHE A CE1 1 
ATOM   274  C CE2 . PHE A 1 36  ? -4.636  4.586   -5.694  1.00 18.10 ? 36  PHE A CE2 1 
ATOM   275  C CZ  . PHE A 1 36  ? -4.909  5.149   -4.444  1.00 18.62 ? 36  PHE A CZ  1 
ATOM   276  N N   A LYS A 1 37  ? -5.961  -1.821  -6.441  0.50 15.64 ? 37  LYS A N   1 
ATOM   277  N N   B LYS A 1 37  ? -5.966  -1.824  -6.439  0.50 15.93 ? 37  LYS A N   1 
ATOM   278  C CA  A LYS A 1 37  ? -5.863  -3.246  -6.710  0.50 14.90 ? 37  LYS A CA  1 
ATOM   279  C CA  B LYS A 1 37  ? -5.852  -3.250  -6.709  0.50 15.44 ? 37  LYS A CA  1 
ATOM   280  C C   A LYS A 1 37  ? -4.864  -3.438  -7.850  0.50 14.92 ? 37  LYS A C   1 
ATOM   281  C C   B LYS A 1 37  ? -4.862  -3.438  -7.851  0.50 15.22 ? 37  LYS A C   1 
ATOM   282  O O   A LYS A 1 37  ? -4.660  -2.534  -8.674  0.50 14.63 ? 37  LYS A O   1 
ATOM   283  O O   B LYS A 1 37  ? -4.661  -2.534  -8.676  0.50 14.92 ? 37  LYS A O   1 
ATOM   284  C CB  A LYS A 1 37  ? -7.243  -3.820  -7.054  0.50 14.85 ? 37  LYS A CB  1 
ATOM   285  C CB  B LYS A 1 37  ? -7.225  -3.846  -7.040  0.50 15.66 ? 37  LYS A CB  1 
ATOM   286  C CG  A LYS A 1 37  ? -8.244  -3.846  -5.879  0.50 12.96 ? 37  LYS A CG  1 
ATOM   287  C CG  B LYS A 1 37  ? -8.175  -3.925  -5.836  0.50 14.85 ? 37  LYS A CG  1 
ATOM   288  C CD  A LYS A 1 37  ? -9.641  -4.371  -6.280  0.50 12.72 ? 37  LYS A CD  1 
ATOM   289  C CD  B LYS A 1 37  ? -9.627  -4.301  -6.192  0.50 14.45 ? 37  LYS A CD  1 
ATOM   290  C CE  A LYS A 1 37  ? -10.520 -4.760  -5.078  0.50 12.60 ? 37  LYS A CE  1 
ATOM   291  C CE  B LYS A 1 37  ? -9.805  -5.815  -6.365  0.50 15.06 ? 37  LYS A CE  1 
ATOM   292  N NZ  A LYS A 1 37  ? -11.942 -5.208  -5.400  0.50 5.89  ? 37  LYS A NZ  1 
ATOM   293  N NZ  B LYS A 1 37  ? -11.153 -6.294  -6.866  0.50 13.70 ? 37  LYS A NZ  1 
ATOM   294  N N   . VAL A 1 38  ? -4.215  -4.595  -7.860  1.00 14.86 ? 38  VAL A N   1 
ATOM   295  C CA  . VAL A 1 38  ? -3.288  -4.962  -8.908  1.00 15.73 ? 38  VAL A CA  1 
ATOM   296  C C   . VAL A 1 38  ? -3.725  -6.282  -9.551  1.00 15.67 ? 38  VAL A C   1 
ATOM   297  O O   . VAL A 1 38  ? -4.170  -7.228  -8.871  1.00 16.10 ? 38  VAL A O   1 
ATOM   298  C CB  . VAL A 1 38  ? -1.822  -5.058  -8.358  1.00 15.94 ? 38  VAL A CB  1 
ATOM   299  C CG1 . VAL A 1 38  ? -1.723  -6.028  -7.193  1.00 14.72 ? 38  VAL A CG1 1 
ATOM   300  C CG2 . VAL A 1 38  ? -0.843  -5.474  -9.414  1.00 14.68 ? 38  VAL A CG2 1 
ATOM   301  N N   . GLY A 1 39  ? -3.601  -6.326  -10.869 1.00 17.03 ? 39  GLY A N   1 
ATOM   302  C CA  . GLY A 1 39  ? -3.751  -7.565  -11.616 1.00 18.85 ? 39  GLY A CA  1 
ATOM   303  C C   . GLY A 1 39  ? -4.534  -7.454  -12.890 1.00 20.19 ? 39  GLY A C   1 
ATOM   304  O O   . GLY A 1 39  ? -4.561  -6.413  -13.498 1.00 20.95 ? 39  GLY A O   1 
ATOM   305  N N   . TYR A 1 40  ? -5.131  -8.559  -13.324 1.00 21.84 ? 40  TYR A N   1 
ATOM   306  C CA  . TYR A 1 40  ? -5.953  -8.544  -14.548 1.00 21.72 ? 40  TYR A CA  1 
ATOM   307  C C   . TYR A 1 40  ? -7.265  -7.841  -14.207 1.00 22.58 ? 40  TYR A C   1 
ATOM   308  O O   . TYR A 1 40  ? -7.690  -7.727  -13.042 1.00 23.24 ? 40  TYR A O   1 
ATOM   309  C CB  . TYR A 1 40  ? -6.249  -9.976  -15.087 1.00 21.78 ? 40  TYR A CB  1 
ATOM   310  C CG  . TYR A 1 40  ? -5.040  -10.928 -15.250 1.00 22.93 ? 40  TYR A CG  1 
ATOM   311  C CD1 . TYR A 1 40  ? -4.492  -11.616 -14.126 1.00 22.75 ? 40  TYR A CD1 1 
ATOM   312  C CD2 . TYR A 1 40  ? -4.471  -11.165 -16.517 1.00 21.39 ? 40  TYR A CD2 1 
ATOM   313  C CE1 . TYR A 1 40  ? -3.419  -12.533 -14.260 1.00 20.84 ? 40  TYR A CE1 1 
ATOM   314  C CE2 . TYR A 1 40  ? -3.390  -12.054 -16.674 1.00 21.41 ? 40  TYR A CE2 1 
ATOM   315  C CZ  . TYR A 1 40  ? -2.844  -12.745 -15.545 1.00 22.81 ? 40  TYR A CZ  1 
ATOM   316  O OH  . TYR A 1 40  ? -1.755  -13.623 -15.683 1.00 16.10 ? 40  TYR A OH  1 
ATOM   317  N N   . LEU A 1 41  ? -7.920  -7.370  -15.235 1.00 24.00 ? 41  LEU A N   1 
ATOM   318  C CA  . LEU A 1 41  ? -9.251  -6.847  -15.069 1.00 25.07 ? 41  LEU A CA  1 
ATOM   319  C C   . LEU A 1 41  ? -10.182 -7.921  -14.529 1.00 24.04 ? 41  LEU A C   1 
ATOM   320  O O   . LEU A 1 41  ? -11.062 -7.601  -13.754 1.00 24.88 ? 41  LEU A O   1 
ATOM   321  C CB  . LEU A 1 41  ? -9.747  -6.171  -16.376 1.00 26.34 ? 41  LEU A CB  1 
ATOM   322  C CG  . LEU A 1 41  ? -9.268  -4.725  -16.594 1.00 30.04 ? 41  LEU A CG  1 
ATOM   323  C CD1 . LEU A 1 41  ? -10.016 -4.111  -17.824 1.00 33.05 ? 41  LEU A CD1 1 
ATOM   324  C CD2 . LEU A 1 41  ? -9.505  -3.820  -15.347 1.00 32.77 ? 41  LEU A CD2 1 
ATOM   325  N N   . SER A 1 42  ? -9.940  -9.201  -14.831 1.00 23.48 ? 42  SER A N   1 
ATOM   326  C CA  . SER A 1 42  ? -10.769 -10.278 -14.279 1.00 22.81 ? 42  SER A CA  1 
ATOM   327  C C   . SER A 1 42  ? -10.271 -10.917 -12.977 1.00 22.40 ? 42  SER A C   1 
ATOM   328  O O   . SER A 1 42  ? -10.903 -11.844 -12.440 1.00 22.24 ? 42  SER A O   1 
ATOM   329  C CB  . SER A 1 42  ? -10.964 -11.379 -15.329 1.00 22.58 ? 42  SER A CB  1 
ATOM   330  O OG  . SER A 1 42  ? -9.748  -12.113 -15.507 1.00 24.39 ? 42  SER A OG  1 
ATOM   331  N N   . LYS A 1 43  ? -9.118  -10.481 -12.490 1.00 22.30 ? 43  LYS A N   1 
ATOM   332  C CA  . LYS A 1 43  ? -8.541  -11.003 -11.243 1.00 22.08 ? 43  LYS A CA  1 
ATOM   333  C C   . LYS A 1 43  ? -7.549  -9.992  -10.672 1.00 20.70 ? 43  LYS A C   1 
ATOM   334  O O   . LYS A 1 43  ? -6.400  -10.000 -11.015 1.00 19.53 ? 43  LYS A O   1 
ATOM   335  C CB  . LYS A 1 43  ? -7.850  -12.349 -11.476 1.00 22.16 ? 43  LYS A CB  1 
ATOM   336  C CG  . LYS A 1 43  ? -7.387  -13.062 -10.162 1.00 22.71 ? 43  LYS A CG  1 
ATOM   337  C CD  . LYS A 1 43  ? -6.100  -13.892 -10.437 1.00 24.33 ? 43  LYS A CD  1 
ATOM   338  C CE  . LYS A 1 43  ? -5.223  -14.116 -9.175  1.00 25.13 ? 43  LYS A CE  1 
ATOM   339  N NZ  . LYS A 1 43  ? -4.251  -15.197 -9.385  1.00 22.96 ? 43  LYS A NZ  1 
ATOM   340  N N   . SER A 1 44  ? -8.020  -9.124  -9.794  1.00 20.24 ? 44  SER A N   1 
ATOM   341  C CA  . SER A 1 44  ? -7.178  -8.113  -9.199  1.00 20.27 ? 44  SER A CA  1 
ATOM   342  C C   . SER A 1 44  ? -7.262  -8.162  -7.681  1.00 19.80 ? 44  SER A C   1 
ATOM   343  O O   . SER A 1 44  ? -8.317  -8.432  -7.129  1.00 21.71 ? 44  SER A O   1 
ATOM   344  C CB  . SER A 1 44  ? -7.512  -6.716  -9.754  1.00 20.13 ? 44  SER A CB  1 
ATOM   345  O OG  . SER A 1 44  ? -8.819  -6.346  -9.444  1.00 19.31 ? 44  SER A OG  1 
ATOM   346  N N   A ARG A 1 45  ? -6.161  -7.830  -7.031  0.60 19.68 ? 45  ARG A N   1 
ATOM   347  N N   B ARG A 1 45  ? -6.139  -7.921  -7.023  0.40 19.65 ? 45  ARG A N   1 
ATOM   348  C CA  A ARG A 1 45  ? -5.988  -8.014  -5.597  0.60 20.04 ? 45  ARG A CA  1 
ATOM   349  C CA  B ARG A 1 45  ? -6.042  -8.005  -5.568  0.40 19.68 ? 45  ARG A CA  1 
ATOM   350  C C   A ARG A 1 45  ? -5.619  -6.691  -4.911  0.60 19.10 ? 45  ARG A C   1 
ATOM   351  C C   B ARG A 1 45  ? -5.665  -6.664  -4.944  0.40 19.08 ? 45  ARG A C   1 
ATOM   352  O O   A ARG A 1 45  ? -4.673  -6.031  -5.310  0.60 18.49 ? 45  ARG A O   1 
ATOM   353  O O   B ARG A 1 45  ? -4.781  -5.961  -5.423  0.40 18.65 ? 45  ARG A O   1 
ATOM   354  C CB  A ARG A 1 45  ? -4.866  -9.041  -5.338  0.60 21.06 ? 45  ARG A CB  1 
ATOM   355  C CB  B ARG A 1 45  ? -5.016  -9.072  -5.139  0.40 20.17 ? 45  ARG A CB  1 
ATOM   356  C CG  A ARG A 1 45  ? -5.068  -10.463 -5.944  0.60 22.65 ? 45  ARG A CG  1 
ATOM   357  C CG  B ARG A 1 45  ? -5.615  -10.421 -4.700  0.40 20.12 ? 45  ARG A CG  1 
ATOM   358  C CD  A ARG A 1 45  ? -6.076  -11.311 -5.169  0.60 27.15 ? 45  ARG A CD  1 
ATOM   359  C CD  B ARG A 1 45  ? -5.903  -11.311 -5.878  0.40 20.88 ? 45  ARG A CD  1 
ATOM   360  N NE  A ARG A 1 45  ? -7.437  -11.187 -5.698  0.60 29.91 ? 45  ARG A NE  1 
ATOM   361  N NE  B ARG A 1 45  ? -6.612  -12.578 -5.582  0.40 20.80 ? 45  ARG A NE  1 
ATOM   362  C CZ  A ARG A 1 45  ? -8.126  -12.124 -6.359  0.60 28.57 ? 45  ARG A CZ  1 
ATOM   363  C CZ  B ARG A 1 45  ? -6.031  -13.777 -5.446  0.40 20.19 ? 45  ARG A CZ  1 
ATOM   364  N NH1 A ARG A 1 45  ? -7.645  -13.336 -6.608  0.60 28.45 ? 45  ARG A NH1 1 
ATOM   365  N NH1 B ARG A 1 45  ? -4.718  -13.911 -5.485  0.40 18.57 ? 45  ARG A NH1 1 
ATOM   366  N NH2 A ARG A 1 45  ? -9.337  -11.827 -6.773  0.60 29.43 ? 45  ARG A NH2 1 
ATOM   367  N NH2 B ARG A 1 45  ? -6.777  -14.857 -5.259  0.40 21.77 ? 45  ARG A NH2 1 
ATOM   368  N N   . MET A 1 46  ? -6.355  -6.331  -3.863  1.00 18.75 ? 46  MET A N   1 
ATOM   369  C CA  . MET A 1 46  ? -6.123  -5.092  -3.127  1.00 19.99 ? 46  MET A CA  1 
ATOM   370  C C   . MET A 1 46  ? -4.759  -5.023  -2.433  1.00 18.57 ? 46  MET A C   1 
ATOM   371  O O   . MET A 1 46  ? -4.306  -5.992  -1.829  1.00 18.04 ? 46  MET A O   1 
ATOM   372  C CB  . MET A 1 46  ? -7.262  -4.797  -2.129  1.00 19.24 ? 46  MET A CB  1 
ATOM   373  C CG  . MET A 1 46  ? -7.463  -5.829  -1.090  1.00 24.07 ? 46  MET A CG  1 
ATOM   374  S SD  . MET A 1 46  ? -9.072  -5.771  -0.183  1.00 28.66 ? 46  MET A SD  1 
ATOM   375  C CE  . MET A 1 46  ? -9.019  -4.145  0.440   1.00 31.86 ? 46  MET A CE  1 
ATOM   376  N N   . TYR A 1 47  ? -4.113  -3.856  -2.533  1.00 17.37 ? 47  TYR A N   1 
ATOM   377  C CA  . TYR A 1 47  ? -2.849  -3.645  -1.868  1.00 17.46 ? 47  TYR A CA  1 
ATOM   378  C C   . TYR A 1 47  ? -2.780  -2.350  -1.057  1.00 16.92 ? 47  TYR A C   1 
ATOM   379  O O   . TYR A 1 47  ? -1.804  -2.154  -0.342  1.00 17.06 ? 47  TYR A O   1 
ATOM   380  C CB  . TYR A 1 47  ? -1.682  -3.722  -2.886  1.00 16.87 ? 47  TYR A CB  1 
ATOM   381  C CG  . TYR A 1 47  ? -1.589  -2.572  -3.857  1.00 17.95 ? 47  TYR A CG  1 
ATOM   382  C CD1 . TYR A 1 47  ? -0.916  -1.397  -3.519  1.00 17.18 ? 47  TYR A CD1 1 
ATOM   383  C CD2 . TYR A 1 47  ? -2.197  -2.645  -5.130  1.00 16.86 ? 47  TYR A CD2 1 
ATOM   384  C CE1 . TYR A 1 47  ? -0.848  -0.334  -4.414  1.00 16.15 ? 47  TYR A CE1 1 
ATOM   385  C CE2 . TYR A 1 47  ? -2.135  -1.586  -6.012  1.00 15.46 ? 47  TYR A CE2 1 
ATOM   386  C CZ  . TYR A 1 47  ? -1.443  -0.440  -5.663  1.00 15.76 ? 47  TYR A CZ  1 
ATOM   387  O OH  . TYR A 1 47  ? -1.367  0.618   -6.546  1.00 15.78 ? 47  TYR A OH  1 
ATOM   388  N N   . ALA A 1 48  ? -3.738  -1.439  -1.229  1.00 16.19 ? 48  ALA A N   1 
ATOM   389  C CA  . ALA A 1 48  ? -3.804  -0.234  -0.400  1.00 16.55 ? 48  ALA A CA  1 
ATOM   390  C C   . ALA A 1 48  ? -5.240  0.285   -0.372  1.00 16.79 ? 48  ALA A C   1 
ATOM   391  O O   . ALA A 1 48  ? -5.972  0.104   -1.340  1.00 16.67 ? 48  ALA A O   1 
ATOM   392  C CB  . ALA A 1 48  ? -2.910  0.798   -0.898  1.00 15.97 ? 48  ALA A CB  1 
ATOM   393  N N   . LEU A 1 49  ? -5.652  0.884   0.742   1.00 16.42 ? 49  LEU A N   1 
ATOM   394  C CA  . LEU A 1 49  ? -6.987  1.468   0.841   1.00 18.52 ? 49  LEU A CA  1 
ATOM   395  C C   . LEU A 1 49  ? -6.941  2.735   1.700   1.00 17.93 ? 49  LEU A C   1 
ATOM   396  O O   . LEU A 1 49  ? -6.166  2.814   2.687   1.00 17.86 ? 49  LEU A O   1 
ATOM   397  C CB  . LEU A 1 49  ? -7.988  0.519   1.519   1.00 19.38 ? 49  LEU A CB  1 
ATOM   398  C CG  . LEU A 1 49  ? -8.191  -0.953  1.264   1.00 22.89 ? 49  LEU A CG  1 
ATOM   399  C CD1 . LEU A 1 49  ? -6.949  -1.798  1.654   1.00 24.64 ? 49  LEU A CD1 1 
ATOM   400  C CD2 . LEU A 1 49  ? -9.448  -1.326  2.097   1.00 22.14 ? 49  LEU A CD2 1 
ATOM   401  N N   . THR A 1 50  ? -7.797  3.692   1.387   1.00 18.02 ? 50  THR A N   1 
ATOM   402  C CA  . THR A 1 50  ? -7.960  4.853   2.281   1.00 19.04 ? 50  THR A CA  1 
ATOM   403  C C   . THR A 1 50  ? -9.353  5.445   2.135   1.00 19.26 ? 50  THR A C   1 
ATOM   404  O O   . THR A 1 50  ? -9.919  5.393   1.050   1.00 20.40 ? 50  THR A O   1 
ATOM   405  C CB  . THR A 1 50  ? -6.879  5.974   2.014   1.00 19.51 ? 50  THR A CB  1 
ATOM   406  O OG1 . THR A 1 50  ? -6.840  6.944   3.105   1.00 19.29 ? 50  THR A OG1 1 
ATOM   407  C CG2 . THR A 1 50  ? -7.136  6.641   0.681   1.00 19.02 ? 50  THR A CG2 1 
ATOM   408  N N   . ASP A 1 51  ? -9.883  6.017   3.217   1.00 18.83 ? 51  ASP A N   1 
ATOM   409  C CA  . ASP A 1 51  ? -11.194 6.649   3.219   1.00 18.39 ? 51  ASP A CA  1 
ATOM   410  C C   . ASP A 1 51  ? -10.946 8.133   2.980   1.00 18.40 ? 51  ASP A C   1 
ATOM   411  O O   . ASP A 1 51  ? -10.395 8.864   3.841   1.00 17.05 ? 51  ASP A O   1 
ATOM   412  C CB  . ASP A 1 51  ? -11.930 6.361   4.527   1.00 18.16 ? 51  ASP A CB  1 
ATOM   413  C CG  . ASP A 1 51  ? -13.275 7.052   4.622   1.00 19.74 ? 51  ASP A CG  1 
ATOM   414  O OD1 . ASP A 1 51  ? -13.689 7.833   3.704   1.00 21.05 ? 51  ASP A OD1 1 
ATOM   415  O OD2 . ASP A 1 51  ? -13.920 6.817   5.664   1.00 23.77 ? 51  ASP A OD2 1 
ATOM   416  N N   . ILE A 1 52  ? -11.322 8.563   1.779   1.00 19.53 ? 52  ILE A N   1 
ATOM   417  C CA  . ILE A 1 52  ? -10.959 9.887   1.264   1.00 19.54 ? 52  ILE A CA  1 
ATOM   418  C C   . ILE A 1 52  ? -11.709 11.034  1.888   1.00 19.42 ? 52  ILE A C   1 
ATOM   419  O O   . ILE A 1 52  ? -11.323 12.174  1.698   1.00 18.19 ? 52  ILE A O   1 
ATOM   420  C CB  . ILE A 1 52  ? -11.029 9.980   -0.288  1.00 20.42 ? 52  ILE A CB  1 
ATOM   421  C CG1 . ILE A 1 52  ? -12.458 10.000  -0.842  1.00 20.65 ? 52  ILE A CG1 1 
ATOM   422  C CG2 . ILE A 1 52  ? -10.200 8.874   -0.928  1.00 20.48 ? 52  ILE A CG2 1 
ATOM   423  C CD1 . ILE A 1 52  ? -12.513 10.586  -2.306  1.00 20.96 ? 52  ILE A CD1 1 
ATOM   424  N N   . THR A 1 53  ? -12.762 10.757  2.665   1.00 20.07 ? 53  THR A N   1 
ATOM   425  C CA  . THR A 1 53  ? -13.428 11.816  3.417   1.00 20.70 ? 53  THR A CA  1 
ATOM   426  C C   . THR A 1 53  ? -12.807 12.150  4.804   1.00 21.41 ? 53  THR A C   1 
ATOM   427  O O   . THR A 1 53  ? -13.290 13.074  5.485   1.00 21.36 ? 53  THR A O   1 
ATOM   428  C CB  . THR A 1 53  ? -14.960 11.565  3.602   1.00 20.36 ? 53  THR A CB  1 
ATOM   429  O OG1 . THR A 1 53  ? -15.580 12.772  4.081   1.00 22.10 ? 53  THR A OG1 1 
ATOM   430  C CG2 . THR A 1 53  ? -15.219 10.484  4.580   1.00 21.22 ? 53  THR A CG2 1 
ATOM   431  N N   . GLN A 1 54  ? -11.793 11.406  5.234   1.00 20.88 ? 54  GLN A N   1 
ATOM   432  C CA  . GLN A 1 54  ? -11.113 11.674  6.511   1.00 21.37 ? 54  GLN A CA  1 
ATOM   433  C C   . GLN A 1 54  ? -9.839  12.529  6.348   1.00 21.78 ? 54  GLN A C   1 
ATOM   434  O O   . GLN A 1 54  ? -8.972  12.258  5.486   1.00 19.83 ? 54  GLN A O   1 
ATOM   435  C CB  . GLN A 1 54  ? -10.697 10.364  7.169   1.00 21.06 ? 54  GLN A CB  1 
ATOM   436  C CG  . GLN A 1 54  ? -11.808 9.417   7.546   1.00 21.85 ? 54  GLN A CG  1 
ATOM   437  C CD  . GLN A 1 54  ? -11.294 8.146   8.264   1.00 23.14 ? 54  GLN A CD  1 
ATOM   438  O OE1 . GLN A 1 54  ? -10.419 7.396   7.746   1.00 21.18 ? 54  GLN A OE1 1 
ATOM   439  N NE2 . GLN A 1 54  ? -11.863 7.886   9.453   1.00 23.20 ? 54  GLN A NE2 1 
ATOM   440  N N   . ASP A 1 55  ? -9.713  13.528  7.209   1.00 23.18 ? 55  ASP A N   1 
ATOM   441  C CA  . ASP A 1 55  ? -8.515  14.361  7.300   1.00 23.27 ? 55  ASP A CA  1 
ATOM   442  C C   . ASP A 1 55  ? -8.053  14.345  8.769   1.00 22.56 ? 55  ASP A C   1 
ATOM   443  O O   . ASP A 1 55  ? -8.782  14.790  9.624   1.00 23.21 ? 55  ASP A O   1 
ATOM   444  C CB  . ASP A 1 55  ? -8.894  15.759  6.824   1.00 24.28 ? 55  ASP A CB  1 
ATOM   445  C CG  . ASP A 1 55  ? -7.740  16.761  6.837   1.00 27.72 ? 55  ASP A CG  1 
ATOM   446  O OD1 . ASP A 1 55  ? -6.553  16.446  7.117   1.00 31.99 ? 55  ASP A OD1 1 
ATOM   447  O OD2 . ASP A 1 55  ? -8.073  17.943  6.585   1.00 38.37 ? 55  ASP A OD2 1 
ATOM   448  N N   . PRO A 1 56  ? -6.873  13.792  9.073   1.00 20.67 ? 56  PRO A N   1 
ATOM   449  C CA  . PRO A 1 56  ? -5.914  13.211  8.135   1.00 21.18 ? 56  PRO A CA  1 
ATOM   450  C C   . PRO A 1 56  ? -6.376  11.841  7.592   1.00 20.83 ? 56  PRO A C   1 
ATOM   451  O O   . PRO A 1 56  ? -7.196  11.083  8.225   1.00 19.65 ? 56  PRO A O   1 
ATOM   452  C CB  . PRO A 1 56  ? -4.612  13.086  8.972   1.00 20.80 ? 56  PRO A CB  1 
ATOM   453  C CG  . PRO A 1 56  ? -5.086  12.842  10.333  1.00 22.02 ? 56  PRO A CG  1 
ATOM   454  C CD  . PRO A 1 56  ? -6.372  13.717  10.455  1.00 21.60 ? 56  PRO A CD  1 
ATOM   455  N N   . LEU A 1 57  ? -5.872  11.549  6.407   1.00 18.99 ? 57  LEU A N   1 
ATOM   456  C CA  . LEU A 1 57  ? -6.125  10.274  5.814   1.00 18.91 ? 57  LEU A CA  1 
ATOM   457  C C   . LEU A 1 57  ? -5.558  9.153   6.696   1.00 18.62 ? 57  LEU A C   1 
ATOM   458  O O   . LEU A 1 57  ? -4.604  9.329   7.478   1.00 16.63 ? 57  LEU A O   1 
ATOM   459  C CB  . LEU A 1 57  ? -5.513  10.225  4.407   1.00 19.83 ? 57  LEU A CB  1 
ATOM   460  C CG  . LEU A 1 57  ? -6.078  11.112  3.295   1.00 19.50 ? 57  LEU A CG  1 
ATOM   461  C CD1 . LEU A 1 57  ? -5.202  10.939  1.994   1.00 22.30 ? 57  LEU A CD1 1 
ATOM   462  C CD2 . LEU A 1 57  ? -7.536  10.786  2.933   1.00 20.38 ? 57  LEU A CD2 1 
ATOM   463  N N   . ARG A 1 58  ? -6.182  7.988   6.563   1.00 18.80 ? 58  ARG A N   1 
ATOM   464  C CA  . ARG A 1 58  ? -5.630  6.755   7.092   1.00 19.39 ? 58  ARG A CA  1 
ATOM   465  C C   . ARG A 1 58  ? -5.412  5.761   5.969   1.00 18.56 ? 58  ARG A C   1 
ATOM   466  O O   . ARG A 1 58  ? -6.324  5.438   5.204   1.00 17.27 ? 58  ARG A O   1 
ATOM   467  C CB  . ARG A 1 58  ? -6.529  6.156   8.189   1.00 20.96 ? 58  ARG A CB  1 
ATOM   468  C CG  . ARG A 1 58  ? -7.035  7.236   9.108   1.00 25.83 ? 58  ARG A CG  1 
ATOM   469  C CD  . ARG A 1 58  ? -7.025  6.840   10.549  1.00 32.23 ? 58  ARG A CD  1 
ATOM   470  N NE  . ARG A 1 58  ? -6.973  8.067   11.355  1.00 34.69 ? 58  ARG A NE  1 
ATOM   471  C CZ  . ARG A 1 58  ? -6.727  8.082   12.653  1.00 35.17 ? 58  ARG A CZ  1 
ATOM   472  N NH1 . ARG A 1 58  ? -6.533  6.936   13.318  1.00 34.33 ? 58  ARG A NH1 1 
ATOM   473  N NH2 . ARG A 1 58  ? -6.722  9.254   13.296  1.00 36.99 ? 58  ARG A NH2 1 
ATOM   474  N N   . LEU A 1 59  ? -4.164  5.303   5.897   1.00 17.22 ? 59  LEU A N   1 
ATOM   475  C CA  . LEU A 1 59  ? -3.717  4.477   4.847   1.00 16.77 ? 59  LEU A CA  1 
ATOM   476  C C   . LEU A 1 59  ? -3.503  3.044   5.360   1.00 16.43 ? 59  LEU A C   1 
ATOM   477  O O   . LEU A 1 59  ? -2.648  2.785   6.222   1.00 16.12 ? 59  LEU A O   1 
ATOM   478  C CB  . LEU A 1 59  ? -2.426  5.065   4.263   1.00 16.30 ? 59  LEU A CB  1 
ATOM   479  C CG  . LEU A 1 59  ? -1.854  4.240   3.109   1.00 16.79 ? 59  LEU A CG  1 
ATOM   480  C CD1 . LEU A 1 59  ? -2.844  4.175   1.979   1.00 18.84 ? 59  LEU A CD1 1 
ATOM   481  C CD2 . LEU A 1 59  ? -0.476  4.762   2.642   1.00 17.20 ? 59  LEU A CD2 1 
ATOM   482  N N   . SER A 1 60  ? -4.285  2.133   4.798   1.00 15.43 ? 60  SER A N   1 
ATOM   483  C CA  . SER A 1 60  ? -4.153  0.712   5.078   1.00 15.96 ? 60  SER A CA  1 
ATOM   484  C C   . SER A 1 60  ? -3.335  0.027   3.977   1.00 15.23 ? 60  SER A C   1 
ATOM   485  O O   . SER A 1 60  ? -3.593  0.215   2.810   1.00 14.53 ? 60  SER A O   1 
ATOM   486  C CB  . SER A 1 60  ? -5.531  0.048   5.230   1.00 15.21 ? 60  SER A CB  1 
ATOM   487  O OG  . SER A 1 60  ? -6.200  0.470   6.429   1.00 16.21 ? 60  SER A OG  1 
ATOM   488  N N   . LEU A 1 61  ? -2.409  -0.809  4.406   1.00 15.69 ? 61  LEU A N   1 
ATOM   489  C CA  A LEU A 1 61  ? -1.495  -1.473  3.510   0.60 16.85 ? 61  LEU A CA  1 
ATOM   490  C CA  B LEU A 1 61  ? -1.384  -1.419  3.572   0.40 16.87 ? 61  LEU A CA  1 
ATOM   491  C C   . LEU A 1 61  ? -1.009  -2.801  4.106   1.00 16.98 ? 61  LEU A C   1 
ATOM   492  O O   . LEU A 1 61  ? -1.165  -3.049  5.292   1.00 17.18 ? 61  LEU A O   1 
ATOM   493  C CB  A LEU A 1 61  ? -0.314  -0.536  3.151   0.60 16.45 ? 61  LEU A CB  1 
ATOM   494  C CB  B LEU A 1 61  ? -0.119  -0.542  3.611   0.40 16.50 ? 61  LEU A CB  1 
ATOM   495  C CG  A LEU A 1 61  ? 0.558   0.090   4.249   0.60 15.80 ? 61  LEU A CG  1 
ATOM   496  C CG  B LEU A 1 61  ? 0.165   0.499   2.523   0.40 16.76 ? 61  LEU A CG  1 
ATOM   497  C CD1 A LEU A 1 61  ? 1.578   -0.874  4.788   0.60 15.31 ? 61  LEU A CD1 1 
ATOM   498  C CD1 B LEU A 1 61  ? -1.053  0.990   1.778   0.40 16.43 ? 61  LEU A CD1 1 
ATOM   499  C CD2 A LEU A 1 61  ? 1.271   1.342   3.729   0.60 16.55 ? 61  LEU A CD2 1 
ATOM   500  C CD2 B LEU A 1 61  ? 0.958   1.649   3.118   0.40 16.92 ? 61  LEU A CD2 1 
ATOM   501  N N   . LYS A 1 62  ? -0.445  -3.650  3.243   1.00 17.31 ? 62  LYS A N   1 
ATOM   502  C CA  . LYS A 1 62  ? 0.007   -4.991  3.625   1.00 18.40 ? 62  LYS A CA  1 
ATOM   503  C C   . LYS A 1 62  ? 1.466   -4.963  3.936   1.00 18.18 ? 62  LYS A C   1 
ATOM   504  O O   . LYS A 1 62  ? 2.253   -4.277  3.244   1.00 17.09 ? 62  LYS A O   1 
ATOM   505  C CB  . LYS A 1 62  ? -0.220  -6.039  2.515   1.00 18.94 ? 62  LYS A CB  1 
ATOM   506  C CG  . LYS A 1 62  ? -1.641  -6.122  2.009   1.00 21.80 ? 62  LYS A CG  1 
ATOM   507  C CD  . LYS A 1 62  ? -2.052  -7.529  1.507   1.00 20.64 ? 62  LYS A CD  1 
ATOM   508  C CE  . LYS A 1 62  ? -2.149  -8.598  2.570   1.00 21.00 ? 62  LYS A CE  1 
ATOM   509  N NZ  . LYS A 1 62  ? -2.782  -9.833  2.002   1.00 19.75 ? 62  LYS A NZ  1 
ATOM   510  N N   . VAL A 1 63  ? 1.828   -5.739  4.950   1.00 18.68 ? 63  VAL A N   1 
ATOM   511  C CA  A VAL A 1 63  ? 3.202   -5.781  5.485   0.50 19.48 ? 63  VAL A CA  1 
ATOM   512  C CA  B VAL A 1 63  ? 3.203   -5.788  5.387   0.50 19.74 ? 63  VAL A CA  1 
ATOM   513  C C   . VAL A 1 63  ? 3.517   -7.185  5.929   1.00 20.18 ? 63  VAL A C   1 
ATOM   514  O O   . VAL A 1 63  ? 2.630   -7.905  6.324   1.00 20.57 ? 63  VAL A O   1 
ATOM   515  C CB  A VAL A 1 63  ? 3.413   -4.875  6.747   0.50 19.09 ? 63  VAL A CB  1 
ATOM   516  C CB  B VAL A 1 63  ? 3.462   -4.620  6.386   0.50 19.16 ? 63  VAL A CB  1 
ATOM   517  C CG1 A VAL A 1 63  ? 3.358   -3.409  6.420   0.50 16.97 ? 63  VAL A CG1 1 
ATOM   518  C CG1 B VAL A 1 63  ? 2.927   -4.969  7.781   0.50 19.22 ? 63  VAL A CG1 1 
ATOM   519  C CG2 A VAL A 1 63  ? 2.410   -5.220  7.843   0.50 18.39 ? 63  VAL A CG2 1 
ATOM   520  C CG2 B VAL A 1 63  ? 4.913   -4.223  6.377   0.50 17.66 ? 63  VAL A CG2 1 
ATOM   521  N N   . ASP A 1 64  ? 4.781   -7.584  5.852   1.00 22.12 ? 64  ASP A N   1 
ATOM   522  C CA  . ASP A 1 64  ? 5.210   -8.852  6.438   1.00 23.90 ? 64  ASP A CA  1 
ATOM   523  C C   . ASP A 1 64  ? 4.892   -8.795  7.965   1.00 25.13 ? 64  ASP A C   1 
ATOM   524  O O   . ASP A 1 64  ? 5.114   -7.788  8.560   1.00 23.31 ? 64  ASP A O   1 
ATOM   525  C CB  . ASP A 1 64  ? 6.702   -9.004  6.184   1.00 25.20 ? 64  ASP A CB  1 
ATOM   526  C CG  . ASP A 1 64  ? 7.339   -10.014 7.089   1.00 28.66 ? 64  ASP A CG  1 
ATOM   527  O OD1 . ASP A 1 64  ? 7.156   -11.223 6.868   1.00 35.12 ? 64  ASP A OD1 1 
ATOM   528  O OD2 . ASP A 1 64  ? 8.046   -9.587  8.015   1.00 36.56 ? 64  ASP A OD2 1 
ATOM   529  N N   . PRO A 1 65  ? 4.292   -9.850  8.556   1.00 27.38 ? 65  PRO A N   1 
ATOM   530  C CA  . PRO A 1 65  ? 3.910   -9.809  9.974   1.00 29.15 ? 65  PRO A CA  1 
ATOM   531  C C   . PRO A 1 65  ? 5.000   -9.319  10.930  1.00 31.06 ? 65  PRO A C   1 
ATOM   532  O O   . PRO A 1 65  ? 4.725   -8.514  11.796  1.00 31.69 ? 65  PRO A O   1 
ATOM   533  C CB  . PRO A 1 65  ? 3.535   -11.251 10.257  1.00 29.73 ? 65  PRO A CB  1 
ATOM   534  C CG  . PRO A 1 65  ? 2.963   -11.734 8.930   1.00 29.76 ? 65  PRO A CG  1 
ATOM   535  C CD  . PRO A 1 65  ? 3.860   -11.111 7.910   1.00 27.95 ? 65  PRO A CD  1 
ATOM   536  N N   . GLU A 1 66  ? 6.235   -9.746  10.731  1.00 32.73 ? 66  GLU A N   1 
ATOM   537  C CA  . GLU A 1 66  ? 7.283   -9.335  11.622  1.00 33.99 ? 66  GLU A CA  1 
ATOM   538  C C   . GLU A 1 66  ? 7.491   -7.866  11.547  1.00 34.11 ? 66  GLU A C   1 
ATOM   539  O O   . GLU A 1 66  ? 7.690   -7.196  12.581  1.00 34.73 ? 66  GLU A O   1 
ATOM   540  C CB  . GLU A 1 66  ? 8.619   -9.999  11.292  1.00 34.34 ? 66  GLU A CB  1 
ATOM   541  C CG  . GLU A 1 66  ? 9.601   -9.943  12.489  1.00 36.66 ? 66  GLU A CG  1 
ATOM   542  C CD  . GLU A 1 66  ? 10.912  -10.726 12.261  1.00 39.27 ? 66  GLU A CD  1 
ATOM   543  O OE1 . GLU A 1 66  ? 10.841  -11.896 11.763  1.00 44.07 ? 66  GLU A OE1 1 
ATOM   544  O OE2 . GLU A 1 66  ? 12.004  -10.154 12.571  1.00 47.21 ? 66  GLU A OE2 1 
ATOM   545  N N   . ARG A 1 67  ? 7.517   -7.370  10.314  1.00 33.33 ? 67  ARG A N   1 
ATOM   546  C CA  . ARG A 1 67  ? 7.781   -5.969  10.093  1.00 32.77 ? 67  ARG A CA  1 
ATOM   547  C C   . ARG A 1 67  ? 6.626   -5.086  10.594  1.00 31.50 ? 67  ARG A C   1 
ATOM   548  O O   . ARG A 1 67  ? 6.868   -4.022  11.100  1.00 29.48 ? 67  ARG A O   1 
ATOM   549  C CB  . ARG A 1 67  ? 8.081   -5.677  8.632   1.00 32.76 ? 67  ARG A CB  1 
ATOM   550  C CG  . ARG A 1 67  ? 8.244   -4.201  8.441   1.00 34.19 ? 67  ARG A CG  1 
ATOM   551  C CD  . ARG A 1 67  ? 8.937   -3.855  7.205   1.00 35.22 ? 67  ARG A CD  1 
ATOM   552  N NE  . ARG A 1 67  ? 9.455   -2.487  7.231   1.00 36.44 ? 67  ARG A NE  1 
ATOM   553  C CZ  . ARG A 1 67  ? 9.740   -1.813  6.129   1.00 36.07 ? 67  ARG A CZ  1 
ATOM   554  N NH1 . ARG A 1 67  ? 9.542   -2.361  4.926   1.00 35.49 ? 67  ARG A NH1 1 
ATOM   555  N NH2 . ARG A 1 67  ? 10.210  -0.587  6.222   1.00 34.86 ? 67  ARG A NH2 1 
ATOM   556  N N   . GLY A 1 68  ? 5.389   -5.539  10.427  1.00 31.14 ? 68  GLY A N   1 
ATOM   557  C CA  . GLY A 1 68  ? 4.223   -4.847  10.991  1.00 32.47 ? 68  GLY A CA  1 
ATOM   558  C C   . GLY A 1 68  ? 4.322   -4.706  12.508  1.00 32.71 ? 68  GLY A C   1 
ATOM   559  O O   . GLY A 1 68  ? 4.038   -3.641  13.069  1.00 32.64 ? 68  GLY A O   1 
ATOM   560  N N   . GLU A 1 69  ? 4.738   -5.780  13.171  1.00 33.87 ? 69  GLU A N   1 
ATOM   561  C CA  . GLU A 1 69  ? 4.999   -5.721  14.611  1.00 34.52 ? 69  GLU A CA  1 
ATOM   562  C C   . GLU A 1 69  ? 6.074   -4.650  14.942  1.00 34.22 ? 69  GLU A C   1 
ATOM   563  O O   . GLU A 1 69  ? 5.840   -3.795  15.780  1.00 32.75 ? 69  GLU A O   1 
ATOM   564  C CB  . GLU A 1 69  ? 5.319   -7.134  15.150  1.00 35.34 ? 69  GLU A CB  1 
ATOM   565  C CG  . GLU A 1 69  ? 5.793   -7.246  16.601  1.00 37.86 ? 69  GLU A CG  1 
ATOM   566  C CD  . GLU A 1 69  ? 4.757   -6.801  17.633  1.00 47.04 ? 69  GLU A CD  1 
ATOM   567  O OE1 . GLU A 1 69  ? 3.538   -7.089  17.438  1.00 50.51 ? 69  GLU A OE1 1 
ATOM   568  O OE2 . GLU A 1 69  ? 5.180   -6.162  18.645  1.00 52.52 ? 69  GLU A OE2 1 
ATOM   569  N N   . GLU A 1 70  ? 7.209   -4.646  14.236  1.00 34.81 ? 70  GLU A N   1 
ATOM   570  C CA  . GLU A 1 70  ? 8.212   -3.587  14.427  1.00 35.45 ? 70  GLU A CA  1 
ATOM   571  C C   . GLU A 1 70  ? 7.625   -2.193  14.199  1.00 34.95 ? 70  GLU A C   1 
ATOM   572  O O   . GLU A 1 70  ? 7.789   -1.300  15.033  1.00 35.25 ? 70  GLU A O   1 
ATOM   573  C CB  . GLU A 1 70  ? 9.435   -3.713  13.509  1.00 35.85 ? 70  GLU A CB  1 
ATOM   574  C CG  . GLU A 1 70  ? 9.853   -5.121  13.131  1.00 39.59 ? 70  GLU A CG  1 
ATOM   575  C CD  . GLU A 1 70  ? 11.157  -5.170  12.336  1.00 38.88 ? 70  GLU A CD  1 
ATOM   576  O OE1 . GLU A 1 70  ? 12.223  -4.956  12.932  1.00 46.51 ? 70  GLU A OE1 1 
ATOM   577  O OE2 . GLU A 1 70  ? 11.117  -5.433  11.110  1.00 46.93 ? 70  GLU A OE2 1 
ATOM   578  N N   . LEU A 1 71  ? 6.962   -1.996  13.061  1.00 33.76 ? 71  LEU A N   1 
ATOM   579  C CA  . LEU A 1 71  ? 6.399   -0.698  12.727  1.00 33.20 ? 71  LEU A CA  1 
ATOM   580  C C   . LEU A 1 71  ? 5.456   -0.239  13.832  1.00 32.38 ? 71  LEU A C   1 
ATOM   581  O O   . LEU A 1 71  ? 5.469   0.911   14.194  1.00 31.21 ? 71  LEU A O   1 
ATOM   582  C CB  . LEU A 1 71  ? 5.637   -0.761  11.407  1.00 32.54 ? 71  LEU A CB  1 
ATOM   583  C CG  . LEU A 1 71  ? 6.523   -0.927  10.183  1.00 31.78 ? 71  LEU A CG  1 
ATOM   584  C CD1 . LEU A 1 71  ? 5.694   -1.150  8.922   1.00 33.28 ? 71  LEU A CD1 1 
ATOM   585  C CD2 . LEU A 1 71  ? 7.387   0.281   10.024  1.00 31.49 ? 71  LEU A CD2 1 
ATOM   586  N N   . ARG A 1 72  ? 4.640   -1.143  14.356  1.00 32.91 ? 72  ARG A N   1 
ATOM   587  C CA  . ARG A 1 72  ? 3.650   -0.740  15.343  1.00 34.62 ? 72  ARG A CA  1 
ATOM   588  C C   . ARG A 1 72  ? 4.287   -0.400  16.677  1.00 34.64 ? 72  ARG A C   1 
ATOM   589  O O   . ARG A 1 72  ? 3.713   0.385   17.428  1.00 34.45 ? 72  ARG A O   1 
ATOM   590  C CB  . ARG A 1 72  ? 2.568   -1.786  15.507  1.00 35.12 ? 72  ARG A CB  1 
ATOM   591  C CG  . ARG A 1 72  ? 1.583   -1.727  14.365  1.00 39.37 ? 72  ARG A CG  1 
ATOM   592  C CD  . ARG A 1 72  ? 1.007   -3.083  14.141  1.00 44.02 ? 72  ARG A CD  1 
ATOM   593  N NE  . ARG A 1 72  ? 0.345   -3.493  15.353  1.00 46.99 ? 72  ARG A NE  1 
ATOM   594  C CZ  . ARG A 1 72  ? 0.160   -4.753  15.721  1.00 50.11 ? 72  ARG A CZ  1 
ATOM   595  N NH1 . ARG A 1 72  ? 0.612   -5.773  14.961  1.00 50.04 ? 72  ARG A NH1 1 
ATOM   596  N NH2 . ARG A 1 72  ? -0.475  -4.983  16.872  1.00 49.13 ? 72  ARG A NH2 1 
ATOM   597  N N   . GLN A 1 73  ? 5.485   -0.947  16.917  1.00 34.64 ? 73  GLN A N   1 
ATOM   598  C CA  A GLN A 1 73  ? 6.263   -0.636  18.121  0.50 34.70 ? 73  GLN A CA  1 
ATOM   599  C CA  B GLN A 1 73  ? 6.272   -0.637  18.113  0.50 34.58 ? 73  GLN A CA  1 
ATOM   600  C C   . GLN A 1 73  ? 7.070   0.668   17.923  1.00 34.28 ? 73  GLN A C   1 
ATOM   601  O O   . GLN A 1 73  ? 7.210   1.470   18.840  1.00 35.10 ? 73  GLN A O   1 
ATOM   602  C CB  A GLN A 1 73  ? 7.140   -1.850  18.558  0.50 34.85 ? 73  GLN A CB  1 
ATOM   603  C CB  B GLN A 1 73  ? 7.218   -1.809  18.452  0.50 34.97 ? 73  GLN A CB  1 
ATOM   604  C CG  A GLN A 1 73  ? 8.651   -1.809  18.206  0.50 35.41 ? 73  GLN A CG  1 
ATOM   605  C CG  B GLN A 1 73  ? 7.216   -2.207  19.925  0.50 36.00 ? 73  GLN A CG  1 
ATOM   606  C CD  A GLN A 1 73  ? 9.406   -3.075  18.666  0.50 36.38 ? 73  GLN A CD  1 
ATOM   607  C CD  B GLN A 1 73  ? 6.055   -3.124  20.261  0.50 37.87 ? 73  GLN A CD  1 
ATOM   608  O OE1 A GLN A 1 73  ? 9.372   -3.432  19.850  0.50 40.08 ? 73  GLN A OE1 1 
ATOM   609  O OE1 B GLN A 1 73  ? 5.864   -4.160  19.617  0.50 39.47 ? 73  GLN A OE1 1 
ATOM   610  N NE2 A GLN A 1 73  ? 10.090  -3.752  17.731  0.50 35.93 ? 73  GLN A NE2 1 
ATOM   611  N NE2 B GLN A 1 73  ? 5.275   -2.756  21.274  0.50 36.97 ? 73  GLN A NE2 1 
ATOM   612  N N   . ALA A 1 74  ? 7.565   0.906   16.723  1.00 33.14 ? 74  ALA A N   1 
ATOM   613  C CA  . ALA A 1 74  ? 8.274   2.145   16.438  1.00 32.44 ? 74  ALA A CA  1 
ATOM   614  C C   . ALA A 1 74  ? 7.404   3.401   16.296  1.00 31.76 ? 74  ALA A C   1 
ATOM   615  O O   . ALA A 1 74  ? 7.926   4.542   16.397  1.00 31.71 ? 74  ALA A O   1 
ATOM   616  C CB  . ALA A 1 74  ? 9.069   1.969   15.175  1.00 32.79 ? 74  ALA A CB  1 
ATOM   617  N N   . HIS A 1 75  ? 6.107   3.222   16.000  1.00 30.54 ? 75  HIS A N   1 
ATOM   618  C CA  . HIS A 1 75  ? 5.199   4.368   15.750  1.00 29.42 ? 75  HIS A CA  1 
ATOM   619  C C   . HIS A 1 75  ? 3.814   4.080   16.303  1.00 28.72 ? 75  HIS A C   1 
ATOM   620  O O   . HIS A 1 75  ? 2.847   4.095   15.552  1.00 27.21 ? 75  HIS A O   1 
ATOM   621  C CB  . HIS A 1 75  ? 5.046   4.615   14.242  1.00 29.71 ? 75  HIS A CB  1 
ATOM   622  C CG  . HIS A 1 75  ? 6.338   4.821   13.518  1.00 28.86 ? 75  HIS A CG  1 
ATOM   623  N ND1 . HIS A 1 75  ? 6.978   6.037   13.472  1.00 31.18 ? 75  HIS A ND1 1 
ATOM   624  C CD2 . HIS A 1 75  ? 7.094   3.969   12.778  1.00 30.33 ? 75  HIS A CD2 1 
ATOM   625  C CE1 . HIS A 1 75  ? 8.083   5.921   12.750  1.00 32.16 ? 75  HIS A CE1 1 
ATOM   626  N NE2 . HIS A 1 75  ? 8.178   4.672   12.325  1.00 28.90 ? 75  HIS A NE2 1 
ATOM   627  N N   . PRO A 1 76  ? 3.705   3.838   17.634  1.00 28.43 ? 76  PRO A N   1 
ATOM   628  C CA  . PRO A 1 76  ? 2.462   3.299   18.253  1.00 27.25 ? 76  PRO A CA  1 
ATOM   629  C C   . PRO A 1 76  ? 1.280   4.260   18.188  1.00 26.38 ? 76  PRO A C   1 
ATOM   630  O O   . PRO A 1 76  ? 0.111   3.836   18.170  1.00 23.92 ? 76  PRO A O   1 
ATOM   631  C CB  . PRO A 1 76  ? 2.860   3.064   19.707  1.00 27.25 ? 76  PRO A CB  1 
ATOM   632  C CG  . PRO A 1 76  ? 4.092   3.945   19.919  1.00 28.80 ? 76  PRO A CG  1 
ATOM   633  C CD  . PRO A 1 76  ? 4.775   4.098   18.619  1.00 28.57 ? 76  PRO A CD  1 
ATOM   634  N N   . GLN A 1 77  ? 1.569   5.552   18.143  1.00 25.67 ? 77  GLN A N   1 
ATOM   635  C CA  . GLN A 1 77  ? 0.506   6.525   18.030  1.00 25.90 ? 77  GLN A CA  1 
ATOM   636  C C   . GLN A 1 77  ? -0.009  6.682   16.583  1.00 25.33 ? 77  GLN A C   1 
ATOM   637  O O   . GLN A 1 77  ? -1.045  7.262   16.414  1.00 25.74 ? 77  GLN A O   1 
ATOM   638  C CB  . GLN A 1 77  ? 0.945   7.894   18.585  1.00 26.34 ? 77  GLN A CB  1 
ATOM   639  C CG  . GLN A 1 77  ? 0.757   7.992   20.084  1.00 27.96 ? 77  GLN A CG  1 
ATOM   640  C CD  . GLN A 1 77  ? 1.725   7.110   20.836  1.00 26.61 ? 77  GLN A CD  1 
ATOM   641  O OE1 . GLN A 1 77  ? 2.927   7.327   20.784  1.00 28.06 ? 77  GLN A OE1 1 
ATOM   642  N NE2 . GLN A 1 77  ? 1.209   6.079   21.484  1.00 27.60 ? 77  GLN A NE2 1 
ATOM   643  N N   . SER A 1 78  ? 0.718   6.171   15.580  1.00 24.94 ? 78  SER A N   1 
ATOM   644  C CA  . SER A 1 78  ? 0.470   6.432   14.139  1.00 24.26 ? 78  SER A CA  1 
ATOM   645  C C   . SER A 1 78  ? 0.230   5.191   13.258  1.00 23.71 ? 78  SER A C   1 
ATOM   646  O O   . SER A 1 78  ? -0.284  5.300   12.102  1.00 22.83 ? 78  SER A O   1 
ATOM   647  C CB  . SER A 1 78  ? 1.622   7.221   13.546  1.00 24.15 ? 78  SER A CB  1 
ATOM   648  O OG  . SER A 1 78  ? 1.657   8.532   14.063  1.00 24.02 ? 78  SER A OG  1 
ATOM   649  N N   . ILE A 1 79  ? 0.572   4.020   13.785  1.00 23.03 ? 79  ILE A N   1 
ATOM   650  C CA  . ILE A 1 79  ? 0.384   2.768   13.055  1.00 22.58 ? 79  ILE A CA  1 
ATOM   651  C C   . ILE A 1 79  ? -0.344  1.779   13.918  1.00 22.66 ? 79  ILE A C   1 
ATOM   652  O O   . ILE A 1 79  ? 0.152   1.441   14.959  1.00 24.47 ? 79  ILE A O   1 
ATOM   653  C CB  . ILE A 1 79  ? 1.699   2.179   12.606  1.00 22.50 ? 79  ILE A CB  1 
ATOM   654  C CG1 . ILE A 1 79  ? 2.470   3.230   11.771  1.00 21.95 ? 79  ILE A CG1 1 
ATOM   655  C CG2 . ILE A 1 79  ? 1.439   0.833   11.782  1.00 23.51 ? 79  ILE A CG2 1 
ATOM   656  C CD1 . ILE A 1 79  ? 3.676   2.693   11.111  1.00 20.90 ? 79  ILE A CD1 1 
ATOM   657  N N   . ALA A 1 80  ? -1.526  1.360   13.460  1.00 22.64 ? 80  ALA A N   1 
ATOM   658  C CA  . ALA A 1 80  ? -2.444  0.483   14.142  1.00 22.20 ? 80  ALA A CA  1 
ATOM   659  C C   . ALA A 1 80  ? -2.673  -0.822  13.362  1.00 22.49 ? 80  ALA A C   1 
ATOM   660  O O   . ALA A 1 80  ? -2.459  -0.882  12.149  1.00 22.31 ? 80  ALA A O   1 
ATOM   661  C CB  . ALA A 1 80  ? -3.810  1.215   14.313  1.00 22.51 ? 80  ALA A CB  1 
ATOM   662  N N   . PRO A 1 81  ? -3.204  -1.847  14.036  1.00 22.66 ? 81  PRO A N   1 
ATOM   663  C CA  . PRO A 1 81  ? -3.607  -3.053  13.317  1.00 22.30 ? 81  PRO A CA  1 
ATOM   664  C C   . PRO A 1 81  ? -4.632  -2.672  12.213  1.00 22.50 ? 81  PRO A C   1 
ATOM   665  O O   . PRO A 1 81  ? -5.377  -1.723  12.395  1.00 21.61 ? 81  PRO A O   1 
ATOM   666  C CB  . PRO A 1 81  ? -4.254  -3.907  14.435  1.00 22.06 ? 81  PRO A CB  1 
ATOM   667  C CG  . PRO A 1 81  ? -3.530  -3.458  15.690  1.00 24.39 ? 81  PRO A CG  1 
ATOM   668  C CD  . PRO A 1 81  ? -3.513  -1.950  15.483  1.00 23.01 ? 81  PRO A CD  1 
ATOM   669  N N   . GLY A 1 82  ? -4.648  -3.370  11.071  1.00 22.16 ? 82  GLY A N   1 
ATOM   670  C CA  . GLY A 1 82  ? -5.521  -3.003  9.982   1.00 22.08 ? 82  GLY A CA  1 
ATOM   671  C C   . GLY A 1 82  ? -6.998  -2.899  10.313  1.00 22.05 ? 82  GLY A C   1 
ATOM   672  O O   . GLY A 1 82  ? -7.625  -3.846  10.726  1.00 20.64 ? 82  GLY A O   1 
ATOM   673  N N   . TYR A 1 83  ? -7.551  -1.733  10.064  1.00 24.02 ? 83  TYR A N   1 
ATOM   674  C CA  . TYR A 1 83  ? -8.961  -1.413  10.342  1.00 24.51 ? 83  TYR A CA  1 
ATOM   675  C C   . TYR A 1 83  ? -9.946  -2.145  9.423   1.00 24.06 ? 83  TYR A C   1 
ATOM   676  O O   . TYR A 1 83  ? -9.961  -1.930  8.222   1.00 22.68 ? 83  TYR A O   1 
ATOM   677  C CB  . TYR A 1 83  ? -9.147  0.106   10.194  1.00 27.15 ? 83  TYR A CB  1 
ATOM   678  C CG  . TYR A 1 83  ? -10.540 0.548   10.473  1.00 28.36 ? 83  TYR A CG  1 
ATOM   679  C CD1 . TYR A 1 83  ? -11.049 0.513   11.767  1.00 31.66 ? 83  TYR A CD1 1 
ATOM   680  C CD2 . TYR A 1 83  ? -11.386 0.984   9.425   1.00 32.10 ? 83  TYR A CD2 1 
ATOM   681  C CE1 . TYR A 1 83  ? -12.359 0.907   12.027  1.00 31.06 ? 83  TYR A CE1 1 
ATOM   682  C CE2 . TYR A 1 83  ? -12.694 1.377   9.677   1.00 31.14 ? 83  TYR A CE2 1 
ATOM   683  C CZ  . TYR A 1 83  ? -13.164 1.327   10.996  1.00 32.19 ? 83  TYR A CZ  1 
ATOM   684  O OH  . TYR A 1 83  ? -14.465 1.686   11.268  1.00 35.10 ? 83  TYR A OH  1 
ATOM   685  N N   . HIS A 1 84  ? -10.778 -2.998  10.012  1.00 23.67 ? 84  HIS A N   1 
ATOM   686  C CA  . HIS A 1 84  ? -11.658 -3.909  9.270   1.00 24.10 ? 84  HIS A CA  1 
ATOM   687  C C   . HIS A 1 84  ? -10.887 -4.782  8.297   1.00 22.08 ? 84  HIS A C   1 
ATOM   688  O O   . HIS A 1 84  ? -11.413 -5.140  7.240   1.00 21.80 ? 84  HIS A O   1 
ATOM   689  C CB  . HIS A 1 84  ? -12.729 -3.145  8.493   1.00 25.62 ? 84  HIS A CB  1 
ATOM   690  C CG  . HIS A 1 84  ? -13.784 -2.525  9.358   1.00 30.99 ? 84  HIS A CG  1 
ATOM   691  N ND1 . HIS A 1 84  ? -14.928 -1.957  8.835   1.00 30.66 ? 84  HIS A ND1 1 
ATOM   692  C CD2 . HIS A 1 84  ? -13.860 -2.364  10.702  1.00 34.85 ? 84  HIS A CD2 1 
ATOM   693  C CE1 . HIS A 1 84  ? -15.681 -1.502  9.821   1.00 34.79 ? 84  HIS A CE1 1 
ATOM   694  N NE2 . HIS A 1 84  ? -15.052 -1.729  10.964  1.00 37.22 ? 84  HIS A NE2 1 
ATOM   695  N N   . LEU A 1 85  ? -9.637  -5.117  8.626   1.00 20.06 ? 85  LEU A N   1 
ATOM   696  C CA  . LEU A 1 85  ? -8.846  -5.941  7.725   1.00 19.71 ? 85  LEU A CA  1 
ATOM   697  C C   . LEU A 1 85  ? -8.193  -7.041  8.504   1.00 18.36 ? 85  LEU A C   1 
ATOM   698  O O   . LEU A 1 85  ? -8.203  -7.008  9.708   1.00 18.81 ? 85  LEU A O   1 
ATOM   699  C CB  . LEU A 1 85  ? -7.767  -5.103  6.994   1.00 18.43 ? 85  LEU A CB  1 
ATOM   700  C CG  . LEU A 1 85  ? -8.277  -3.990  6.101   1.00 18.26 ? 85  LEU A CG  1 
ATOM   701  C CD1 . LEU A 1 85  ? -7.235  -2.870  5.945   1.00 19.66 ? 85  LEU A CD1 1 
ATOM   702  C CD2 . LEU A 1 85  ? -8.807  -4.542  4.767   1.00 16.84 ? 85  LEU A CD2 1 
ATOM   703  N N   . ASN A 1 86  ? -7.577  -7.977  7.796   1.00 18.61 ? 86  ASN A N   1 
ATOM   704  C CA  . ASN A 1 86  ? -6.815  -9.081  8.396   1.00 19.32 ? 86  ASN A CA  1 
ATOM   705  C C   . ASN A 1 86  ? -5.590  -8.535  9.097   1.00 19.68 ? 86  ASN A C   1 
ATOM   706  O O   . ASN A 1 86  ? -4.612  -8.159  8.446   1.00 18.15 ? 86  ASN A O   1 
ATOM   707  C CB  . ASN A 1 86  ? -6.386  -10.047 7.283   1.00 18.68 ? 86  ASN A CB  1 
ATOM   708  C CG  . ASN A 1 86  ? -5.901  -11.373 7.804   1.00 18.15 ? 86  ASN A CG  1 
ATOM   709  O OD1 . ASN A 1 86  ? -5.401  -11.447 8.915   1.00 16.09 ? 86  ASN A OD1 1 
ATOM   710  N ND2 . ASN A 1 86  ? -6.032  -12.441 6.979   1.00 16.32 ? 86  ASN A ND2 1 
ATOM   711  N N   . LYS A 1 87  ? -5.631  -8.522  10.432  1.00 20.86 ? 87  LYS A N   1 
ATOM   712  C CA  A LYS A 1 87  ? -4.619  -7.815  11.196  0.50 21.35 ? 87  LYS A CA  1 
ATOM   713  C CA  B LYS A 1 87  ? -4.633  -7.846  11.237  0.50 21.10 ? 87  LYS A CA  1 
ATOM   714  C C   . LYS A 1 87  ? -3.323  -8.648  11.316  1.00 21.42 ? 87  LYS A C   1 
ATOM   715  O O   . LYS A 1 87  ? -2.328  -8.175  11.816  1.00 21.01 ? 87  LYS A O   1 
ATOM   716  C CB  A LYS A 1 87  ? -5.176  -7.358  12.555  0.50 22.44 ? 87  LYS A CB  1 
ATOM   717  C CB  B LYS A 1 87  ? -5.214  -7.551  12.628  0.50 22.01 ? 87  LYS A CB  1 
ATOM   718  C CG  A LYS A 1 87  ? -6.252  -6.255  12.418  0.50 23.25 ? 87  LYS A CG  1 
ATOM   719  C CG  B LYS A 1 87  ? -6.392  -6.584  12.542  0.50 22.52 ? 87  LYS A CG  1 
ATOM   720  C CD  A LYS A 1 87  ? -7.150  -6.113  13.643  0.50 23.11 ? 87  LYS A CD  1 
ATOM   721  C CD  B LYS A 1 87  ? -7.285  -6.576  13.749  0.50 21.78 ? 87  LYS A CD  1 
ATOM   722  C CE  A LYS A 1 87  ? -8.593  -5.756  13.276  0.50 24.82 ? 87  LYS A CE  1 
ATOM   723  C CE  B LYS A 1 87  ? -8.366  -5.517  13.555  0.50 22.23 ? 87  LYS A CE  1 
ATOM   724  N NZ  A LYS A 1 87  ? -8.857  -4.302  13.047  0.50 25.47 ? 87  LYS A NZ  1 
ATOM   725  N NZ  B LYS A 1 87  ? -9.220  -5.738  12.316  0.50 19.25 ? 87  LYS A NZ  1 
ATOM   726  N N   . LYS A 1 88  ? -3.338  -9.879  10.813  1.00 21.68 ? 88  LYS A N   1 
ATOM   727  C CA  . LYS A 1 88  ? -2.112  -10.627 10.625  1.00 21.42 ? 88  LYS A CA  1 
ATOM   728  C C   . LYS A 1 88  ? -1.254  -9.979  9.498   1.00 20.70 ? 88  LYS A C   1 
ATOM   729  O O   . LYS A 1 88  ? -0.040  -10.121 9.493   1.00 19.72 ? 88  LYS A O   1 
ATOM   730  C CB  . LYS A 1 88  ? -2.421  -12.095 10.244  1.00 22.02 ? 88  LYS A CB  1 
ATOM   731  C CG  . LYS A 1 88  ? -2.925  -12.986 11.381  1.00 22.55 ? 88  LYS A CG  1 
ATOM   732  C CD  . LYS A 1 88  ? -3.097  -14.505 11.015  1.00 23.18 ? 88  LYS A CD  1 
ATOM   733  C CE  . LYS A 1 88  ? -4.038  -14.747 9.783   1.00 25.88 ? 88  LYS A CE  1 
ATOM   734  N NZ  . LYS A 1 88  ? -5.407  -14.215 9.999   1.00 21.69 ? 88  LYS A NZ  1 
ATOM   735  N N   . HIS A 1 89  ? -1.901  -9.316  8.523   1.00 19.72 ? 89  HIS A N   1 
ATOM   736  C CA  . HIS A 1 89  ? -1.194  -8.857  7.310   1.00 19.27 ? 89  HIS A CA  1 
ATOM   737  C C   . HIS A 1 89  ? -1.297  -7.386  6.971   1.00 18.39 ? 89  HIS A C   1 
ATOM   738  O O   . HIS A 1 89  ? -0.473  -6.864  6.218   1.00 20.11 ? 89  HIS A O   1 
ATOM   739  C CB  . HIS A 1 89  ? -1.642  -9.699  6.127   1.00 19.15 ? 89  HIS A CB  1 
ATOM   740  C CG  . HIS A 1 89  ? -1.396  -11.168 6.316   1.00 20.17 ? 89  HIS A CG  1 
ATOM   741  N ND1 . HIS A 1 89  ? -0.153  -11.722 6.181   1.00 22.18 ? 89  HIS A ND1 1 
ATOM   742  C CD2 . HIS A 1 89  ? -2.219  -12.182 6.673   1.00 21.76 ? 89  HIS A CD2 1 
ATOM   743  C CE1 . HIS A 1 89  ? -0.219  -13.022 6.405   1.00 23.03 ? 89  HIS A CE1 1 
ATOM   744  N NE2 . HIS A 1 89  ? -1.464  -13.329 6.704   1.00 19.61 ? 89  HIS A NE2 1 
ATOM   745  N N   . TRP A 1 90  ? -2.274  -6.719  7.547   1.00 17.80 ? 90  TRP A N   1 
ATOM   746  C CA  . TRP A 1 90  ? -2.549  -5.261  7.280   1.00 17.10 ? 90  TRP A CA  1 
ATOM   747  C C   . TRP A 1 90  ? -2.333  -4.340  8.483   1.00 15.99 ? 90  TRP A C   1 
ATOM   748  O O   . TRP A 1 90  ? -2.716  -4.645  9.607   1.00 15.40 ? 90  TRP A O   1 
ATOM   749  C CB  . TRP A 1 90  ? -3.991  -5.074  6.887   1.00 15.91 ? 90  TRP A CB  1 
ATOM   750  C CG  . TRP A 1 90  ? -4.384  -5.651  5.598   1.00 14.90 ? 90  TRP A CG  1 
ATOM   751  C CD1 . TRP A 1 90  ? -4.751  -6.902  5.381   1.00 15.63 ? 90  TRP A CD1 1 
ATOM   752  C CD2 . TRP A 1 90  ? -4.462  -4.978  4.335   1.00 17.55 ? 90  TRP A CD2 1 
ATOM   753  N NE1 . TRP A 1 90  ? -5.112  -7.083  4.075   1.00 15.73 ? 90  TRP A NE1 1 
ATOM   754  C CE2 . TRP A 1 90  ? -4.941  -5.915  3.399   1.00 16.03 ? 90  TRP A CE2 1 
ATOM   755  C CE3 . TRP A 1 90  ? -4.172  -3.672  3.900   1.00 17.41 ? 90  TRP A CE3 1 
ATOM   756  C CZ2 . TRP A 1 90  ? -5.097  -5.618  2.043   1.00 15.12 ? 90  TRP A CZ2 1 
ATOM   757  C CZ3 . TRP A 1 90  ? -4.358  -3.365  2.537   1.00 16.20 ? 90  TRP A CZ3 1 
ATOM   758  C CH2 . TRP A 1 90  ? -4.799  -4.335  1.636   1.00 15.81 ? 90  TRP A CH2 1 
ATOM   759  N N   . VAL A 1 91  ? -1.740  -3.196  8.228   1.00 16.75 ? 91  VAL A N   1 
ATOM   760  C CA  . VAL A 1 91  ? -1.679  -2.112  9.215   1.00 17.34 ? 91  VAL A CA  1 
ATOM   761  C C   . VAL A 1 91  ? -2.357  -0.884  8.612   1.00 17.92 ? 91  VAL A C   1 
ATOM   762  O O   . VAL A 1 91  ? -2.514  -0.805  7.393   1.00 18.42 ? 91  VAL A O   1 
ATOM   763  C CB  . VAL A 1 91  ? -0.226  -1.741  9.605   1.00 17.22 ? 91  VAL A CB  1 
ATOM   764  C CG1 . VAL A 1 91  ? 0.464   -2.910  10.427  1.00 19.24 ? 91  VAL A CG1 1 
ATOM   765  C CG2 . VAL A 1 91  ? 0.625   -1.293  8.350   1.00 16.50 ? 91  VAL A CG2 1 
ATOM   766  N N   . THR A 1 92  ? -2.723  0.062   9.466   1.00 17.58 ? 92  THR A N   1 
ATOM   767  C CA  . THR A 1 92  ? -3.348  1.331   9.046   1.00 18.22 ? 92  THR A CA  1 
ATOM   768  C C   . THR A 1 92  ? -2.460  2.458   9.624   1.00 18.13 ? 92  THR A C   1 
ATOM   769  O O   . THR A 1 92  ? -2.155  2.481   10.813  1.00 18.41 ? 92  THR A O   1 
ATOM   770  C CB  . THR A 1 92  ? -4.893  1.391   9.522   1.00 17.91 ? 92  THR A CB  1 
ATOM   771  O OG1 . THR A 1 92  ? -5.641  0.398   8.820   1.00 17.84 ? 92  THR A OG1 1 
ATOM   772  C CG2 . THR A 1 92  ? -5.535  2.759   9.281   1.00 18.33 ? 92  THR A CG2 1 
ATOM   773  N N   . VAL A 1 93  ? -1.972  3.309   8.737   1.00 18.71 ? 93  VAL A N   1 
ATOM   774  C CA  . VAL A 1 93  ? -1.074  4.417   9.042   1.00 19.43 ? 93  VAL A CA  1 
ATOM   775  C C   . VAL A 1 93  ? -1.794  5.744   8.879   1.00 19.66 ? 93  VAL A C   1 
ATOM   776  O O   . VAL A 1 93  ? -2.393  6.022   7.796   1.00 18.18 ? 93  VAL A O   1 
ATOM   777  C CB  . VAL A 1 93  ? 0.137   4.460   8.087   1.00 19.19 ? 93  VAL A CB  1 
ATOM   778  C CG1 . VAL A 1 93  ? 1.132   5.458   8.569   1.00 21.84 ? 93  VAL A CG1 1 
ATOM   779  C CG2 . VAL A 1 93  ? 0.771   3.118   8.014   1.00 23.15 ? 93  VAL A CG2 1 
ATOM   780  N N   . THR A 1 94  ? -1.727  6.565   9.937   1.00 19.41 ? 94  THR A N   1 
ATOM   781  C CA  . THR A 1 94  ? -2.278  7.914   9.864   1.00 19.99 ? 94  THR A CA  1 
ATOM   782  C C   . THR A 1 94  ? -1.347  8.814   9.062   1.00 19.97 ? 94  THR A C   1 
ATOM   783  O O   . THR A 1 94  ? -0.164  8.946   9.393   1.00 21.88 ? 94  THR A O   1 
ATOM   784  C CB  . THR A 1 94  ? -2.507  8.470   11.295  1.00 19.62 ? 94  THR A CB  1 
ATOM   785  O OG1 . THR A 1 94  ? -3.162  7.470   12.078  1.00 22.60 ? 94  THR A OG1 1 
ATOM   786  C CG2 . THR A 1 94  ? -3.371  9.743   11.282  1.00 19.08 ? 94  THR A CG2 1 
ATOM   787  N N   . LEU A 1 95  ? -1.846  9.413   7.991   1.00 20.55 ? 95  LEU A N   1 
ATOM   788  C CA  . LEU A 1 95  ? -1.022  10.298  7.160   1.00 20.66 ? 95  LEU A CA  1 
ATOM   789  C C   . LEU A 1 95  ? -1.059  11.769  7.636   1.00 21.06 ? 95  LEU A C   1 
ATOM   790  O O   . LEU A 1 95  ? -1.600  12.691  6.976   1.00 21.64 ? 95  LEU A O   1 
ATOM   791  C CB  . LEU A 1 95  ? -1.455  10.191  5.703   1.00 20.79 ? 95  LEU A CB  1 
ATOM   792  C CG  . LEU A 1 95  ? -1.470  8.795   5.078   1.00 18.60 ? 95  LEU A CG  1 
ATOM   793  C CD1 . LEU A 1 95  ? -1.836  8.987   3.614   1.00 17.29 ? 95  LEU A CD1 1 
ATOM   794  C CD2 . LEU A 1 95  ? -0.152  8.052   5.233   1.00 15.27 ? 95  LEU A CD2 1 
ATOM   795  N N   . ASP A 1 96  ? -0.463  11.977  8.795   1.00 21.75 ? 96  ASP A N   1 
ATOM   796  C CA  . ASP A 1 96  ? -0.418  13.299  9.438   1.00 21.77 ? 96  ASP A CA  1 
ATOM   797  C C   . ASP A 1 96  ? 0.984   13.831  9.550   1.00 22.10 ? 96  ASP A C   1 
ATOM   798  O O   . ASP A 1 96  ? 1.193   14.809  10.251  1.00 23.94 ? 96  ASP A O   1 
ATOM   799  C CB  . ASP A 1 96  ? -1.055  13.241  10.823  1.00 21.58 ? 96  ASP A CB  1 
ATOM   800  C CG  . ASP A 1 96  ? -0.420  12.242  11.734  1.00 21.52 ? 96  ASP A CG  1 
ATOM   801  O OD1 . ASP A 1 96  ? 0.570   11.566  11.344  1.00 19.79 ? 96  ASP A OD1 1 
ATOM   802  O OD2 . ASP A 1 96  ? -0.924  12.115  12.868  1.00 22.37 ? 96  ASP A OD2 1 
ATOM   803  N N   . GLY A 1 97  ? 1.952   13.199  8.897   1.00 21.55 ? 97  GLY A N   1 
ATOM   804  C CA  . GLY A 1 97  ? 3.302   13.707  8.932   1.00 22.28 ? 97  GLY A CA  1 
ATOM   805  C C   . GLY A 1 97  ? 4.173   13.153  10.043  1.00 23.29 ? 97  GLY A C   1 
ATOM   806  O O   . GLY A 1 97  ? 5.358   13.481  10.114  1.00 23.71 ? 97  GLY A O   1 
ATOM   807  N N   . THR A 1 98  ? 3.611   12.249  10.860  1.00 23.47 ? 98  THR A N   1 
ATOM   808  C CA  . THR A 1 98  ? 4.293   11.683  11.993  1.00 22.56 ? 98  THR A CA  1 
ATOM   809  C C   . THR A 1 98  ? 5.137   10.490  11.617  1.00 23.35 ? 98  THR A C   1 
ATOM   810  O O   . THR A 1 98  ? 6.005   10.099  12.374  1.00 22.51 ? 98  THR A O   1 
ATOM   811  C CB  . THR A 1 98  ? 3.284   11.283  13.118  1.00 22.33 ? 98  THR A CB  1 
ATOM   812  O OG1 . THR A 1 98  ? 2.209   10.458  12.603  1.00 21.61 ? 98  THR A OG1 1 
ATOM   813  C CG2 . THR A 1 98  ? 2.696   12.503  13.720  1.00 22.64 ? 98  THR A CG2 1 
ATOM   814  N N   . VAL A 1 99  ? 4.873   9.883   10.461  1.00 23.80 ? 99  VAL A N   1 
ATOM   815  C CA  . VAL A 1 99  ? 5.740   8.822   9.943   1.00 23.70 ? 99  VAL A CA  1 
ATOM   816  C C   . VAL A 1 99  ? 6.447   9.397   8.699   1.00 24.00 ? 99  VAL A C   1 
ATOM   817  O O   . VAL A 1 99  ? 5.795   10.000  7.845   1.00 23.25 ? 99  VAL A O   1 
ATOM   818  C CB  . VAL A 1 99  ? 4.892   7.550   9.597   1.00 24.12 ? 99  VAL A CB  1 
ATOM   819  C CG1 . VAL A 1 99  ? 5.696   6.506   8.869   1.00 24.50 ? 99  VAL A CG1 1 
ATOM   820  C CG2 . VAL A 1 99  ? 4.278   6.967   10.859  1.00 24.75 ? 99  VAL A CG2 1 
ATOM   821  N N   . PRO A 1 100 ? 7.783   9.252   8.616   1.00 23.97 ? 100 PRO A N   1 
ATOM   822  C CA  . PRO A 1 100 ? 8.515   9.800   7.509   1.00 24.12 ? 100 PRO A CA  1 
ATOM   823  C C   . PRO A 1 100 ? 7.957   9.387   6.144   1.00 23.14 ? 100 PRO A C   1 
ATOM   824  O O   . PRO A 1 100 ? 7.684   8.226   5.931   1.00 22.02 ? 100 PRO A O   1 
ATOM   825  C CB  . PRO A 1 100 ? 9.927   9.217   7.724   1.00 24.18 ? 100 PRO A CB  1 
ATOM   826  C CG  . PRO A 1 100 ? 10.042  9.025   9.155   1.00 24.78 ? 100 PRO A CG  1 
ATOM   827  C CD  . PRO A 1 100 ? 8.691   8.605   9.582   1.00 24.87 ? 100 PRO A CD  1 
ATOM   828  N N   . ALA A 1 101 ? 7.815   10.371  5.266   1.00 23.77 ? 101 ALA A N   1 
ATOM   829  C CA  . ALA A 1 101 ? 7.264   10.220  3.926   1.00 24.70 ? 101 ALA A CA  1 
ATOM   830  C C   . ALA A 1 101 ? 7.966   9.138   3.115   1.00 24.95 ? 101 ALA A C   1 
ATOM   831  O O   . ALA A 1 101 ? 7.322   8.395   2.352   1.00 24.66 ? 101 ALA A O   1 
ATOM   832  C CB  . ALA A 1 101 ? 7.348   11.533  3.186   1.00 24.64 ? 101 ALA A CB  1 
ATOM   833  N N   . GLU A 1 102 ? 9.286   9.083   3.281   1.00 24.86 ? 102 GLU A N   1 
ATOM   834  C CA  A GLU A 1 102 ? 10.081  8.134   2.511   0.50 24.80 ? 102 GLU A CA  1 
ATOM   835  C CA  B GLU A 1 102 ? 10.155  8.124   2.592   0.50 24.70 ? 102 GLU A CA  1 
ATOM   836  C C   . GLU A 1 102 ? 9.749   6.708   2.969   1.00 24.19 ? 102 GLU A C   1 
ATOM   837  O O   . GLU A 1 102 ? 9.526   5.853   2.123   1.00 22.27 ? 102 GLU A O   1 
ATOM   838  C CB  A GLU A 1 102 ? 11.573  8.481   2.604   0.50 24.79 ? 102 GLU A CB  1 
ATOM   839  C CB  B GLU A 1 102 ? 11.631  8.353   2.982   0.50 24.88 ? 102 GLU A CB  1 
ATOM   840  C CG  A GLU A 1 102 ? 12.547  7.467   2.037   0.50 25.45 ? 102 GLU A CG  1 
ATOM   841  C CG  B GLU A 1 102 ? 11.897  8.511   4.518   0.50 25.55 ? 102 GLU A CG  1 
ATOM   842  C CD  A GLU A 1 102 ? 13.949  7.956   2.238   0.50 25.98 ? 102 GLU A CD  1 
ATOM   843  C CD  B GLU A 1 102 ? 12.097  9.972   4.941   0.50 24.96 ? 102 GLU A CD  1 
ATOM   844  O OE1 A GLU A 1 102 ? 14.360  8.845   1.470   0.50 29.60 ? 102 GLU A OE1 1 
ATOM   845  O OE1 B GLU A 1 102 ? 11.299  10.864  4.491   0.50 20.08 ? 102 GLU A OE1 1 
ATOM   846  O OE2 A GLU A 1 102 ? 14.605  7.512   3.195   0.50 26.19 ? 102 GLU A OE2 1 
ATOM   847  O OE2 B GLU A 1 102 ? 13.063  10.183  5.723   0.50 20.51 ? 102 GLU A OE2 1 
ATOM   848  N N   . LEU A 1 103 ? 9.660   6.478   4.283   1.00 23.91 ? 103 LEU A N   1 
ATOM   849  C CA  . LEU A 1 103 ? 9.217   5.197   4.798   1.00 23.77 ? 103 LEU A CA  1 
ATOM   850  C C   . LEU A 1 103 ? 7.812   4.833   4.280   1.00 22.71 ? 103 LEU A C   1 
ATOM   851  O O   . LEU A 1 103 ? 7.599   3.713   3.806   1.00 23.01 ? 103 LEU A O   1 
ATOM   852  C CB  . LEU A 1 103 ? 9.246   5.185   6.322   1.00 24.22 ? 103 LEU A CB  1 
ATOM   853  C CG  . LEU A 1 103 ? 8.664   3.944   6.978   1.00 23.78 ? 103 LEU A CG  1 
ATOM   854  C CD1 . LEU A 1 103 ? 9.382   2.664   6.535   1.00 25.11 ? 103 LEU A CD1 1 
ATOM   855  C CD2 . LEU A 1 103 ? 8.750   4.086   8.538   1.00 26.14 ? 103 LEU A CD2 1 
ATOM   856  N N   . LEU A 1 104 ? 6.883   5.776   4.370   1.00 21.59 ? 104 LEU A N   1 
ATOM   857  C CA  . LEU A 1 104 ? 5.497   5.587   3.885   1.00 21.66 ? 104 LEU A CA  1 
ATOM   858  C C   . LEU A 1 104 ? 5.434   5.178   2.420   1.00 21.42 ? 104 LEU A C   1 
ATOM   859  O O   . LEU A 1 104 ? 4.673   4.309   2.071   1.00 20.07 ? 104 LEU A O   1 
ATOM   860  C CB  . LEU A 1 104 ? 4.682   6.856   4.086   1.00 20.72 ? 104 LEU A CB  1 
ATOM   861  C CG  . LEU A 1 104 ? 4.382   7.273   5.552   1.00 23.52 ? 104 LEU A CG  1 
ATOM   862  C CD1 . LEU A 1 104 ? 3.723   8.627   5.600   1.00 22.98 ? 104 LEU A CD1 1 
ATOM   863  C CD2 . LEU A 1 104 ? 3.514   6.289   6.257   1.00 26.71 ? 104 LEU A CD2 1 
ATOM   864  N N   . GLY A 1 105 ? 6.223   5.852   1.575   1.00 21.57 ? 105 GLY A N   1 
ATOM   865  C CA  . GLY A 1 105 ? 6.336   5.569   0.132   1.00 22.24 ? 105 GLY A CA  1 
ATOM   866  C C   . GLY A 1 105 ? 6.781   4.133   -0.145  1.00 22.48 ? 105 GLY A C   1 
ATOM   867  O O   . GLY A 1 105 ? 6.149   3.391   -0.940  1.00 22.76 ? 105 GLY A O   1 
ATOM   868  N N   . GLU A 1 106 ? 7.861   3.758   0.527   1.00 22.69 ? 106 GLU A N   1 
ATOM   869  C CA  . GLU A 1 106 ? 8.390   2.406   0.500   1.00 22.16 ? 106 GLU A CA  1 
ATOM   870  C C   . GLU A 1 106 ? 7.416   1.349   1.036   1.00 21.44 ? 106 GLU A C   1 
ATOM   871  O O   . GLU A 1 106 ? 7.420   0.189   0.548   1.00 21.96 ? 106 GLU A O   1 
ATOM   872  C CB  . GLU A 1 106 ? 9.636   2.390   1.345   1.00 22.92 ? 106 GLU A CB  1 
ATOM   873  C CG  . GLU A 1 106 ? 10.418  1.085   1.343   1.00 27.79 ? 106 GLU A CG  1 
ATOM   874  C CD  . GLU A 1 106 ? 10.450  0.343   2.692   1.00 34.63 ? 106 GLU A CD  1 
ATOM   875  O OE1 . GLU A 1 106 ? 10.901  0.944   3.717   1.00 37.69 ? 106 GLU A OE1 1 
ATOM   876  O OE2 . GLU A 1 106 ? 10.067  -0.869  2.684   1.00 40.09 ? 106 GLU A OE2 1 
ATOM   877  N N   . LEU A 1 107 ? 6.621   1.697   2.059   1.00 20.24 ? 107 LEU A N   1 
ATOM   878  C CA  . LEU A 1 107 ? 5.656   0.721   2.585   1.00 19.90 ? 107 LEU A CA  1 
ATOM   879  C C   . LEU A 1 107 ? 4.572   0.520   1.564   1.00 19.73 ? 107 LEU A C   1 
ATOM   880  O O   . LEU A 1 107 ? 4.133   -0.617  1.367   1.00 20.50 ? 107 LEU A O   1 
ATOM   881  C CB  . LEU A 1 107 ? 5.047   1.123   3.910   1.00 19.75 ? 107 LEU A CB  1 
ATOM   882  C CG  . LEU A 1 107 ? 6.045   1.119   5.061   1.00 19.26 ? 107 LEU A CG  1 
ATOM   883  C CD1 . LEU A 1 107 ? 5.333   1.764   6.309   1.00 21.04 ? 107 LEU A CD1 1 
ATOM   884  C CD2 . LEU A 1 107 ? 6.553   -0.246  5.303   1.00 19.33 ? 107 LEU A CD2 1 
ATOM   885  N N   . LEU A 1 108 ? 4.218   1.590   0.856   1.00 18.17 ? 108 LEU A N   1 
ATOM   886  C CA  . LEU A 1 108 ? 3.167   1.523   -0.155  1.00 18.14 ? 108 LEU A CA  1 
ATOM   887  C C   . LEU A 1 108 ? 3.605   0.687   -1.349  1.00 17.01 ? 108 LEU A C   1 
ATOM   888  O O   . LEU A 1 108 ? 2.912   -0.207  -1.785  1.00 15.66 ? 108 LEU A O   1 
ATOM   889  C CB  . LEU A 1 108 ? 2.756   2.925   -0.528  1.00 17.73 ? 108 LEU A CB  1 
ATOM   890  C CG  . LEU A 1 108 ? 1.726   3.087   -1.644  1.00 19.01 ? 108 LEU A CG  1 
ATOM   891  C CD1 . LEU A 1 108 ? 0.439   2.277   -1.428  1.00 20.94 ? 108 LEU A CD1 1 
ATOM   892  C CD2 . LEU A 1 108 ? 1.440   4.537   -1.805  1.00 20.10 ? 108 LEU A CD2 1 
ATOM   893  N N   . ARG A 1 109 ? 4.826   0.917   -1.805  1.00 18.11 ? 109 ARG A N   1 
ATOM   894  C CA  . ARG A 1 109 ? 5.445   0.078   -2.845  1.00 19.15 ? 109 ARG A CA  1 
ATOM   895  C C   . ARG A 1 109 ? 5.653   -1.334  -2.365  1.00 17.97 ? 109 ARG A C   1 
ATOM   896  O O   . ARG A 1 109 ? 5.427   -2.265  -3.124  1.00 16.45 ? 109 ARG A O   1 
ATOM   897  C CB  . ARG A 1 109 ? 6.782   0.657   -3.301  1.00 18.56 ? 109 ARG A CB  1 
ATOM   898  C CG  . ARG A 1 109 ? 6.582   1.934   -4.046  1.00 21.79 ? 109 ARG A CG  1 
ATOM   899  C CD  . ARG A 1 109 ? 7.902   2.659   -4.371  1.00 25.54 ? 109 ARG A CD  1 
ATOM   900  N NE  . ARG A 1 109 ? 7.723   3.243   -5.696  1.00 34.42 ? 109 ARG A NE  1 
ATOM   901  C CZ  . ARG A 1 109 ? 8.574   3.115   -6.705  1.00 35.65 ? 109 ARG A CZ  1 
ATOM   902  N NH1 . ARG A 1 109 ? 9.756   2.496   -6.512  1.00 37.75 ? 109 ARG A NH1 1 
ATOM   903  N NH2 . ARG A 1 109 ? 8.239   3.634   -7.893  1.00 36.70 ? 109 ARG A NH2 1 
ATOM   904  N N   . GLY A 1 110 ? 6.021   -1.493  -1.095  1.00 17.07 ? 110 GLY A N   1 
ATOM   905  C CA  . GLY A 1 110 ? 6.194   -2.823  -0.539  1.00 16.69 ? 110 GLY A CA  1 
ATOM   906  C C   . GLY A 1 110 ? 4.912   -3.660  -0.503  1.00 17.05 ? 110 GLY A C   1 
ATOM   907  O O   . GLY A 1 110 ? 4.944   -4.905  -0.711  1.00 17.46 ? 110 GLY A O   1 
ATOM   908  N N   . SER A 1 111 ? 3.789   -2.998  -0.195  1.00 15.98 ? 111 SER A N   1 
ATOM   909  C CA  . SER A 1 111 ? 2.489   -3.666  -0.080  1.00 15.82 ? 111 SER A CA  1 
ATOM   910  C C   . SER A 1 111 ? 2.080   -4.220  -1.473  1.00 16.07 ? 111 SER A C   1 
ATOM   911  O O   . SER A 1 111 ? 1.739   -5.377  -1.608  1.00 15.19 ? 111 SER A O   1 
ATOM   912  C CB  . SER A 1 111 ? 1.429   -2.685  0.463   1.00 15.75 ? 111 SER A CB  1 
ATOM   913  O OG  . SER A 1 111 ? 0.149   -3.295  0.538   1.00 14.95 ? 111 SER A OG  1 
ATOM   914  N N   . TYR A 1 112 ? 2.188   -3.365  -2.491  1.00 15.73 ? 112 TYR A N   1 
ATOM   915  C CA  . TYR A 1 112 ? 2.066   -3.748  -3.915  1.00 16.46 ? 112 TYR A CA  1 
ATOM   916  C C   . TYR A 1 112 ? 2.917   -4.967  -4.268  1.00 16.36 ? 112 TYR A C   1 
ATOM   917  O O   . TYR A 1 112 ? 2.403   -5.924  -4.838  1.00 16.57 ? 112 TYR A O   1 
ATOM   918  C CB  . TYR A 1 112 ? 2.433   -2.555  -4.837  1.00 16.24 ? 112 TYR A CB  1 
ATOM   919  C CG  . TYR A 1 112 ? 2.528   -2.869  -6.318  1.00 14.83 ? 112 TYR A CG  1 
ATOM   920  C CD1 . TYR A 1 112 ? 3.693   -3.361  -6.850  1.00 17.37 ? 112 TYR A CD1 1 
ATOM   921  C CD2 . TYR A 1 112 ? 1.420   -2.729  -7.164  1.00 16.23 ? 112 TYR A CD2 1 
ATOM   922  C CE1 . TYR A 1 112 ? 3.775   -3.718  -8.177  1.00 17.05 ? 112 TYR A CE1 1 
ATOM   923  C CE2 . TYR A 1 112 ? 1.485   -3.038  -8.501  1.00 16.25 ? 112 TYR A CE2 1 
ATOM   924  C CZ  . TYR A 1 112 ? 2.676   -3.534  -9.011  1.00 17.04 ? 112 TYR A CZ  1 
ATOM   925  O OH  . TYR A 1 112 ? 2.790   -3.851  -10.333 1.00 14.15 ? 112 TYR A OH  1 
ATOM   926  N N   . LEU A 1 113 ? 4.214   -4.923  -3.964  1.00 17.14 ? 113 LEU A N   1 
ATOM   927  C CA  . LEU A 1 113 ? 5.117   -6.068  -4.277  1.00 17.62 ? 113 LEU A CA  1 
ATOM   928  C C   . LEU A 1 113 ? 4.717   -7.362  -3.591  1.00 17.65 ? 113 LEU A C   1 
ATOM   929  O O   . LEU A 1 113 ? 4.715   -8.455  -4.205  1.00 17.09 ? 113 LEU A O   1 
ATOM   930  C CB  . LEU A 1 113 ? 6.558   -5.748  -3.943  1.00 17.48 ? 113 LEU A CB  1 
ATOM   931  C CG  . LEU A 1 113 ? 7.204   -4.841  -4.984  1.00 24.08 ? 113 LEU A CG  1 
ATOM   932  C CD1 . LEU A 1 113 ? 8.539   -4.216  -4.401  1.00 28.22 ? 113 LEU A CD1 1 
ATOM   933  C CD2 . LEU A 1 113 ? 7.464   -5.607  -6.291  1.00 22.96 ? 113 LEU A CD2 1 
ATOM   934  N N   . LEU A 1 114 ? 4.364   -7.231  -2.324  1.00 17.79 ? 114 LEU A N   1 
ATOM   935  C CA  . LEU A 1 114 ? 3.976   -8.390  -1.535  1.00 18.38 ? 114 LEU A CA  1 
ATOM   936  C C   . LEU A 1 114 ? 2.759   -9.010  -2.170  1.00 17.51 ? 114 LEU A C   1 
ATOM   937  O O   . LEU A 1 114 ? 2.656   -10.222 -2.323  1.00 16.24 ? 114 LEU A O   1 
ATOM   938  C CB  . LEU A 1 114 ? 3.703   -7.930  -0.102  1.00 18.83 ? 114 LEU A CB  1 
ATOM   939  C CG  . LEU A 1 114 ? 3.193   -8.777  1.032   1.00 22.32 ? 114 LEU A CG  1 
ATOM   940  C CD1 . LEU A 1 114 ? 3.584   -8.057  2.382   1.00 24.60 ? 114 LEU A CD1 1 
ATOM   941  C CD2 . LEU A 1 114 ? 1.698   -8.967  0.927   1.00 26.72 ? 114 LEU A CD2 1 
ATOM   942  N N   . VAL A 1 115 ? 1.795   -8.180  -2.523  1.00 16.70 ? 115 VAL A N   1 
ATOM   943  C CA  . VAL A 1 115 ? 0.599   -8.688  -3.161  1.00 18.65 ? 115 VAL A CA  1 
ATOM   944  C C   . VAL A 1 115 ? 0.874   -9.401  -4.495  1.00 17.98 ? 115 VAL A C   1 
ATOM   945  O O   . VAL A 1 115 ? 0.332   -10.457 -4.742  1.00 17.17 ? 115 VAL A O   1 
ATOM   946  C CB  . VAL A 1 115 ? -0.523  -7.629  -3.275  1.00 18.14 ? 115 VAL A CB  1 
ATOM   947  C CG1 . VAL A 1 115 ? -1.665  -8.159  -4.095  1.00 19.70 ? 115 VAL A CG1 1 
ATOM   948  C CG2 . VAL A 1 115 ? -1.010  -7.203  -1.887  1.00 20.14 ? 115 VAL A CG2 1 
ATOM   949  N N   . THR A 1 116 ? 1.712   -8.817  -5.338  0.50 18.44 ? 116 THR A N   1 
ATOM   950  C CA  . THR A 1 116 ? 2.140   -9.501  -6.556  0.50 19.08 ? 116 THR A CA  1 
ATOM   951  C C   . THR A 1 116 ? 2.813   -10.840 -6.306  0.50 19.63 ? 116 THR A C   1 
ATOM   952  O O   . THR A 1 116 ? 2.660   -11.759 -7.089  0.50 19.58 ? 116 THR A O   1 
ATOM   953  C CB  . THR A 1 116 ? 3.030   -8.641  -7.460  0.50 18.63 ? 116 THR A CB  1 
ATOM   954  O OG1 . THR A 1 116 ? 4.289   -8.397  -6.841  0.50 17.64 ? 116 THR A OG1 1 
ATOM   955  C CG2 . THR A 1 116 ? 2.438   -7.287  -7.739  0.50 18.49 ? 116 THR A CG2 1 
ATOM   956  N N   . LYS A 1 117 ? 3.570   -10.924 -5.223  1.00 20.10 ? 117 LYS A N   1 
ATOM   957  C CA  . LYS A 1 117 ? 4.222   -12.156 -4.831  1.00 21.65 ? 117 LYS A CA  1 
ATOM   958  C C   . LYS A 1 117 ? 3.248   -13.171 -4.262  1.00 22.80 ? 117 LYS A C   1 
ATOM   959  O O   . LYS A 1 117 ? 3.287   -14.321 -4.628  1.00 24.53 ? 117 LYS A O   1 
ATOM   960  C CB  . LYS A 1 117 ? 5.372   -11.917 -3.853  1.00 22.46 ? 117 LYS A CB  1 
ATOM   961  C CG  . LYS A 1 117 ? 6.593   -11.206 -4.413  1.00 26.07 ? 117 LYS A CG  1 
ATOM   962  C CD  . LYS A 1 117 ? 6.891   -11.609 -5.839  1.00 29.62 ? 117 LYS A CD  1 
ATOM   963  C CE  . LYS A 1 117 ? 8.325   -11.274 -6.246  1.00 31.22 ? 117 LYS A CE  1 
ATOM   964  N NZ  . LYS A 1 117 ? 8.923   -10.113 -5.566  1.00 29.63 ? 117 LYS A NZ  1 
ATOM   965  N N   . LYS A 1 118 ? 2.369   -12.735 -3.368  1.00 24.07 ? 118 LYS A N   1 
ATOM   966  C CA  . LYS A 1 118 ? 1.491   -13.688 -2.675  1.00 23.84 ? 118 LYS A CA  1 
ATOM   967  C C   . LYS A 1 118 ? 0.250   -14.075 -3.471  1.00 24.23 ? 118 LYS A C   1 
ATOM   968  O O   . LYS A 1 118 ? -0.217  -15.212 -3.339  1.00 25.55 ? 118 LYS A O   1 
ATOM   969  C CB  . LYS A 1 118 ? 1.096   -13.184 -1.283  1.00 25.56 ? 118 LYS A CB  1 
ATOM   970  C CG  . LYS A 1 118 ? 0.206   -14.170 -0.483  1.00 28.02 ? 118 LYS A CG  1 
ATOM   971  C CD  . LYS A 1 118 ? 1.051   -15.360 0.051   1.00 32.67 ? 118 LYS A CD  1 
ATOM   972  C CE  . LYS A 1 118 ? 0.210   -16.644 0.223   1.00 36.32 ? 118 LYS A CE  1 
ATOM   973  N NZ  . LYS A 1 118 ? -0.090  -17.368 -1.102  1.00 39.93 ? 118 LYS A NZ  1 
ATOM   974  N N   . GLY A 1 119 ? -0.255  -13.181 -4.318  1.00 22.33 ? 119 GLY A N   1 
ATOM   975  C CA  . GLY A 1 119 ? -1.562  -13.350 -4.921  1.00 21.58 ? 119 GLY A CA  1 
ATOM   976  C C   . GLY A 1 119 ? -1.566  -13.853 -6.348  1.00 21.30 ? 119 GLY A C   1 
ATOM   977  O O   . GLY A 1 119 ? -2.636  -14.125 -6.906  1.00 21.17 ? 119 GLY A O   1 
ATOM   978  N N   . PHE A 1 120 ? -0.368  -13.963 -6.929  1.00 20.81 ? 120 PHE A N   1 
ATOM   979  C CA  . PHE A 1 120 ? -0.132  -14.303 -8.349  1.00 20.38 ? 120 PHE A CA  1 
ATOM   980  C C   . PHE A 1 120 ? 1.040   -15.298 -8.401  1.00 20.76 ? 120 PHE A C   1 
ATOM   981  O O   . PHE A 1 120 ? 1.930   -15.267 -7.555  1.00 20.64 ? 120 PHE A O   1 
ATOM   982  C CB  . PHE A 1 120 ? 0.216   -13.034 -9.145  1.00 19.27 ? 120 PHE A CB  1 
ATOM   983  C CG  . PHE A 1 120 ? -0.907  -12.059 -9.184  1.00 18.48 ? 120 PHE A CG  1 
ATOM   984  C CD1 . PHE A 1 120 ? -1.095  -11.160 -8.166  1.00 16.66 ? 120 PHE A CD1 1 
ATOM   985  C CD2 . PHE A 1 120 ? -1.838  -12.110 -10.197 1.00 19.00 ? 120 PHE A CD2 1 
ATOM   986  C CE1 . PHE A 1 120 ? -2.156  -10.325 -8.161  1.00 13.55 ? 120 PHE A CE1 1 
ATOM   987  C CE2 . PHE A 1 120 ? -2.916  -11.262 -10.187 1.00 20.47 ? 120 PHE A CE2 1 
ATOM   988  C CZ  . PHE A 1 120 ? -3.064  -10.366 -9.164  1.00 19.70 ? 120 PHE A CZ  1 
ATOM   989  N N   . THR A 1 121 ? 1.012   -16.194 -9.363  1.00 20.86 ? 121 THR A N   1 
ATOM   990  C CA  . THR A 1 121 ? 2.092   -17.137 -9.526  1.00 21.18 ? 121 THR A CA  1 
ATOM   991  C C   . THR A 1 121 ? 3.155   -16.516 -10.399 1.00 21.80 ? 121 THR A C   1 
ATOM   992  O O   . THR A 1 121 ? 2.951   -15.491 -11.033 1.00 20.27 ? 121 THR A O   1 
ATOM   993  C CB  . THR A 1 121 ? 1.631   -18.454 -10.152 1.00 21.19 ? 121 THR A CB  1 
ATOM   994  O OG1 . THR A 1 121 ? 1.130   -18.228 -11.459 1.00 20.26 ? 121 THR A OG1 1 
ATOM   995  C CG2 . THR A 1 121 ? 0.570   -19.112 -9.290  1.00 23.26 ? 121 THR A CG2 1 
ATOM   996  N N   . LYS A 1 122 ? 4.310   -17.158 -10.375 1.00 23.81 ? 122 LYS A N   1 
ATOM   997  C CA  . LYS A 1 122 ? 5.411   -16.857 -11.267 1.00 25.03 ? 122 LYS A CA  1 
ATOM   998  C C   . LYS A 1 122 ? 4.972   -16.745 -12.727 1.00 23.66 ? 122 LYS A C   1 
ATOM   999  O O   . LYS A 1 122 ? 5.358   -15.789 -13.411 1.00 22.76 ? 122 LYS A O   1 
ATOM   1000 C CB  . LYS A 1 122 ? 6.500   -17.927 -11.066 1.00 26.36 ? 122 LYS A CB  1 
ATOM   1001 C CG  . LYS A 1 122 ? 7.527   -17.983 -12.187 1.00 28.35 ? 122 LYS A CG  1 
ATOM   1002 C CD  . LYS A 1 122 ? 8.816   -18.734 -11.765 1.00 30.75 ? 122 LYS A CD  1 
ATOM   1003 C CE  . LYS A 1 122 ? 9.938   -18.448 -12.801 1.00 35.32 ? 122 LYS A CE  1 
ATOM   1004 N NZ  . LYS A 1 122 ? 10.574  -17.119 -12.443 1.00 37.62 ? 122 LYS A NZ  1 
ATOM   1005 N N   . ALA A 1 123 ? 4.143   -17.678 -13.205 1.00 22.54 ? 123 ALA A N   1 
ATOM   1006 C CA  . ALA A 1 123 ? 3.634   -17.574 -14.612 1.00 22.49 ? 123 ALA A CA  1 
ATOM   1007 C C   . ALA A 1 123 ? 2.762   -16.343 -14.851 1.00 21.01 ? 123 ALA A C   1 
ATOM   1008 O O   . ALA A 1 123 ? 2.861   -15.710 -15.887 1.00 20.16 ? 123 ALA A O   1 
ATOM   1009 C CB  . ALA A 1 123 ? 2.814   -18.829 -15.003 1.00 22.46 ? 123 ALA A CB  1 
ATOM   1010 N N   . GLU A 1 124 ? 1.874   -16.075 -13.896 1.00 20.00 ? 124 GLU A N   1 
ATOM   1011 C CA  . GLU A 1 124 ? 1.021   -14.911 -13.948 1.00 20.56 ? 124 GLU A CA  1 
ATOM   1012 C C   . GLU A 1 124 ? 1.837   -13.625 -14.013 1.00 19.58 ? 124 GLU A C   1 
ATOM   1013 O O   . GLU A 1 124 ? 1.547   -12.721 -14.826 1.00 18.64 ? 124 GLU A O   1 
ATOM   1014 C CB  . GLU A 1 124 ? 0.100   -14.852 -12.726 1.00 19.64 ? 124 GLU A CB  1 
ATOM   1015 C CG  . GLU A 1 124 ? -1.195  -15.608 -12.874 1.00 21.15 ? 124 GLU A CG  1 
ATOM   1016 C CD  . GLU A 1 124 ? -2.023  -15.553 -11.595 1.00 20.70 ? 124 GLU A CD  1 
ATOM   1017 O OE1 . GLU A 1 124 ? -1.561  -16.109 -10.559 1.00 20.40 ? 124 GLU A OE1 1 
ATOM   1018 O OE2 . GLU A 1 124 ? -3.104  -14.911 -11.633 1.00 20.92 ? 124 GLU A OE2 1 
ATOM   1019 N N   . ARG A 1 125 ? 2.817   -13.524 -13.126 1.00 19.70 ? 125 ARG A N   1 
ATOM   1020 C CA  . ARG A 1 125 ? 3.619   -12.304 -13.057 1.00 21.31 ? 125 ARG A CA  1 
ATOM   1021 C C   . ARG A 1 125 ? 4.387   -12.082 -14.377 1.00 20.45 ? 125 ARG A C   1 
ATOM   1022 O O   . ARG A 1 125 ? 4.558   -10.957 -14.811 1.00 20.02 ? 125 ARG A O   1 
ATOM   1023 C CB  . ARG A 1 125 ? 4.588   -12.361 -11.894 1.00 20.85 ? 125 ARG A CB  1 
ATOM   1024 C CG  . ARG A 1 125 ? 3.933   -12.321 -10.488 1.00 22.95 ? 125 ARG A CG  1 
ATOM   1025 C CD  . ARG A 1 125 ? 4.986   -11.937 -9.438  1.00 24.66 ? 125 ARG A CD  1 
ATOM   1026 N NE  . ARG A 1 125 ? 5.913   -13.031 -9.199  1.00 27.01 ? 125 ARG A NE  1 
ATOM   1027 C CZ  . ARG A 1 125 ? 5.682   -14.099 -8.430  1.00 29.36 ? 125 ARG A CZ  1 
ATOM   1028 N NH1 . ARG A 1 125 ? 4.548   -14.267 -7.750  1.00 30.34 ? 125 ARG A NH1 1 
ATOM   1029 N NH2 . ARG A 1 125 ? 6.614   -15.029 -8.340  1.00 30.84 ? 125 ARG A NH2 1 
ATOM   1030 N N   . LYS A 1 126 ? 4.849   -13.165 -14.980 1.00 21.73 ? 126 LYS A N   1 
ATOM   1031 C CA  . LYS A 1 126 ? 5.491   -13.144 -16.300 1.00 22.96 ? 126 LYS A CA  1 
ATOM   1032 C C   . LYS A 1 126 ? 4.492   -12.706 -17.401 1.00 23.15 ? 126 LYS A C   1 
ATOM   1033 O O   . LYS A 1 126 ? 4.791   -11.840 -18.172 1.00 21.60 ? 126 LYS A O   1 
ATOM   1034 C CB  . LYS A 1 126 ? 6.091   -14.504 -16.623 1.00 22.83 ? 126 LYS A CB  1 
ATOM   1035 C CG  . LYS A 1 126 ? 7.254   -14.418 -17.648 1.00 24.86 ? 126 LYS A CG  1 
ATOM   1036 C CD  . LYS A 1 126 ? 7.425   -15.641 -18.565 1.00 24.09 ? 126 LYS A CD  1 
ATOM   1037 C CE  . LYS A 1 126 ? 8.457   -15.352 -19.707 1.00 26.55 ? 126 LYS A CE  1 
ATOM   1038 N NZ  . LYS A 1 126 ? 9.053   -16.618 -20.364 1.00 26.78 ? 126 LYS A NZ  1 
ATOM   1039 N N   . GLU A 1 127 ? 3.290   -13.268 -17.411 1.00 24.97 ? 127 GLU A N   1 
ATOM   1040 C CA  . GLU A 1 127 ? 2.333   -13.000 -18.486 1.00 25.90 ? 127 GLU A CA  1 
ATOM   1041 C C   . GLU A 1 127 ? 1.940   -11.557 -18.476 1.00 27.09 ? 127 GLU A C   1 
ATOM   1042 O O   . GLU A 1 127 ? 2.116   -10.789 -19.453 1.00 28.24 ? 127 GLU A O   1 
ATOM   1043 C CB  . GLU A 1 127 ? 1.077   -13.837 -18.300 1.00 26.42 ? 127 GLU A CB  1 
ATOM   1044 C CG  . GLU A 1 127 ? 0.306   -13.997 -19.596 1.00 27.74 ? 127 GLU A CG  1 
ATOM   1045 C CD  . GLU A 1 127 ? -1.145  -13.825 -19.451 1.00 26.10 ? 127 GLU A CD  1 
ATOM   1046 O OE1 . GLU A 1 127 ? -1.640  -13.873 -18.307 1.00 22.10 ? 127 GLU A OE1 1 
ATOM   1047 O OE2 . GLU A 1 127 ? -1.788  -13.675 -20.505 1.00 29.56 ? 127 GLU A OE2 1 
ATOM   1048 N N   . LEU A 1 128 ? 1.487   -11.151 -17.304 1.00 27.99 ? 128 LEU A N   1 
ATOM   1049 C CA  . LEU A 1 128 ? 0.955   -9.835  -17.116 1.00 28.25 ? 128 LEU A CA  1 
ATOM   1050 C C   . LEU A 1 128 ? 2.113   -8.835  -17.128 1.00 29.00 ? 128 LEU A C   1 
ATOM   1051 O O   . LEU A 1 128 ? 1.971   -7.689  -17.585 1.00 31.23 ? 128 LEU A O   1 
ATOM   1052 C CB  . LEU A 1 128 ? 0.187   -9.879  -15.794 1.00 28.61 ? 128 LEU A CB  1 
ATOM   1053 C CG  . LEU A 1 128 ? -0.818  -8.847  -15.380 1.00 27.52 ? 128 LEU A CG  1 
ATOM   1054 C CD1 . LEU A 1 128 ? -1.908  -8.679  -16.383 1.00 25.04 ? 128 LEU A CD1 1 
ATOM   1055 C CD2 . LEU A 1 128 ? -1.331  -9.238  -14.024 1.00 26.26 ? 128 LEU A CD2 1 
ATOM   1056 N N   . GLY A 1 129 ? 3.279   -9.278  -16.668 1.00 28.70 ? 129 GLY A N   1 
ATOM   1057 C CA  . GLY A 1 129 ? 4.424   -8.406  -16.519 1.00 28.01 ? 129 GLY A CA  1 
ATOM   1058 C C   . GLY A 1 129 ? 4.474   -7.684  -15.179 1.00 28.49 ? 129 GLY A C   1 
ATOM   1059 O O   . GLY A 1 129 ? 4.766   -6.473  -15.129 1.00 32.52 ? 129 GLY A O   1 
ATOM   1060 N N   . LEU A 1 130 ? 4.262   -8.390  -14.075 1.00 26.12 ? 130 LEU A N   1 
ATOM   1061 C CA  . LEU A 1 130 ? 4.453   -7.787  -12.759 1.00 25.38 ? 130 LEU A CA  1 
ATOM   1062 C C   . LEU A 1 130 ? 5.910   -7.899  -12.357 1.00 25.02 ? 130 LEU A C   1 
ATOM   1063 O O   . LEU A 1 130 ? 6.444   -8.989  -12.417 1.00 24.81 ? 130 LEU A O   1 
ATOM   1064 C CB  . LEU A 1 130 ? 3.593   -8.512  -11.719 1.00 24.10 ? 130 LEU A CB  1 
ATOM   1065 C CG  . LEU A 1 130 ? 2.101   -8.521  -12.022 1.00 22.58 ? 130 LEU A CG  1 
ATOM   1066 C CD1 . LEU A 1 130 ? 1.341   -9.295  -10.959 1.00 19.84 ? 130 LEU A CD1 1 
ATOM   1067 C CD2 . LEU A 1 130 ? 1.553   -7.086  -12.183 1.00 20.16 ? 130 LEU A CD2 1 
ATOM   1068 N N   . PRO A 1 131 ? 6.558   -6.780  -11.929 1.00 24.88 ? 131 PRO A N   1 
ATOM   1069 C CA  . PRO A 1 131 ? 8.000   -6.846  -11.704 1.00 25.52 ? 131 PRO A CA  1 
ATOM   1070 C C   . PRO A 1 131 ? 8.431   -7.461  -10.358 1.00 25.68 ? 131 PRO A C   1 
ATOM   1071 O O   . PRO A 1 131 ? 7.676   -7.419  -9.386  1.00 26.11 ? 131 PRO A O   1 
ATOM   1072 C CB  . PRO A 1 131 ? 8.417   -5.406  -11.809 1.00 24.10 ? 131 PRO A CB  1 
ATOM   1073 C CG  . PRO A 1 131 ? 7.271   -4.690  -11.159 1.00 25.61 ? 131 PRO A CG  1 
ATOM   1074 C CD  . PRO A 1 131 ? 6.048   -5.424  -11.661 1.00 25.55 ? 131 PRO A CD  1 
ATOM   1075 N N   A ASP A 1 132 ? 9.620   -8.071  -10.341 0.60 26.19 ? 132 ASP A N   1 
ATOM   1076 N N   B ASP A 1 132 ? 9.632   -8.017  -10.336 0.40 25.74 ? 132 ASP A N   1 
ATOM   1077 C CA  A ASP A 1 132 ? 10.240  -8.614  -9.107  0.60 26.64 ? 132 ASP A CA  1 
ATOM   1078 C CA  B ASP A 1 132 ? 10.189  -8.614  -9.127  0.40 26.21 ? 132 ASP A CA  1 
ATOM   1079 C C   A ASP A 1 132 ? 10.540  -7.506  -8.085  0.60 26.17 ? 132 ASP A C   1 
ATOM   1080 C C   B ASP A 1 132 ? 10.651  -7.558  -8.091  0.40 26.00 ? 132 ASP A C   1 
ATOM   1081 O O   A ASP A 1 132 ? 10.285  -7.680  -6.907  0.60 26.44 ? 132 ASP A O   1 
ATOM   1082 O O   B ASP A 1 132 ? 10.633  -7.829  -6.900  0.40 26.37 ? 132 ASP A O   1 
ATOM   1083 C CB  A ASP A 1 132 ? 11.549  -9.379  -9.424  0.60 27.06 ? 132 ASP A CB  1 
ATOM   1084 C CB  B ASP A 1 132 ? 11.329  -9.573  -9.503  0.40 26.29 ? 132 ASP A CB  1 
ATOM   1085 C CG  A ASP A 1 132 ? 12.186  -10.049 -8.174  0.60 27.91 ? 132 ASP A CG  1 
ATOM   1086 C CG  B ASP A 1 132 ? 10.834  -10.780 -10.307 0.40 26.51 ? 132 ASP A CG  1 
ATOM   1087 O OD1 A ASP A 1 132 ? 11.521  -10.818 -7.420  0.60 31.56 ? 132 ASP A OD1 1 
ATOM   1088 O OD1 B ASP A 1 132 ? 9.945   -11.522 -9.805  0.40 25.37 ? 132 ASP A OD1 1 
ATOM   1089 O OD2 A ASP A 1 132 ? 13.389  -9.827  -7.957  0.60 31.80 ? 132 ASP A OD2 1 
ATOM   1090 O OD2 B ASP A 1 132 ? 11.338  -10.968 -11.438 0.40 25.73 ? 132 ASP A OD2 1 
ATOM   1091 N N   . SER A 1 133 ? 11.061  -6.379  -8.560  1.00 26.09 ? 133 SER A N   1 
ATOM   1092 C CA  . SER A 1 133 ? 11.340  -5.191  -7.701  1.00 26.70 ? 133 SER A CA  1 
ATOM   1093 C C   . SER A 1 133 ? 10.907  -3.927  -8.422  1.00 26.87 ? 133 SER A C   1 
ATOM   1094 O O   . SER A 1 133 ? 10.619  -3.974  -9.636  1.00 26.69 ? 133 SER A O   1 
ATOM   1095 C CB  . SER A 1 133 ? 12.845  -5.076  -7.346  1.00 26.35 ? 133 SER A CB  1 
ATOM   1096 O OG  . SER A 1 133 ? 13.660  -4.947  -8.530  1.00 24.56 ? 133 SER A OG  1 
ATOM   1097 N N   . LEU A 1 134 ? 10.902  -2.801  -7.695  1.00 27.65 ? 134 LEU A N   1 
ATOM   1098 C CA  . LEU A 1 134 ? 10.518  -1.472  -8.231  1.00 28.90 ? 134 LEU A CA  1 
ATOM   1099 C C   . LEU A 1 134 ? 11.694  -0.446  -8.283  1.00 30.04 ? 134 LEU A C   1 
ATOM   1100 O O   . LEU A 1 134 ? 12.495  -0.319  -7.339  1.00 28.81 ? 134 LEU A O   1 
ATOM   1101 C CB  . LEU A 1 134 ? 9.352   -0.851  -7.435  1.00 27.87 ? 134 LEU A CB  1 
ATOM   1102 C CG  . LEU A 1 134 ? 8.064   -1.669  -7.416  1.00 27.50 ? 134 LEU A CG  1 
ATOM   1103 C CD1 . LEU A 1 134 ? 7.087   -1.275  -6.255  1.00 25.97 ? 134 LEU A CD1 1 
ATOM   1104 C CD2 . LEU A 1 134 ? 7.369   -1.633  -8.763  1.00 27.57 ? 134 LEU A CD2 1 
ATOM   1105 N N   . GLU A 1 135 ? 11.726  0.247   -9.423  1.00 31.16 ? 135 GLU A N   1 
ATOM   1106 C CA  A GLU A 1 135 ? 12.690  1.290   -9.767  0.50 31.77 ? 135 GLU A CA  1 
ATOM   1107 C CA  B GLU A 1 135 ? 12.710  1.270   -9.737  0.50 31.78 ? 135 GLU A CA  1 
ATOM   1108 C C   . GLU A 1 135 ? 12.127  2.586   -9.275  1.00 32.34 ? 135 GLU A C   1 
ATOM   1109 O O   . GLU A 1 135 ? 10.966  2.655   -8.898  1.00 31.76 ? 135 GLU A O   1 
ATOM   1110 C CB  A GLU A 1 135 ? 12.834  1.426   -11.294 0.50 31.24 ? 135 GLU A CB  1 
ATOM   1111 C CB  B GLU A 1 135 ? 13.039  1.278   -11.260 0.50 31.20 ? 135 GLU A CB  1 
ATOM   1112 C CG  A GLU A 1 135 ? 14.109  0.965   -11.941 0.50 30.38 ? 135 GLU A CG  1 
ATOM   1113 C CG  B GLU A 1 135 ? 13.809  0.025   -11.709 0.50 30.65 ? 135 GLU A CG  1 
ATOM   1114 C CD  A GLU A 1 135 ? 14.222  1.528   -13.350 0.50 30.58 ? 135 GLU A CD  1 
ATOM   1115 C CD  B GLU A 1 135 ? 13.665  -0.399  -13.195 0.50 30.59 ? 135 GLU A CD  1 
ATOM   1116 O OE1 A GLU A 1 135 ? 13.187  1.473   -14.070 0.50 30.36 ? 135 GLU A OE1 1 
ATOM   1117 O OE1 B GLU A 1 135 ? 13.830  0.423   -14.120 0.50 30.73 ? 135 GLU A OE1 1 
ATOM   1118 O OE2 A GLU A 1 135 ? 15.297  2.051   -13.725 0.50 23.00 ? 135 GLU A OE2 1 
ATOM   1119 O OE2 B GLU A 1 135 ? 13.434  -1.602  -13.439 0.50 23.96 ? 135 GLU A OE2 1 
ATOM   1120 N N   . GLY A 1 136 ? 12.937  3.634   -9.325  1.00 35.08 ? 136 GLY A N   1 
ATOM   1121 C CA  . GLY A 1 136 ? 12.526  4.938   -8.786  1.00 36.74 ? 136 GLY A CA  1 
ATOM   1122 C C   . GLY A 1 136 ? 12.584  4.983   -7.258  1.00 39.59 ? 136 GLY A C   1 
ATOM   1123 O O   . GLY A 1 136 ? 11.847  5.762   -6.605  1.00 42.51 ? 136 GLY A O   1 
ATOM   1124 N N   . GLY A 1 137 ? 13.416  4.126   -6.664  1.00 41.49 ? 137 GLY A N   1 
ATOM   1125 C CA  . GLY A 1 137 ? 13.858  4.342   -5.296  1.00 42.93 ? 137 GLY A CA  1 
ATOM   1126 C C   . GLY A 1 137 ? 14.737  5.586   -5.257  1.00 44.76 ? 137 GLY A C   1 
ATOM   1127 O O   . GLY A 1 137 ? 15.512  5.875   -6.206  1.00 44.80 ? 137 GLY A O   1 
ATOM   1128 N N   . SER A 1 138 ? 14.628  6.332   -4.160  1.00 46.54 ? 138 SER A N   1 
ATOM   1129 C CA  . SER A 1 138 ? 15.413  7.548   -4.013  1.00 47.51 ? 138 SER A CA  1 
ATOM   1130 C C   . SER A 1 138 ? 16.827  7.209   -3.507  1.00 48.09 ? 138 SER A C   1 
ATOM   1131 O O   . SER A 1 138 ? 17.040  6.203   -2.805  1.00 47.11 ? 138 SER A O   1 
ATOM   1132 C CB  . SER A 1 138 ? 14.704  8.587   -3.112  1.00 48.41 ? 138 SER A CB  1 
ATOM   1133 O OG  . SER A 1 138 ? 14.218  9.678   -3.902  1.00 50.97 ? 138 SER A OG  1 
ATOM   1134 N N   . HIS A 1 139 ? 17.778  8.061   -3.901  1.00 48.42 ? 139 HIS A N   1 
ATOM   1135 C CA  . HIS A 1 139 ? 19.180  7.853   -3.597  1.00 49.04 ? 139 HIS A CA  1 
ATOM   1136 C C   . HIS A 1 139 ? 19.528  8.658   -2.356  1.00 49.83 ? 139 HIS A C   1 
ATOM   1137 O O   . HIS A 1 139 ? 18.909  9.696   -2.084  1.00 50.68 ? 139 HIS A O   1 
ATOM   1138 C CB  . HIS A 1 139 ? 20.044  8.261   -4.775  1.00 48.83 ? 139 HIS A CB  1 
ATOM   1139 C CG  . HIS A 1 139 ? 20.105  7.241   -5.877  1.00 49.76 ? 139 HIS A CG  1 
ATOM   1140 N ND1 . HIS A 1 139 ? 20.922  6.130   -5.818  1.00 49.00 ? 139 HIS A ND1 1 
ATOM   1141 C CD2 . HIS A 1 139 ? 19.504  7.201   -7.095  1.00 50.22 ? 139 HIS A CD2 1 
ATOM   1142 C CE1 . HIS A 1 139 ? 20.812  5.446   -6.945  1.00 48.70 ? 139 HIS A CE1 1 
ATOM   1143 N NE2 . HIS A 1 139 ? 19.952  6.066   -7.732  1.00 47.72 ? 139 HIS A NE2 1 
ATOM   1144 N N   . HIS A 1 140 ? 20.494  8.162   -1.592  1.00 50.64 ? 140 HIS A N   1 
ATOM   1145 C CA  . HIS A 1 140 ? 20.881  8.757   -0.309  1.00 50.60 ? 140 HIS A CA  1 
ATOM   1146 C C   . HIS A 1 140 ? 22.352  9.068   -0.358  1.00 50.85 ? 140 HIS A C   1 
ATOM   1147 O O   . HIS A 1 140 ? 23.162  8.161   -0.208  1.00 50.74 ? 140 HIS A O   1 
ATOM   1148 C CB  . HIS A 1 140 ? 20.655  7.772   0.830   1.00 51.19 ? 140 HIS A CB  1 
ATOM   1149 C CG  . HIS A 1 140 ? 19.237  7.350   0.999   1.00 50.76 ? 140 HIS A CG  1 
ATOM   1150 N ND1 . HIS A 1 140 ? 18.532  7.597   2.153   1.00 53.02 ? 140 HIS A ND1 1 
ATOM   1151 C CD2 . HIS A 1 140 ? 18.391  6.705   0.167   1.00 51.86 ? 140 HIS A CD2 1 
ATOM   1152 C CE1 . HIS A 1 140 ? 17.310  7.115   2.026   1.00 53.79 ? 140 HIS A CE1 1 
ATOM   1153 N NE2 . HIS A 1 140 ? 17.199  6.570   0.828   1.00 53.37 ? 140 HIS A NE2 1 
HETATM 1154 O O   . HOH B 2 .   ? -13.263 -5.154  -3.642  0.50 5.85  ? 145 HOH A O   1 
HETATM 1155 O O   . HOH B 2 .   ? -9.760  -2.730  13.824  0.50 22.96 ? 146 HOH A O   1 
HETATM 1156 O O   . HOH B 2 .   ? -10.168 -6.986  11.746  0.50 24.29 ? 147 HOH A O   1 
HETATM 1157 O O   . HOH B 2 .   ? 4.579   -2.941  2.929   1.00 14.08 ? 148 HOH A O   1 
HETATM 1158 O O   . HOH B 2 .   ? -20.227 6.828   -1.599  1.00 15.05 ? 149 HOH A O   1 
HETATM 1159 O O   . HOH B 2 .   ? 2.533   9.961   9.016   1.00 14.63 ? 150 HOH A O   1 
HETATM 1160 O O   . HOH B 2 .   ? -3.693  13.141  5.366   1.00 15.25 ? 151 HOH A O   1 
HETATM 1161 O O   . HOH B 2 .   ? 2.103   11.434  6.400   1.00 16.64 ? 152 HOH A O   1 
HETATM 1162 O O   . HOH B 2 .   ? -3.319  4.721   12.302  1.00 16.88 ? 153 HOH A O   1 
HETATM 1163 O O   . HOH B 2 .   ? -3.432  5.501   -8.646  1.00 17.00 ? 154 HOH A O   1 
HETATM 1164 O O   . HOH B 2 .   ? -3.662  2.644   -9.641  1.00 17.21 ? 155 HOH A O   1 
HETATM 1165 O O   . HOH B 2 .   ? 0.900   -10.211 -21.532 1.00 17.43 ? 156 HOH A O   1 
HETATM 1166 O O   . HOH B 2 .   ? -8.912  7.702   5.579   1.00 17.94 ? 157 HOH A O   1 
HETATM 1167 O O   . HOH B 2 .   ? -8.393  -8.275  5.116   1.00 17.79 ? 158 HOH A O   1 
HETATM 1168 O O   . HOH B 2 .   ? -2.438  -17.443 -8.366  1.00 18.84 ? 159 HOH A O   1 
HETATM 1169 O O   . HOH B 2 .   ? -15.765 2.232   -1.623  1.00 19.29 ? 160 HOH A O   1 
HETATM 1170 O O   . HOH B 2 .   ? -19.382 11.269  2.363   1.00 20.31 ? 161 HOH A O   1 
HETATM 1171 O O   . HOH B 2 .   ? 7.149   -10.537 -17.932 1.00 21.13 ? 162 HOH A O   1 
HETATM 1172 O O   . HOH B 2 .   ? -8.043  -9.885  11.889  1.00 21.87 ? 163 HOH A O   1 
HETATM 1173 O O   . HOH B 2 .   ? 7.185   -6.257  -0.315  1.00 22.87 ? 164 HOH A O   1 
HETATM 1174 O O   . HOH B 2 .   ? 9.328   -1.175  -1.056  1.00 22.47 ? 165 HOH A O   1 
HETATM 1175 O O   . HOH B 2 .   ? 7.054   -3.855  3.376   1.00 22.93 ? 166 HOH A O   1 
HETATM 1176 O O   . HOH B 2 .   ? 1.846   -9.918  5.007   1.00 22.92 ? 167 HOH A O   1 
HETATM 1177 O O   . HOH B 2 .   ? -8.309  14.056  3.617   1.00 23.26 ? 168 HOH A O   1 
HETATM 1178 O O   . HOH B 2 .   ? -3.212  5.058   14.961  1.00 23.71 ? 169 HOH A O   1 
HETATM 1179 O O   . HOH B 2 .   ? 9.241   -4.690  -0.658  1.00 23.91 ? 170 HOH A O   1 
HETATM 1180 O O   . HOH B 2 .   ? 7.062   -6.195  4.364   1.00 23.80 ? 171 HOH A O   1 
HETATM 1181 O O   . HOH B 2 .   ? 11.617  -2.482  -5.119  1.00 24.38 ? 172 HOH A O   1 
HETATM 1182 O O   . HOH B 2 .   ? -17.945 -4.247  -1.218  1.00 24.48 ? 173 HOH A O   1 
HETATM 1183 O O   . HOH B 2 .   ? 4.582   11.809  6.267   1.00 24.95 ? 174 HOH A O   1 
HETATM 1184 O O   . HOH B 2 .   ? 7.580   -14.469 -13.134 1.00 24.84 ? 175 HOH A O   1 
HETATM 1185 O O   . HOH B 2 .   ? -13.157 -3.248  -6.986  1.00 25.40 ? 176 HOH A O   1 
HETATM 1186 O O   . HOH B 2 .   ? -3.137  8.712   14.423  1.00 25.42 ? 177 HOH A O   1 
HETATM 1187 O O   . HOH B 2 .   ? -5.833  -17.307 -10.026 1.00 26.00 ? 178 HOH A O   1 
HETATM 1188 O O   . HOH B 2 .   ? 5.235   -18.544 -17.727 1.00 26.04 ? 179 HOH A O   1 
HETATM 1189 O O   . HOH B 2 .   ? 7.792   -8.553  -1.718  1.00 27.25 ? 180 HOH A O   1 
HETATM 1190 O O   . HOH B 2 .   ? 13.661  1.636   -6.303  1.00 27.52 ? 181 HOH A O   1 
HETATM 1191 O O   . HOH B 2 .   ? -12.502 2.545   5.152   1.00 27.95 ? 182 HOH A O   1 
HETATM 1192 O O   . HOH B 2 .   ? -1.440  -14.704 -22.682 1.00 28.21 ? 183 HOH A O   1 
HETATM 1193 O O   . HOH B 2 .   ? 11.462  -7.186  -4.497  1.00 28.35 ? 184 HOH A O   1 
HETATM 1194 O O   . HOH B 2 .   ? -8.289  10.828  10.668  1.00 28.64 ? 185 HOH A O   1 
HETATM 1195 O O   . HOH B 2 .   ? -0.665  10.038  14.663  1.00 28.41 ? 186 HOH A O   1 
HETATM 1196 O O   . HOH B 2 .   ? 3.891   6.957   17.631  1.00 29.62 ? 187 HOH A O   1 
HETATM 1197 O O   . HOH B 2 .   ? -0.761  1.324   -13.516 1.00 29.69 ? 188 HOH A O   1 
HETATM 1198 O O   . HOH B 2 .   ? 7.827   -11.673 -13.842 1.00 30.08 ? 189 HOH A O   1 
HETATM 1199 O O   . HOH B 2 .   ? 4.639   -19.450 -8.535  1.00 30.21 ? 190 HOH A O   1 
HETATM 1200 O O   . HOH B 2 .   ? -16.437 7.232   3.835   1.00 30.40 ? 191 HOH A O   1 
HETATM 1201 O O   . HOH B 2 .   ? 3.605   8.633   15.868  1.00 30.55 ? 192 HOH A O   1 
HETATM 1202 O O   . HOH B 2 .   ? -5.831  -7.381  -17.628 1.00 31.25 ? 193 HOH A O   1 
HETATM 1203 O O   . HOH B 2 .   ? -22.851 5.801   0.654   1.00 30.86 ? 194 HOH A O   1 
HETATM 1204 O O   . HOH B 2 .   ? 2.500   -8.230  12.580  1.00 30.87 ? 195 HOH A O   1 
HETATM 1205 O O   . HOH B 2 .   ? 6.797   -10.758 -0.596  1.00 30.74 ? 196 HOH A O   1 
HETATM 1206 O O   . HOH B 2 .   ? -13.136 4.752   7.417   1.00 30.90 ? 197 HOH A O   1 
HETATM 1207 O O   . HOH B 2 .   ? 10.536  3.064   11.803  1.00 31.16 ? 198 HOH A O   1 
HETATM 1208 O O   . HOH B 2 .   ? -2.059  12.591  -8.091  1.00 31.40 ? 199 HOH A O   1 
HETATM 1209 O O   . HOH B 2 .   ? -10.698 6.852   -8.701  1.00 31.88 ? 200 HOH A O   1 
HETATM 1210 O O   . HOH B 2 .   ? -1.606  -5.596  12.042  1.00 32.28 ? 201 HOH A O   1 
HETATM 1211 O O   . HOH B 2 .   ? 1.769   -16.895 -5.423  1.00 32.05 ? 202 HOH A O   1 
HETATM 1212 O O   . HOH B 2 .   ? 7.261   -7.869  2.042   1.00 32.61 ? 203 HOH A O   1 
HETATM 1213 O O   . HOH B 2 .   ? -7.817  3.200   -12.081 1.00 32.23 ? 204 HOH A O   1 
HETATM 1214 O O   . HOH B 2 .   ? 10.608  -15.596 -22.191 1.00 32.57 ? 205 HOH A O   1 
HETATM 1215 O O   . HOH B 2 .   ? -1.972  3.499   16.867  1.00 32.85 ? 206 HOH A O   1 
HETATM 1216 O O   . HOH B 2 .   ? -10.669 4.667   8.040   1.00 32.78 ? 207 HOH A O   1 
HETATM 1217 O O   . HOH B 2 .   ? 10.877  -8.590  -12.977 1.00 33.26 ? 208 HOH A O   1 
HETATM 1218 O O   . HOH B 2 .   ? -15.548 1.436   -8.253  1.00 33.67 ? 209 HOH A O   1 
HETATM 1219 O O   . HOH B 2 .   ? -8.397  3.468   11.247  1.00 33.29 ? 210 HOH A O   1 
HETATM 1220 O O   . HOH B 2 .   ? 0.599   16.426  -0.178  1.00 34.50 ? 211 HOH A O   1 
HETATM 1221 O O   . HOH B 2 .   ? -9.549  -1.425  -7.969  1.00 33.25 ? 212 HOH A O   1 
HETATM 1222 O O   . HOH B 2 .   ? 23.049  7.195   -8.266  1.00 34.43 ? 213 HOH A O   1 
HETATM 1223 O O   . HOH B 2 .   ? -2.968  8.036   18.005  1.00 34.78 ? 214 HOH A O   1 
HETATM 1224 O O   . HOH B 2 .   ? -5.001  7.928   -10.655 1.00 34.76 ? 215 HOH A O   1 
HETATM 1225 O O   . HOH B 2 .   ? -19.046 -3.055  -4.966  1.00 34.40 ? 216 HOH A O   1 
HETATM 1226 O O   . HOH B 2 .   ? 8.199   13.210  6.499   1.00 35.06 ? 217 HOH A O   1 
HETATM 1227 O O   . HOH B 2 .   ? 2.165   16.842  -2.668  1.00 36.04 ? 218 HOH A O   1 
HETATM 1228 O O   . HOH B 2 .   ? 20.101  5.824   4.005   1.00 35.59 ? 219 HOH A O   1 
HETATM 1229 O O   . HOH B 2 .   ? 12.019  3.596   -14.036 1.00 36.00 ? 220 HOH A O   1 
HETATM 1230 O O   . HOH B 2 .   ? -1.182  -17.424 -6.313  1.00 36.14 ? 221 HOH A O   1 
HETATM 1231 O O   . HOH B 2 .   ? 12.129  3.450   4.141   1.00 36.47 ? 222 HOH A O   1 
HETATM 1232 O O   . HOH B 2 .   ? 3.081   11.003  17.298  1.00 35.82 ? 223 HOH A O   1 
HETATM 1233 O O   . HOH B 2 .   ? -1.354  5.521   21.070  1.00 36.99 ? 224 HOH A O   1 
HETATM 1234 O O   . HOH B 2 .   ? -1.581  -10.754 -0.599  1.00 37.27 ? 225 HOH A O   1 
HETATM 1235 O O   . HOH B 2 .   ? 5.462   10.270  -5.876  1.00 37.18 ? 226 HOH A O   1 
HETATM 1236 O O   . HOH B 2 .   ? 3.645   -16.870 -18.380 1.00 37.14 ? 227 HOH A O   1 
HETATM 1237 O O   . HOH B 2 .   ? 5.295   14.021  5.462   1.00 37.90 ? 228 HOH A O   1 
HETATM 1238 O O   . HOH B 2 .   ? 12.164  -19.499 -10.761 1.00 37.86 ? 229 HOH A O   1 
HETATM 1239 O O   . HOH B 2 .   ? -24.205 1.168   2.543   1.00 37.93 ? 230 HOH A O   1 
HETATM 1240 O O   . HOH B 2 .   ? -10.873 -13.897 -11.040 1.00 37.82 ? 231 HOH A O   1 
HETATM 1241 O O   . HOH B 2 .   ? 7.511   -9.412  -15.010 1.00 38.00 ? 232 HOH A O   1 
HETATM 1242 O O   . HOH B 2 .   ? 7.856   12.547  10.126  1.00 39.88 ? 233 HOH A O   1 
HETATM 1243 O O   . HOH B 2 .   ? 4.127   -12.077 -0.690  1.00 38.98 ? 234 HOH A O   1 
HETATM 1244 O O   . HOH B 2 .   ? 16.900  10.092  -5.795  1.00 39.41 ? 235 HOH A O   1 
HETATM 1245 O O   . HOH B 2 .   ? 3.940   -14.884 1.612   1.00 39.09 ? 236 HOH A O   1 
HETATM 1246 O O   . HOH B 2 .   ? 2.860   -12.561 1.552   1.00 41.25 ? 237 HOH A O   1 
HETATM 1247 O O   . HOH B 2 .   ? 8.853   -5.735  16.962  1.00 41.09 ? 238 HOH A O   1 
HETATM 1248 O O   . HOH B 2 .   ? 9.993   6.672   -9.340  1.00 41.77 ? 239 HOH A O   1 
HETATM 1249 O O   . HOH B 2 .   ? -6.518  -11.975 11.969  1.00 42.02 ? 240 HOH A O   1 
HETATM 1250 O O   . HOH B 2 .   ? -8.053  20.223  5.061   1.00 40.93 ? 241 HOH A O   1 
HETATM 1251 O O   . HOH B 2 .   ? -18.584 9.376   4.411   1.00 42.27 ? 242 HOH A O   1 
HETATM 1252 O O   . HOH B 2 .   ? -4.852  13.426  -7.364  1.00 42.35 ? 243 HOH A O   1 
HETATM 1253 O O   . HOH B 2 .   ? 9.598   -6.836  5.370   1.00 42.31 ? 244 HOH A O   1 
HETATM 1254 O O   . HOH B 2 .   ? 1.366   3.508   -15.516 1.00 43.02 ? 245 HOH A O   1 
HETATM 1255 O O   . HOH B 2 .   ? -15.242 7.753   7.564   1.00 42.35 ? 246 HOH A O   1 
HETATM 1256 O O   . HOH B 2 .   ? -4.142  -15.129 -2.613  1.00 42.57 ? 247 HOH A O   1 
HETATM 1257 O O   . HOH B 2 .   ? -10.803 11.559  -5.116  1.00 42.00 ? 248 HOH A O   1 
HETATM 1258 O O   . HOH B 2 .   ? 24.270  10.848  0.441   1.00 43.66 ? 249 HOH A O   1 
HETATM 1259 O O   . HOH B 2 .   ? 13.923  -2.313  -10.288 1.00 45.93 ? 250 HOH A O   1 
HETATM 1260 O O   . HOH B 2 .   ? 10.703  -1.358  15.825  1.00 45.61 ? 251 HOH A O   1 
HETATM 1261 O O   . HOH B 2 .   ? 17.506  10.928  -0.036  1.00 46.92 ? 252 HOH A O   1 
HETATM 1262 O O   . HOH B 2 .   ? 23.388  10.810  -2.580  1.00 49.44 ? 253 HOH A O   1 
HETATM 1263 O O   . HOH B 2 .   ? 12.759  10.169  -0.365  1.00 50.93 ? 254 HOH A O   1 
HETATM 1264 O O   . HOH B 2 .   ? 10.673  -1.470  9.744   1.00 51.86 ? 255 HOH A O   1 
# 
